data_5BTN
#
_entry.id   5BTN
#
_cell.length_a   108.337
_cell.length_b   82.914
_cell.length_c   129.078
_cell.angle_alpha   90.000
_cell.angle_beta   108.780
_cell.angle_gamma   90.000
#
_symmetry.space_group_name_H-M   'P 1 21 1'
#
loop_
_entity.id
_entity.type
_entity.pdbx_description
1 polymer 'DNA gyrase subunit A'
2 polymer 'DNA gyrase subunit B'
3 polymer 'DNA substrate 24-mer GGTCATGAATGACTATGCACGTAA'
4 polymer 'DNA substrate 24-mer TTACGTGCATAGTCATTCATGACC'
5 non-polymer 'MAGNESIUM ION'
6 non-polymer '1-cyclopropyl-6-fluoro-8-methyl-7-[(4aS,7aS)-octahydro-6H-pyrrolo[3,4-b]pyridin-6-yl]-4-oxo-1,4-dihydroquinoline-3-carboxylic acid'
7 water water
#
loop_
_entity_poly.entity_id
_entity_poly.type
_entity_poly.pdbx_seq_one_letter_code
_entity_poly.pdbx_strand_id
1 'polypeptide(L)'
;TDTTLPPDDSLDRIEPVDIEQEMQRSYIDYAMSVIVGRALPEVRDGLKPVHRRVLYAMFDSGFRPDRSHAKSARSVAETM
GNYHPHGDSSIYDSLVRMAQPWSLRYPLVDGQGNFGSPGNDPPAAMR(PTR)TEARLTPLAMEMLREIDEETVDFIPNYD
GRVQEPTVLPSRFPNLLANGSGGIAVGMATNIPPHNLRELADAVFWALENHDADEEETLAAVMGRVKGPDFPTAGLIVGS
QGTADAYKTGRGSIRMRGVVEVEEDSRGRTSLVITELPYQVNHDNFITSIAEQVRDGKLAGISNIEDQSSDRVGLRIVIE
IKRDAVAKVVINNLYKHTQLQTSFGANMLAIVDGVPRTLRLDQLIRYYVDHQLDVIVRRTTYRLRKANERAHILRGLVKA
LDALDEVIALIRASETVDIARAGLIELLDIDEIQAQAILDMQLRRLAALERQRIIDDLAKIEAEIADLEDILAKPERQRG
IVRDELAEIVDRHGDDRRTRIIAIGSG
;
A,C
2 'polypeptide(L)'
;SNALVRRKSATDIGGLPGKLADCRSTDPRKSELYVVEGDSAGGSAKSGRDSMFQAILPLRGKIINVEKARIDRVLKNTEV
QAIITALGTGIHDEFDIGKLRYHKIVLMADADVDGQHISTLLLTLLFRFMRPLIENGHVFLAQPPLYKLKWQRSDPEFAY
SDRERDGLLEAGLKAGKKINKEDGIQRYKGLGEMDAKELWETTMDPSVRVLRQVTLDDAAAADELFSILMGEDVDARRSF
ITRNAKDVRFLDV
;
B,D
3 'polydeoxyribonucleotide'
;(DG)(DG)(DT)(DC)(DA)(DT)(DG)(DA)(DA)(DT)(DG)(DA)(DC)(DT)(DA)(DT)(DG)(DC)(DA)(DC)
(DG)(DT)(DA)(DA)
;
E,H
4 'polydeoxyribonucleotide'
;(DT)(DT)(DA)(DC)(DG)(DT)(DG)(DC)(DA)(DT)(DA)(DG)(DT)(DC)(DA)(DT)(DT)(DC)(DA)(DT)
(DG)(DA)(DC)(DC)
;
F,G
#
loop_
_chem_comp.id
_chem_comp.type
_chem_comp.name
_chem_comp.formula
8MX non-polymer '1-cyclopropyl-6-fluoro-8-methyl-7-[(4aS,7aS)-octahydro-6H-pyrrolo[3,4-b]pyridin-6-yl]-4-oxo-1,4-dihydroquinoline-3-carboxylic acid' 'C21 H24 F N3 O3'
DA DNA linking 2'-DEOXYADENOSINE-5'-MONOPHOSPHATE 'C10 H14 N5 O6 P'
DC DNA linking 2'-DEOXYCYTIDINE-5'-MONOPHOSPHATE 'C9 H14 N3 O7 P'
DG DNA linking 2'-DEOXYGUANOSINE-5'-MONOPHOSPHATE 'C10 H14 N5 O7 P'
DT DNA linking THYMIDINE-5'-MONOPHOSPHATE 'C10 H15 N2 O8 P'
MG non-polymer 'MAGNESIUM ION' 'Mg 2'
#
# COMPACT_ATOMS: atom_id res chain seq x y z
N ILE A 14 22.37 -32.68 -15.01
CA ILE A 14 22.75 -31.27 -15.10
C ILE A 14 23.08 -30.90 -16.53
N GLU A 15 22.37 -29.90 -17.05
CA GLU A 15 22.57 -29.42 -18.41
C GLU A 15 23.71 -28.41 -18.49
N PRO A 16 24.58 -28.53 -19.51
CA PRO A 16 25.64 -27.53 -19.68
C PRO A 16 25.20 -26.36 -20.54
N VAL A 17 25.67 -25.16 -20.21
CA VAL A 17 25.38 -23.96 -20.99
C VAL A 17 26.62 -23.10 -21.12
N ASP A 18 26.88 -22.61 -22.34
CA ASP A 18 28.05 -21.79 -22.58
C ASP A 18 27.80 -20.36 -22.11
N ILE A 19 28.84 -19.74 -21.57
CA ILE A 19 28.71 -18.42 -20.97
C ILE A 19 28.33 -17.35 -22.00
N GLU A 20 28.80 -17.51 -23.23
CA GLU A 20 28.47 -16.55 -24.30
C GLU A 20 26.99 -16.61 -24.65
N GLN A 21 26.47 -17.83 -24.77
CA GLN A 21 25.06 -18.04 -25.04
C GLN A 21 24.20 -17.42 -23.94
N GLU A 22 24.57 -17.67 -22.69
CA GLU A 22 23.83 -17.16 -21.54
C GLU A 22 23.86 -15.63 -21.48
N MET A 23 25.06 -15.07 -21.58
CA MET A 23 25.25 -13.62 -21.52
C MET A 23 24.47 -12.89 -22.61
N GLN A 24 24.60 -13.36 -23.85
CA GLN A 24 23.94 -12.71 -24.97
C GLN A 24 22.42 -12.74 -24.82
N ARG A 25 21.87 -13.92 -24.55
CA ARG A 25 20.42 -14.07 -24.42
C ARG A 25 19.87 -13.25 -23.27
N SER A 26 20.50 -13.37 -22.11
CA SER A 26 20.01 -12.72 -20.90
C SER A 26 20.07 -11.19 -21.00
N TYR A 27 21.19 -10.67 -21.49
CA TYR A 27 21.37 -9.22 -21.54
C TYR A 27 20.48 -8.59 -22.61
N ILE A 28 20.34 -9.27 -23.74
CA ILE A 28 19.44 -8.78 -24.80
C ILE A 28 18.01 -8.76 -24.30
N ASP A 29 17.59 -9.82 -23.61
CA ASP A 29 16.26 -9.89 -23.05
C ASP A 29 15.99 -8.72 -22.10
N TYR A 30 17.00 -8.37 -21.32
CA TYR A 30 16.89 -7.25 -20.38
C TYR A 30 16.79 -5.94 -21.14
N ALA A 31 17.74 -5.72 -22.05
CA ALA A 31 17.80 -4.49 -22.83
C ALA A 31 16.49 -4.22 -23.54
N MET A 32 15.93 -5.24 -24.19
CA MET A 32 14.72 -5.08 -25.00
C MET A 32 13.50 -4.69 -24.16
N SER A 33 13.31 -5.37 -23.03
CA SER A 33 12.16 -5.07 -22.19
C SER A 33 12.29 -3.69 -21.56
N VAL A 34 13.51 -3.32 -21.17
CA VAL A 34 13.78 -1.97 -20.66
C VAL A 34 13.50 -0.93 -21.75
N ILE A 35 13.98 -1.21 -22.96
CA ILE A 35 13.78 -0.28 -24.08
C ILE A 35 12.30 -0.12 -24.39
N VAL A 36 11.61 -1.25 -24.54
CA VAL A 36 10.23 -1.24 -25.03
C VAL A 36 9.20 -1.17 -23.90
N GLY A 37 9.55 -1.70 -22.73
CA GLY A 37 8.60 -1.86 -21.65
C GLY A 37 9.05 -1.34 -20.29
N ARG A 38 9.76 -0.22 -20.28
CA ARG A 38 10.13 0.41 -19.01
C ARG A 38 10.51 1.88 -19.14
N ALA A 39 11.64 2.15 -19.79
CA ALA A 39 12.28 3.45 -19.72
C ALA A 39 11.81 4.45 -20.78
N LEU A 40 11.25 3.95 -21.88
CA LEU A 40 10.92 4.81 -23.01
C LEU A 40 9.41 4.91 -23.26
N PRO A 41 8.92 6.09 -23.67
CA PRO A 41 7.49 6.32 -23.85
C PRO A 41 6.92 5.79 -25.16
N GLU A 42 5.69 5.27 -25.11
CA GLU A 42 4.93 4.98 -26.33
C GLU A 42 4.59 6.29 -27.01
N VAL A 43 4.78 6.35 -28.33
CA VAL A 43 4.61 7.60 -29.07
C VAL A 43 3.16 8.09 -29.08
N ARG A 44 2.22 7.16 -29.01
CA ARG A 44 0.80 7.49 -29.14
C ARG A 44 0.21 8.22 -27.93
N ASP A 45 0.60 7.81 -26.72
CA ASP A 45 0.11 8.46 -25.50
C ASP A 45 1.25 9.04 -24.66
N GLY A 46 2.49 8.83 -25.09
CA GLY A 46 3.63 9.40 -24.41
C GLY A 46 3.86 8.84 -23.03
N LEU A 47 3.32 7.65 -22.78
CA LEU A 47 3.37 7.04 -21.46
C LEU A 47 4.29 5.82 -21.42
N LYS A 48 4.99 5.67 -20.29
CA LYS A 48 5.69 4.43 -19.99
C LYS A 48 4.71 3.50 -19.29
N PRO A 49 5.02 2.19 -19.25
CA PRO A 49 4.11 1.20 -18.68
C PRO A 49 3.61 1.54 -17.27
N VAL A 50 4.51 2.00 -16.41
CA VAL A 50 4.12 2.31 -15.03
C VAL A 50 3.15 3.49 -14.98
N HIS A 51 3.38 4.50 -15.81
CA HIS A 51 2.47 5.64 -15.91
C HIS A 51 1.09 5.16 -16.32
N ARG A 52 1.05 4.41 -17.41
CA ARG A 52 -0.21 3.93 -17.97
C ARG A 52 -0.96 3.07 -16.96
N ARG A 53 -0.23 2.24 -16.24
CA ARG A 53 -0.83 1.30 -15.30
C ARG A 53 -1.34 2.00 -14.05
N VAL A 54 -0.59 2.98 -13.57
CA VAL A 54 -1.02 3.78 -12.42
C VAL A 54 -2.31 4.50 -12.76
N LEU A 55 -2.33 5.19 -13.89
CA LEU A 55 -3.49 5.98 -14.31
C LEU A 55 -4.73 5.11 -14.50
N TYR A 56 -4.57 3.96 -15.16
CA TYR A 56 -5.72 3.08 -15.40
C TYR A 56 -6.21 2.46 -14.10
N ALA A 57 -5.28 2.15 -13.20
CA ALA A 57 -5.64 1.60 -11.90
C ALA A 57 -6.50 2.59 -11.13
N MET A 58 -6.06 3.84 -11.10
CA MET A 58 -6.82 4.89 -10.45
C MET A 58 -8.17 5.08 -11.12
N PHE A 59 -8.17 4.99 -12.45
CA PHE A 59 -9.39 5.15 -13.23
C PHE A 59 -10.41 4.05 -12.93
N ASP A 60 -9.95 2.81 -12.99
CA ASP A 60 -10.84 1.67 -12.76
C ASP A 60 -11.34 1.66 -11.32
N SER A 61 -10.51 2.18 -10.41
CA SER A 61 -10.87 2.24 -9.00
C SER A 61 -11.86 3.37 -8.72
N GLY A 62 -12.06 4.25 -9.70
CA GLY A 62 -12.98 5.35 -9.56
C GLY A 62 -12.37 6.58 -8.90
N PHE A 63 -11.04 6.60 -8.79
CA PHE A 63 -10.35 7.74 -8.19
C PHE A 63 -10.32 8.91 -9.18
N ARG A 64 -11.49 9.50 -9.40
CA ARG A 64 -11.67 10.52 -10.43
C ARG A 64 -12.03 11.88 -9.80
N PRO A 65 -11.94 12.97 -10.58
CA PRO A 65 -12.21 14.31 -10.04
C PRO A 65 -13.63 14.50 -9.50
N ASP A 66 -14.54 13.59 -9.83
CA ASP A 66 -15.91 13.69 -9.35
C ASP A 66 -16.07 13.06 -7.97
N ARG A 67 -14.95 12.68 -7.36
CA ARG A 67 -14.95 12.10 -6.02
C ARG A 67 -13.73 12.58 -5.24
N SER A 68 -13.83 12.54 -3.92
CA SER A 68 -12.76 13.04 -3.06
C SER A 68 -11.49 12.24 -3.26
N HIS A 69 -10.36 12.85 -2.94
CA HIS A 69 -9.06 12.20 -3.07
C HIS A 69 -9.01 10.91 -2.25
N ALA A 70 -8.61 9.83 -2.89
CA ALA A 70 -8.37 8.57 -2.20
C ALA A 70 -6.95 8.55 -1.66
N LYS A 71 -6.73 7.80 -0.57
CA LYS A 71 -5.39 7.62 -0.04
C LYS A 71 -4.49 7.02 -1.12
N SER A 72 -3.34 7.64 -1.34
CA SER A 72 -2.47 7.27 -2.46
C SER A 72 -2.00 5.83 -2.33
N ALA A 73 -2.02 5.30 -1.11
CA ALA A 73 -1.66 3.90 -0.88
C ALA A 73 -2.59 2.97 -1.64
N ARG A 74 -3.85 3.36 -1.75
CA ARG A 74 -4.84 2.56 -2.45
C ARG A 74 -4.56 2.53 -3.95
N SER A 75 -4.05 3.64 -4.49
CA SER A 75 -3.69 3.70 -5.91
C SER A 75 -2.47 2.82 -6.18
N VAL A 76 -1.48 2.91 -5.30
CA VAL A 76 -0.27 2.09 -5.42
C VAL A 76 -0.62 0.61 -5.34
N ALA A 77 -1.40 0.24 -4.34
CA ALA A 77 -1.75 -1.16 -4.11
C ALA A 77 -2.56 -1.73 -5.27
N GLU A 78 -3.46 -0.92 -5.83
CA GLU A 78 -4.26 -1.37 -6.96
C GLU A 78 -3.40 -1.55 -8.20
N THR A 79 -2.44 -0.65 -8.39
CA THR A 79 -1.53 -0.73 -9.53
C THR A 79 -0.61 -1.93 -9.37
N MET A 80 -0.12 -2.12 -8.15
CA MET A 80 0.80 -3.20 -7.84
C MET A 80 0.15 -4.56 -7.97
N GLY A 81 -1.07 -4.68 -7.46
CA GLY A 81 -1.75 -5.95 -7.37
C GLY A 81 -2.35 -6.47 -8.66
N ASN A 82 -2.60 -5.59 -9.62
CA ASN A 82 -3.34 -5.96 -10.83
C ASN A 82 -2.56 -5.81 -12.14
N TYR A 83 -1.62 -4.87 -12.19
CA TYR A 83 -1.00 -4.48 -13.45
C TYR A 83 0.52 -4.41 -13.41
N HIS A 84 1.07 -3.86 -12.33
CA HIS A 84 2.49 -3.58 -12.24
C HIS A 84 3.20 -4.47 -11.20
N PRO A 85 3.80 -5.58 -11.67
CA PRO A 85 4.41 -6.53 -10.72
C PRO A 85 5.77 -6.04 -10.21
N HIS A 86 5.77 -4.94 -9.46
CA HIS A 86 7.00 -4.40 -8.91
C HIS A 86 6.76 -3.82 -7.51
N GLY A 87 7.74 -3.09 -6.99
CA GLY A 87 7.70 -2.62 -5.62
C GLY A 87 6.78 -1.44 -5.39
N ASP A 88 6.24 -1.34 -4.19
CA ASP A 88 5.35 -0.25 -3.82
C ASP A 88 6.09 1.08 -3.77
N SER A 89 7.33 1.04 -3.31
CA SER A 89 8.14 2.25 -3.13
C SER A 89 8.29 3.05 -4.44
N SER A 90 8.85 2.42 -5.47
CA SER A 90 9.13 3.12 -6.71
C SER A 90 7.85 3.50 -7.46
N ILE A 91 6.81 2.71 -7.30
CA ILE A 91 5.53 3.02 -7.92
C ILE A 91 4.96 4.30 -7.32
N TYR A 92 5.11 4.46 -6.02
CA TYR A 92 4.66 5.68 -5.36
C TYR A 92 5.44 6.87 -5.88
N ASP A 93 6.75 6.70 -6.06
CA ASP A 93 7.59 7.76 -6.61
C ASP A 93 7.07 8.20 -7.97
N SER A 94 6.70 7.22 -8.80
CA SER A 94 6.21 7.50 -10.14
C SER A 94 4.86 8.24 -10.10
N LEU A 95 4.00 7.83 -9.18
CA LEU A 95 2.71 8.48 -9.00
C LEU A 95 2.91 9.92 -8.50
N VAL A 96 3.80 10.09 -7.55
CA VAL A 96 4.04 11.39 -6.94
C VAL A 96 4.52 12.38 -7.99
N ARG A 97 5.47 11.94 -8.80
CA ARG A 97 6.04 12.79 -9.83
C ARG A 97 4.97 13.35 -10.76
N MET A 98 4.02 12.49 -11.14
CA MET A 98 2.96 12.87 -12.06
C MET A 98 2.00 13.90 -11.44
N ALA A 99 2.23 14.26 -10.18
CA ALA A 99 1.39 15.22 -9.47
C ALA A 99 2.11 16.54 -9.19
N GLN A 100 3.40 16.58 -9.48
CA GLN A 100 4.22 17.77 -9.21
C GLN A 100 4.15 18.78 -10.35
N PRO A 101 3.66 20.00 -10.09
CA PRO A 101 3.54 21.00 -11.16
C PRO A 101 4.86 21.47 -11.74
N TRP A 102 5.98 21.19 -11.07
CA TRP A 102 7.29 21.60 -11.55
C TRP A 102 7.96 20.48 -12.34
N SER A 103 7.35 19.30 -12.31
CA SER A 103 7.84 18.15 -13.06
C SER A 103 7.06 17.99 -14.36
N LEU A 104 5.74 17.88 -14.24
CA LEU A 104 4.87 17.77 -15.40
C LEU A 104 4.28 19.11 -15.80
N ARG A 105 4.40 19.44 -17.08
CA ARG A 105 3.82 20.67 -17.62
C ARG A 105 2.30 20.64 -17.47
N TYR A 106 1.74 19.44 -17.59
CA TYR A 106 0.30 19.23 -17.40
C TYR A 106 0.09 18.01 -16.53
N PRO A 107 0.11 18.20 -15.20
CA PRO A 107 -0.01 17.08 -14.24
C PRO A 107 -1.20 16.16 -14.51
N LEU A 108 -0.97 14.87 -14.39
CA LEU A 108 -2.00 13.86 -14.63
C LEU A 108 -2.58 13.34 -13.30
N VAL A 109 -1.94 13.71 -12.19
CA VAL A 109 -2.41 13.33 -10.87
C VAL A 109 -2.69 14.55 -10.02
N ASP A 110 -3.90 14.62 -9.47
CA ASP A 110 -4.27 15.64 -8.50
C ASP A 110 -3.86 15.17 -7.11
N GLY A 111 -2.77 15.72 -6.60
CA GLY A 111 -2.25 15.34 -5.29
C GLY A 111 -2.81 16.21 -4.17
N GLN A 112 -3.06 15.57 -3.02
CA GLN A 112 -3.47 16.29 -1.83
C GLN A 112 -2.50 15.98 -0.69
N GLY A 113 -1.77 17.01 -0.26
CA GLY A 113 -0.79 16.87 0.79
C GLY A 113 0.59 17.31 0.35
N ASN A 114 1.60 16.81 1.06
CA ASN A 114 2.98 17.17 0.78
C ASN A 114 3.59 16.28 -0.29
N PHE A 115 3.73 16.84 -1.50
CA PHE A 115 4.31 16.11 -2.63
C PHE A 115 5.72 16.63 -2.94
N GLY A 116 6.33 17.28 -1.95
CA GLY A 116 7.70 17.76 -2.07
C GLY A 116 7.77 19.15 -2.66
N SER A 117 8.98 19.58 -3.02
CA SER A 117 9.22 20.88 -3.61
C SER A 117 10.29 20.77 -4.69
N PRO A 118 10.48 21.85 -5.48
CA PRO A 118 11.53 21.84 -6.51
C PRO A 118 12.94 21.72 -5.92
N GLY A 119 13.06 21.89 -4.61
CA GLY A 119 14.33 21.75 -3.92
C GLY A 119 14.57 20.34 -3.41
N ASN A 120 15.27 20.25 -2.28
CA ASN A 120 15.60 18.95 -1.70
C ASN A 120 14.57 18.46 -0.69
N ASP A 121 13.48 19.19 -0.54
CA ASP A 121 12.39 18.77 0.34
C ASP A 121 11.68 17.56 -0.25
N PRO A 122 11.84 16.37 0.34
CA PRO A 122 11.24 15.18 -0.26
C PRO A 122 9.73 15.12 -0.06
N PRO A 123 9.02 14.34 -0.90
CA PRO A 123 7.58 14.18 -0.71
C PRO A 123 7.26 13.44 0.58
N ALA A 124 6.06 13.62 1.11
CA ALA A 124 5.64 12.87 2.28
C ALA A 124 5.51 11.40 1.93
N ALA A 125 5.52 10.55 2.95
CA ALA A 125 5.37 9.12 2.72
C ALA A 125 3.97 8.81 2.23
N MET A 126 3.82 7.62 1.66
CA MET A 126 2.56 7.16 1.11
C MET A 126 1.37 7.31 2.08
N ARG A 127 1.65 7.12 3.37
CA ARG A 127 0.60 7.13 4.39
CA ARG A 127 0.60 7.13 4.39
C ARG A 127 -0.06 8.50 4.55
N PTR A 128 0.61 9.54 4.09
CA PTR A 128 0.21 10.93 4.43
C PTR A 128 -0.54 11.54 3.33
O PTR A 128 -1.26 12.57 3.54
CB PTR A 128 1.41 11.80 4.66
CG PTR A 128 2.15 11.41 5.91
CD1 PTR A 128 3.46 10.96 5.82
CD2 PTR A 128 1.54 11.50 7.16
CE1 PTR A 128 4.16 10.61 6.96
CE2 PTR A 128 2.25 11.14 8.32
CZ PTR A 128 3.56 10.69 8.22
OH PTR A 128 4.27 10.32 9.36
P PTR A 128 5.77 10.84 9.55
O1P PTR A 128 6.25 10.52 10.92
O2P PTR A 128 6.70 10.13 8.51
O3P PTR A 128 5.81 12.36 9.32
HA PTR A 128 -0.35 10.93 5.24
HB2 PTR A 128 2.01 11.71 3.91
HB3 PTR A 128 1.12 12.72 4.74
HD1 PTR A 128 3.87 10.91 4.98
HD2 PTR A 128 0.65 11.80 7.23
HE1 PTR A 128 5.04 10.31 6.89
HE2 PTR A 128 1.84 11.19 9.16
N THR A 129 -0.39 10.98 2.14
CA THR A 129 -0.91 11.66 0.95
C THR A 129 -2.14 10.99 0.36
N GLU A 130 -2.96 11.80 -0.30
CA GLU A 130 -4.11 11.34 -1.05
C GLU A 130 -3.92 11.74 -2.51
N ALA A 131 -4.65 11.09 -3.41
CA ALA A 131 -4.47 11.34 -4.84
C ALA A 131 -5.66 10.87 -5.65
N ARG A 132 -5.90 11.59 -6.75
CA ARG A 132 -6.91 11.22 -7.72
C ARG A 132 -6.44 11.68 -9.10
N LEU A 133 -7.18 11.31 -10.13
CA LEU A 133 -6.85 11.72 -11.49
C LEU A 133 -7.23 13.19 -11.70
N THR A 134 -6.49 13.87 -12.57
CA THR A 134 -6.82 15.24 -12.95
C THR A 134 -7.80 15.23 -14.12
N PRO A 135 -8.48 16.36 -14.37
CA PRO A 135 -9.38 16.46 -15.52
C PRO A 135 -8.71 16.14 -16.86
N LEU A 136 -7.46 16.56 -17.04
CA LEU A 136 -6.72 16.24 -18.26
C LEU A 136 -6.41 14.75 -18.34
N ALA A 137 -6.11 14.14 -17.21
CA ALA A 137 -5.85 12.71 -17.16
C ALA A 137 -7.12 11.94 -17.52
N MET A 138 -8.27 12.57 -17.28
CA MET A 138 -9.55 11.99 -17.64
C MET A 138 -9.73 12.02 -19.15
N GLU A 139 -9.02 12.92 -19.82
CA GLU A 139 -9.04 13.00 -21.26
C GLU A 139 -8.08 11.96 -21.85
N MET A 140 -7.07 11.58 -21.08
CA MET A 140 -6.17 10.50 -21.47
C MET A 140 -6.94 9.19 -21.56
N LEU A 141 -7.93 9.03 -20.68
CA LEU A 141 -8.66 7.79 -20.52
C LEU A 141 -10.06 7.86 -21.13
N ARG A 142 -10.36 8.97 -21.80
CA ARG A 142 -11.69 9.22 -22.34
C ARG A 142 -12.17 8.10 -23.26
N GLU A 143 -13.30 7.49 -22.90
CA GLU A 143 -13.96 6.48 -23.72
C GLU A 143 -13.06 5.26 -23.95
N ILE A 144 -12.21 4.96 -22.98
CA ILE A 144 -11.36 3.78 -23.05
C ILE A 144 -12.19 2.51 -22.96
N ASP A 145 -13.40 2.64 -22.41
CA ASP A 145 -14.30 1.51 -22.22
C ASP A 145 -15.19 1.26 -23.44
N GLU A 146 -14.88 1.93 -24.55
CA GLU A 146 -15.64 1.77 -25.78
C GLU A 146 -14.79 1.13 -26.87
N GLU A 147 -13.90 0.23 -26.44
CA GLU A 147 -13.05 -0.54 -27.35
C GLU A 147 -12.23 0.37 -28.27
N THR A 148 -11.76 1.47 -27.72
CA THR A 148 -10.96 2.44 -28.47
C THR A 148 -9.49 2.06 -28.52
N VAL A 149 -9.08 1.13 -27.65
CA VAL A 149 -7.70 0.68 -27.58
C VAL A 149 -7.63 -0.81 -27.28
N ASP A 150 -6.59 -1.46 -27.79
CA ASP A 150 -6.39 -2.88 -27.54
C ASP A 150 -6.05 -3.15 -26.09
N PHE A 151 -6.71 -4.17 -25.53
CA PHE A 151 -6.42 -4.65 -24.18
C PHE A 151 -5.71 -5.99 -24.25
N ILE A 152 -4.85 -6.26 -23.28
CA ILE A 152 -4.18 -7.56 -23.16
C ILE A 152 -4.28 -8.07 -21.73
N PRO A 153 -4.10 -9.38 -21.53
CA PRO A 153 -4.10 -9.91 -20.17
C PRO A 153 -2.97 -9.33 -19.34
N ASN A 154 -3.19 -9.18 -18.04
CA ASN A 154 -2.17 -8.63 -17.16
C ASN A 154 -1.05 -9.65 -16.93
N TYR A 155 -0.24 -9.44 -15.90
CA TYR A 155 0.96 -10.24 -15.69
C TYR A 155 0.65 -11.67 -15.22
N ASP A 156 -0.59 -11.93 -14.82
CA ASP A 156 -0.99 -13.27 -14.39
C ASP A 156 -2.31 -13.74 -15.02
N GLY A 157 -2.82 -12.98 -15.97
CA GLY A 157 -3.98 -13.38 -16.75
C GLY A 157 -5.30 -13.25 -16.00
N ARG A 158 -5.25 -12.69 -14.79
CA ARG A 158 -6.45 -12.47 -13.99
C ARG A 158 -7.36 -11.40 -14.60
N VAL A 159 -6.77 -10.33 -15.09
CA VAL A 159 -7.53 -9.20 -15.62
C VAL A 159 -6.89 -8.62 -16.88
N GLN A 160 -7.63 -7.76 -17.57
CA GLN A 160 -7.15 -7.12 -18.78
C GLN A 160 -6.59 -5.73 -18.47
N GLU A 161 -5.58 -5.31 -19.22
CA GLU A 161 -5.03 -3.96 -19.11
C GLU A 161 -4.88 -3.36 -20.51
N PRO A 162 -4.97 -2.02 -20.61
CA PRO A 162 -4.84 -1.35 -21.91
C PRO A 162 -3.39 -1.26 -22.39
N THR A 163 -3.17 -1.55 -23.67
CA THR A 163 -1.85 -1.46 -24.26
C THR A 163 -1.45 0.01 -24.43
N VAL A 164 -2.44 0.85 -24.67
CA VAL A 164 -2.24 2.28 -24.84
C VAL A 164 -3.52 3.01 -24.43
N LEU A 165 -3.40 4.26 -24.00
CA LEU A 165 -4.58 5.04 -23.63
C LEU A 165 -5.09 5.83 -24.84
N PRO A 166 -6.39 6.17 -24.82
CA PRO A 166 -6.97 7.01 -25.89
C PRO A 166 -6.19 8.31 -26.09
N SER A 167 -5.72 8.92 -25.01
CA SER A 167 -4.87 10.10 -25.07
C SER A 167 -5.48 11.17 -25.97
N ARG A 168 -6.58 11.79 -25.53
CA ARG A 168 -7.30 12.73 -26.35
C ARG A 168 -6.64 14.11 -26.38
N PHE A 169 -5.39 14.18 -25.91
CA PHE A 169 -4.54 15.35 -26.17
C PHE A 169 -3.10 14.84 -26.30
N PRO A 170 -2.28 15.51 -27.14
CA PRO A 170 -0.93 15.03 -27.43
C PRO A 170 -0.04 15.08 -26.20
N ASN A 171 -0.09 14.02 -25.39
CA ASN A 171 0.54 14.00 -24.09
C ASN A 171 2.06 13.88 -24.15
N LEU A 172 2.58 13.16 -25.14
CA LEU A 172 4.01 12.97 -25.25
C LEU A 172 4.73 14.31 -25.42
N LEU A 173 4.27 15.12 -26.37
CA LEU A 173 4.86 16.41 -26.63
C LEU A 173 4.52 17.41 -25.52
N ALA A 174 3.31 17.29 -24.97
CA ALA A 174 2.85 18.22 -23.94
C ALA A 174 3.68 18.08 -22.67
N ASN A 175 3.73 16.87 -22.12
CA ASN A 175 4.41 16.63 -20.86
C ASN A 175 5.86 16.20 -21.04
N GLY A 176 6.23 15.84 -22.26
CA GLY A 176 7.59 15.41 -22.54
C GLY A 176 7.86 14.06 -21.89
N SER A 177 9.13 13.66 -21.91
CA SER A 177 9.54 12.39 -21.31
C SER A 177 11.06 12.29 -21.23
N GLY A 178 11.54 11.74 -20.13
CA GLY A 178 12.95 11.49 -19.94
C GLY A 178 13.15 10.08 -19.42
N GLY A 179 14.07 9.34 -20.01
CA GLY A 179 14.27 7.95 -19.64
C GLY A 179 15.61 7.39 -20.06
N ILE A 180 16.24 6.64 -19.16
CA ILE A 180 17.49 5.95 -19.45
C ILE A 180 17.20 4.46 -19.65
N ALA A 181 17.48 3.97 -20.86
CA ALA A 181 17.27 2.57 -21.20
C ALA A 181 18.64 1.87 -21.33
N VAL A 182 18.73 0.90 -22.24
CA VAL A 182 19.99 0.24 -22.53
C VAL A 182 20.38 0.50 -23.98
N GLY A 183 21.60 1.00 -24.17
CA GLY A 183 22.08 1.34 -25.49
C GLY A 183 21.52 2.65 -26.02
N MET A 184 20.53 3.20 -25.31
CA MET A 184 19.88 4.44 -25.74
C MET A 184 19.11 5.09 -24.60
N ALA A 185 18.78 6.37 -24.78
CA ALA A 185 18.02 7.11 -23.79
C ALA A 185 17.19 8.17 -24.48
N THR A 186 16.12 8.61 -23.83
CA THR A 186 15.22 9.61 -24.40
C THR A 186 15.18 10.86 -23.54
N ASN A 187 14.92 11.99 -24.17
CA ASN A 187 14.77 13.25 -23.46
C ASN A 187 13.92 14.23 -24.26
N ILE A 188 12.61 14.05 -24.22
CA ILE A 188 11.67 14.91 -24.92
C ILE A 188 11.18 16.01 -23.99
N PRO A 189 11.34 17.28 -24.40
CA PRO A 189 10.86 18.37 -23.53
C PRO A 189 9.35 18.56 -23.60
N PRO A 190 8.76 19.20 -22.58
CA PRO A 190 7.32 19.50 -22.62
C PRO A 190 7.02 20.69 -23.55
N HIS A 191 5.76 20.81 -23.97
CA HIS A 191 5.36 21.88 -24.87
C HIS A 191 4.02 22.49 -24.47
N ASN A 192 3.74 23.67 -25.00
CA ASN A 192 2.48 24.36 -24.73
C ASN A 192 1.32 23.70 -25.48
N LEU A 193 0.29 23.31 -24.75
CA LEU A 193 -0.83 22.56 -25.31
C LEU A 193 -1.51 23.29 -26.46
N ARG A 194 -1.71 24.60 -26.32
CA ARG A 194 -2.38 25.38 -27.35
C ARG A 194 -1.58 25.37 -28.66
N GLU A 195 -0.27 25.42 -28.55
CA GLU A 195 0.60 25.41 -29.72
C GLU A 195 0.57 24.04 -30.41
N LEU A 196 0.55 22.98 -29.61
CA LEU A 196 0.47 21.62 -30.14
C LEU A 196 -0.85 21.41 -30.87
N ALA A 197 -1.92 21.97 -30.32
CA ALA A 197 -3.24 21.82 -30.92
C ALA A 197 -3.28 22.42 -32.31
N ASP A 198 -2.68 23.61 -32.46
CA ASP A 198 -2.59 24.28 -33.75
C ASP A 198 -1.88 23.40 -34.76
N ALA A 199 -0.80 22.75 -34.31
CA ALA A 199 -0.05 21.83 -35.15
C ALA A 199 -0.92 20.65 -35.58
N VAL A 200 -1.68 20.11 -34.64
CA VAL A 200 -2.59 19.00 -34.92
C VAL A 200 -3.70 19.44 -35.86
N PHE A 201 -4.24 20.62 -35.62
CA PHE A 201 -5.31 21.16 -36.46
C PHE A 201 -4.84 21.30 -37.90
N TRP A 202 -3.60 21.74 -38.08
CA TRP A 202 -3.03 21.86 -39.41
C TRP A 202 -2.83 20.49 -40.05
N ALA A 203 -2.34 19.54 -39.25
CA ALA A 203 -2.11 18.18 -39.73
C ALA A 203 -3.41 17.55 -40.19
N LEU A 204 -4.50 17.87 -39.52
CA LEU A 204 -5.81 17.34 -39.87
C LEU A 204 -6.34 17.97 -41.15
N GLU A 205 -6.21 19.28 -41.27
CA GLU A 205 -6.65 20.00 -42.46
C GLU A 205 -5.82 19.58 -43.67
N ASN A 206 -4.50 19.66 -43.52
CA ASN A 206 -3.57 19.25 -44.57
C ASN A 206 -3.13 17.81 -44.37
N HIS A 207 -4.09 16.89 -44.46
CA HIS A 207 -3.84 15.47 -44.19
C HIS A 207 -3.04 14.78 -45.30
N ASP A 208 -2.97 15.41 -46.47
CA ASP A 208 -2.27 14.84 -47.62
C ASP A 208 -0.88 15.44 -47.78
N ALA A 209 -0.58 16.49 -47.02
CA ALA A 209 0.71 17.16 -47.12
C ALA A 209 1.86 16.20 -46.86
N ASP A 210 2.95 16.37 -47.60
CA ASP A 210 4.13 15.54 -47.42
C ASP A 210 4.90 15.97 -46.18
N GLU A 211 5.97 15.24 -45.88
CA GLU A 211 6.74 15.49 -44.65
C GLU A 211 7.42 16.86 -44.64
N GLU A 212 7.93 17.28 -45.79
CA GLU A 212 8.63 18.56 -45.90
C GLU A 212 7.71 19.72 -45.53
N GLU A 213 6.53 19.75 -46.12
CA GLU A 213 5.55 20.80 -45.83
C GLU A 213 5.06 20.70 -44.40
N THR A 214 4.78 19.47 -43.96
CA THR A 214 4.22 19.24 -42.63
C THR A 214 5.20 19.70 -41.55
N LEU A 215 6.48 19.42 -41.76
CA LEU A 215 7.52 19.82 -40.81
C LEU A 215 7.62 21.33 -40.72
N ALA A 216 7.54 22.00 -41.87
CA ALA A 216 7.59 23.45 -41.92
C ALA A 216 6.40 24.06 -41.19
N ALA A 217 5.21 23.51 -41.45
CA ALA A 217 3.97 24.02 -40.86
C ALA A 217 3.95 23.84 -39.35
N VAL A 218 4.27 22.63 -38.91
CA VAL A 218 4.24 22.30 -37.49
C VAL A 218 5.29 23.08 -36.70
N MET A 219 6.47 23.25 -37.28
CA MET A 219 7.55 24.00 -36.63
C MET A 219 7.20 25.48 -36.47
N GLY A 220 6.36 25.98 -37.38
CA GLY A 220 5.91 27.36 -37.29
C GLY A 220 4.93 27.57 -36.15
N ARG A 221 4.17 26.54 -35.82
CA ARG A 221 3.13 26.63 -34.80
C ARG A 221 3.62 26.23 -33.42
N VAL A 222 4.47 25.20 -33.38
CA VAL A 222 5.13 24.82 -32.13
C VAL A 222 6.41 25.63 -32.01
N LYS A 223 6.32 26.76 -31.33
CA LYS A 223 7.42 27.72 -31.29
C LYS A 223 8.62 27.20 -30.51
N GLY A 224 8.39 26.19 -29.68
CA GLY A 224 9.45 25.62 -28.88
C GLY A 224 8.93 24.97 -27.61
N PRO A 225 9.83 24.36 -26.83
CA PRO A 225 9.41 23.77 -25.56
C PRO A 225 8.80 24.79 -24.62
N ASP A 226 7.85 24.35 -23.81
CA ASP A 226 7.23 25.19 -22.79
C ASP A 226 7.35 24.48 -21.46
N PHE A 227 8.34 24.88 -20.66
CA PHE A 227 8.65 24.20 -19.42
C PHE A 227 7.71 24.65 -18.29
N PRO A 228 7.35 23.71 -17.39
CA PRO A 228 6.52 24.07 -16.24
C PRO A 228 7.20 25.05 -15.30
N THR A 229 8.53 25.12 -15.37
CA THR A 229 9.30 26.00 -14.50
C THR A 229 9.54 27.37 -15.12
N ALA A 230 8.80 27.68 -16.18
CA ALA A 230 8.93 28.95 -16.90
C ALA A 230 10.36 29.16 -17.39
N GLY A 231 10.99 30.27 -17.01
CA GLY A 231 12.35 30.54 -17.41
C GLY A 231 12.44 31.12 -18.81
N LEU A 232 13.61 30.97 -19.44
CA LEU A 232 13.87 31.53 -20.76
C LEU A 232 14.48 30.50 -21.69
N ILE A 233 14.16 30.60 -22.98
CA ILE A 233 14.87 29.89 -24.03
C ILE A 233 15.66 30.90 -24.86
N VAL A 234 16.97 30.73 -24.89
CA VAL A 234 17.85 31.61 -25.65
C VAL A 234 18.24 30.93 -26.96
N GLY A 235 18.02 31.62 -28.07
CA GLY A 235 18.38 31.11 -29.38
C GLY A 235 17.27 30.27 -29.98
N SER A 236 17.44 29.92 -31.25
CA SER A 236 16.43 29.17 -31.99
C SER A 236 17.02 27.96 -32.71
N GLN A 237 18.34 27.90 -32.79
CA GLN A 237 19.04 26.83 -33.52
C GLN A 237 18.77 25.47 -32.90
N GLY A 238 19.00 25.35 -31.59
CA GLY A 238 18.83 24.09 -30.88
C GLY A 238 17.42 23.52 -31.00
N THR A 239 16.42 24.39 -30.89
CA THR A 239 15.02 24.00 -31.04
C THR A 239 14.79 23.46 -32.45
N ALA A 240 15.29 24.20 -33.44
CA ALA A 240 15.15 23.80 -34.83
C ALA A 240 15.81 22.44 -35.09
N ASP A 241 16.98 22.24 -34.51
CA ASP A 241 17.70 20.97 -34.65
C ASP A 241 16.87 19.82 -34.10
N ALA A 242 16.29 20.02 -32.92
CA ALA A 242 15.49 18.99 -32.27
C ALA A 242 14.32 18.55 -33.14
N TYR A 243 13.65 19.52 -33.77
CA TYR A 243 12.48 19.25 -34.59
C TYR A 243 12.84 18.68 -35.96
N LYS A 244 14.03 19.05 -36.46
CA LYS A 244 14.48 18.62 -37.79
C LYS A 244 15.28 17.32 -37.74
N THR A 245 16.00 17.12 -36.64
CA THR A 245 16.94 15.99 -36.52
C THR A 245 16.44 14.96 -35.52
N GLY A 246 15.72 15.42 -34.50
CA GLY A 246 15.34 14.55 -33.40
C GLY A 246 16.37 14.67 -32.29
N ARG A 247 17.39 15.49 -32.52
CA ARG A 247 18.42 15.74 -31.52
C ARG A 247 18.76 17.22 -31.54
N GLY A 248 18.93 17.84 -30.38
CA GLY A 248 19.25 19.25 -30.31
C GLY A 248 19.53 19.75 -28.90
N SER A 249 20.37 20.78 -28.82
CA SER A 249 20.74 21.38 -27.53
C SER A 249 20.06 22.72 -27.34
N ILE A 250 19.07 22.77 -26.44
CA ILE A 250 18.27 23.96 -26.22
C ILE A 250 18.77 24.70 -24.97
N ARG A 251 19.28 25.90 -25.18
CA ARG A 251 19.83 26.71 -24.09
C ARG A 251 18.72 27.35 -23.25
N MET A 252 18.70 27.02 -21.96
CA MET A 252 17.72 27.58 -21.03
C MET A 252 18.37 28.59 -20.10
N ARG A 253 17.57 29.56 -19.64
CA ARG A 253 18.00 30.51 -18.62
C ARG A 253 16.88 30.79 -17.63
N GLY A 254 17.27 31.13 -16.40
CA GLY A 254 16.33 31.62 -15.41
C GLY A 254 16.09 33.10 -15.63
N VAL A 255 15.33 33.71 -14.72
CA VAL A 255 15.03 35.14 -14.81
C VAL A 255 15.73 35.88 -13.68
N VAL A 256 16.49 36.92 -14.05
CA VAL A 256 17.21 37.74 -13.08
C VAL A 256 16.76 39.20 -13.19
N GLU A 257 16.47 39.80 -12.05
CA GLU A 257 16.03 41.19 -11.99
C GLU A 257 16.92 41.97 -11.03
N VAL A 258 17.62 42.96 -11.55
CA VAL A 258 18.54 43.75 -10.74
C VAL A 258 17.76 44.80 -9.93
N GLU A 259 18.01 44.83 -8.62
CA GLU A 259 17.38 45.78 -7.72
C GLU A 259 18.43 46.66 -7.07
N GLU A 260 18.12 47.96 -6.93
CA GLU A 260 19.03 48.90 -6.31
C GLU A 260 18.46 49.42 -4.99
N ASP A 261 19.17 49.16 -3.90
CA ASP A 261 18.74 49.61 -2.58
C ASP A 261 18.96 51.12 -2.51
N SER A 262 18.26 51.77 -1.58
CA SER A 262 18.38 53.20 -1.40
C SER A 262 19.81 53.48 -0.94
N ARG A 263 20.63 54.02 -1.83
CA ARG A 263 22.01 54.32 -1.51
C ARG A 263 22.74 53.08 -1.03
N GLY A 264 22.19 51.91 -1.36
CA GLY A 264 22.78 50.65 -0.96
C GLY A 264 23.37 49.89 -2.13
N ARG A 265 23.93 48.73 -1.86
CA ARG A 265 24.55 47.90 -2.87
C ARG A 265 23.45 47.33 -3.75
N THR A 266 23.79 46.96 -4.98
CA THR A 266 22.81 46.39 -5.89
C THR A 266 22.81 44.88 -5.69
N SER A 267 21.66 44.26 -5.96
CA SER A 267 21.51 42.82 -5.77
C SER A 267 20.74 42.19 -6.92
N LEU A 268 21.08 40.94 -7.20
CA LEU A 268 20.42 40.17 -8.25
C LEU A 268 19.32 39.30 -7.64
N VAL A 269 18.11 39.42 -8.18
CA VAL A 269 16.98 38.64 -7.71
C VAL A 269 16.59 37.60 -8.75
N ILE A 270 16.86 36.33 -8.44
CA ILE A 270 16.48 35.23 -9.32
C ILE A 270 15.12 34.71 -8.90
N THR A 271 14.16 34.78 -9.83
CA THR A 271 12.77 34.41 -9.56
C THR A 271 12.34 33.18 -10.34
N GLU A 272 13.16 32.76 -11.29
CA GLU A 272 12.88 31.58 -12.10
C GLU A 272 14.18 30.84 -12.40
N LEU A 273 14.09 29.53 -12.58
CA LEU A 273 15.25 28.72 -12.96
C LEU A 273 14.88 27.80 -14.13
N PRO A 274 15.90 27.34 -14.87
CA PRO A 274 15.61 26.43 -15.98
C PRO A 274 15.08 25.09 -15.53
N TYR A 275 14.54 24.32 -16.47
CA TYR A 275 13.87 23.05 -16.19
C TYR A 275 14.78 22.06 -15.47
N GLN A 276 14.24 21.43 -14.43
CA GLN A 276 14.91 20.37 -13.68
C GLN A 276 16.19 20.83 -12.98
N VAL A 277 16.17 22.07 -12.48
CA VAL A 277 17.26 22.58 -11.65
C VAL A 277 16.81 22.67 -10.20
N ASN A 278 17.44 21.88 -9.35
CA ASN A 278 17.12 21.87 -7.92
C ASN A 278 17.48 23.21 -7.28
N HIS A 279 16.49 23.84 -6.65
CA HIS A 279 16.67 25.15 -6.04
C HIS A 279 17.75 25.14 -4.98
N ASP A 280 17.74 24.11 -4.14
CA ASP A 280 18.70 24.02 -3.03
C ASP A 280 20.12 23.75 -3.55
N ASN A 281 20.23 22.87 -4.55
CA ASN A 281 21.54 22.59 -5.15
C ASN A 281 22.09 23.82 -5.86
N PHE A 282 21.18 24.60 -6.44
CA PHE A 282 21.56 25.83 -7.13
C PHE A 282 22.14 26.85 -6.16
N ILE A 283 21.47 27.05 -5.03
CA ILE A 283 21.94 27.98 -4.00
C ILE A 283 23.28 27.48 -3.44
N THR A 284 23.35 26.18 -3.16
CA THR A 284 24.56 25.60 -2.59
C THR A 284 25.73 25.72 -3.55
N SER A 285 25.47 25.55 -4.84
CA SER A 285 26.53 25.64 -5.85
C SER A 285 27.13 27.04 -5.87
N ILE A 286 26.27 28.06 -5.81
CA ILE A 286 26.74 29.44 -5.76
C ILE A 286 27.54 29.67 -4.48
N ALA A 287 27.01 29.18 -3.36
CA ALA A 287 27.63 29.39 -2.06
C ALA A 287 29.02 28.76 -1.98
N GLU A 288 29.17 27.56 -2.55
CA GLU A 288 30.43 26.86 -2.52
C GLU A 288 31.44 27.44 -3.51
N GLN A 289 30.95 28.06 -4.58
CA GLN A 289 31.81 28.66 -5.59
C GLN A 289 32.23 30.08 -5.20
N VAL A 290 31.77 30.55 -4.03
CA VAL A 290 32.20 31.83 -3.49
C VAL A 290 33.31 31.59 -2.47
N ARG A 291 33.29 30.39 -1.87
CA ARG A 291 34.21 30.04 -0.79
C ARG A 291 35.68 29.99 -1.14
N ASP A 292 36.04 29.08 -2.04
CA ASP A 292 37.40 29.02 -2.55
C ASP A 292 37.54 30.28 -3.40
N GLY A 293 36.39 30.82 -3.80
CA GLY A 293 36.34 32.08 -4.52
C GLY A 293 36.43 31.88 -6.01
N LYS A 294 35.30 31.65 -6.64
CA LYS A 294 35.27 31.53 -8.10
C LYS A 294 34.19 32.41 -8.70
N LEU A 295 33.47 33.11 -7.83
CA LEU A 295 32.45 34.07 -8.23
C LEU A 295 32.58 35.36 -7.43
N ALA A 296 33.74 36.02 -7.55
CA ALA A 296 33.95 37.28 -6.88
C ALA A 296 32.93 38.30 -7.37
N GLY A 297 32.79 39.40 -6.63
CA GLY A 297 31.78 40.39 -6.93
C GLY A 297 30.50 40.13 -6.14
N ILE A 298 30.29 38.88 -5.75
CA ILE A 298 29.16 38.53 -4.90
C ILE A 298 29.51 38.83 -3.44
N SER A 299 28.61 39.54 -2.77
CA SER A 299 28.81 39.93 -1.38
C SER A 299 28.02 39.03 -0.42
N ASN A 300 26.78 38.71 -0.80
CA ASN A 300 25.90 37.94 0.08
C ASN A 300 24.83 37.18 -0.70
N ILE A 301 24.50 35.99 -0.23
CA ILE A 301 23.45 35.16 -0.82
C ILE A 301 22.36 34.91 0.22
N GLU A 302 21.13 35.27 -0.13
CA GLU A 302 19.99 35.11 0.76
C GLU A 302 18.78 34.54 0.03
N ASP A 303 18.24 33.45 0.56
CA ASP A 303 17.05 32.81 0.00
C ASP A 303 15.79 33.39 0.64
N GLN A 304 15.18 34.34 -0.04
CA GLN A 304 13.96 34.98 0.45
C GLN A 304 12.71 34.32 -0.13
N SER A 305 12.85 33.06 -0.54
CA SER A 305 11.74 32.32 -1.12
C SER A 305 10.68 32.02 -0.06
N SER A 306 9.44 31.87 -0.50
CA SER A 306 8.36 31.42 0.37
C SER A 306 7.22 30.85 -0.46
N ASP A 307 6.26 30.21 0.20
CA ASP A 307 5.11 29.63 -0.48
C ASP A 307 4.23 30.71 -1.12
N ARG A 308 4.45 31.97 -0.72
CA ARG A 308 3.59 33.07 -1.14
C ARG A 308 4.18 33.93 -2.26
N VAL A 309 5.51 34.01 -2.32
CA VAL A 309 6.19 34.81 -3.35
C VAL A 309 6.90 33.93 -4.38
N GLY A 310 6.95 32.63 -4.12
CA GLY A 310 7.63 31.70 -5.00
C GLY A 310 9.13 31.80 -4.85
N LEU A 311 9.86 31.38 -5.88
CA LEU A 311 11.32 31.44 -5.86
C LEU A 311 11.79 32.89 -5.80
N ARG A 312 12.72 33.16 -4.88
CA ARG A 312 13.28 34.49 -4.73
C ARG A 312 14.66 34.42 -4.07
N ILE A 313 15.69 34.23 -4.89
CA ILE A 313 17.06 34.18 -4.40
C ILE A 313 17.74 35.52 -4.64
N VAL A 314 18.07 36.20 -3.55
CA VAL A 314 18.70 37.52 -3.62
C VAL A 314 20.22 37.40 -3.50
N ILE A 315 20.92 37.85 -4.53
CA ILE A 315 22.38 37.84 -4.56
C ILE A 315 22.91 39.27 -4.56
N GLU A 316 23.23 39.77 -3.37
CA GLU A 316 23.82 41.09 -3.23
C GLU A 316 25.26 41.07 -3.73
N ILE A 317 25.60 42.00 -4.61
CA ILE A 317 26.96 42.06 -5.17
C ILE A 317 27.71 43.26 -4.62
N LYS A 318 29.04 43.18 -4.66
CA LYS A 318 29.90 44.23 -4.12
C LYS A 318 29.76 45.52 -4.92
N ARG A 319 30.18 46.63 -4.32
CA ARG A 319 30.07 47.95 -4.92
C ARG A 319 31.00 48.12 -6.11
N ASP A 320 32.17 47.48 -6.06
CA ASP A 320 33.12 47.54 -7.15
C ASP A 320 32.91 46.37 -8.11
N ALA A 321 31.64 46.04 -8.35
CA ALA A 321 31.27 44.94 -9.22
C ALA A 321 30.12 45.34 -10.13
N VAL A 322 30.21 44.93 -11.39
CA VAL A 322 29.17 45.22 -12.37
C VAL A 322 28.15 44.08 -12.39
N ALA A 323 26.88 44.44 -12.35
CA ALA A 323 25.80 43.45 -12.29
C ALA A 323 25.85 42.48 -13.46
N LYS A 324 25.99 43.02 -14.67
CA LYS A 324 25.99 42.22 -15.89
C LYS A 324 27.16 41.24 -15.91
N VAL A 325 28.30 41.65 -15.36
CA VAL A 325 29.46 40.78 -15.25
C VAL A 325 29.16 39.59 -14.35
N VAL A 326 28.57 39.87 -13.19
CA VAL A 326 28.25 38.82 -12.23
C VAL A 326 27.20 37.86 -12.78
N ILE A 327 26.22 38.39 -13.52
CA ILE A 327 25.18 37.56 -14.11
C ILE A 327 25.77 36.61 -15.15
N ASN A 328 26.69 37.12 -15.96
CA ASN A 328 27.37 36.28 -16.96
C ASN A 328 28.22 35.22 -16.27
N ASN A 329 28.83 35.59 -15.15
CA ASN A 329 29.59 34.63 -14.34
C ASN A 329 28.66 33.55 -13.80
N LEU A 330 27.45 33.95 -13.41
CA LEU A 330 26.45 33.00 -12.94
C LEU A 330 25.99 32.10 -14.09
N TYR A 331 25.79 32.69 -15.26
CA TYR A 331 25.44 31.91 -16.45
C TYR A 331 26.54 30.89 -16.73
N LYS A 332 27.79 31.31 -16.55
CA LYS A 332 28.95 30.48 -16.87
C LYS A 332 29.15 29.33 -15.88
N HIS A 333 29.12 29.65 -14.58
CA HIS A 333 29.55 28.72 -13.55
C HIS A 333 28.42 28.09 -12.75
N THR A 334 27.17 28.37 -13.11
CA THR A 334 26.03 27.76 -12.44
C THR A 334 24.95 27.39 -13.43
N GLN A 335 23.93 26.69 -12.93
CA GLN A 335 22.83 26.23 -13.77
C GLN A 335 21.78 27.31 -13.94
N LEU A 336 22.13 28.56 -13.61
CA LEU A 336 21.28 29.70 -13.96
C LEU A 336 21.12 29.73 -15.47
N GLN A 337 22.17 29.31 -16.16
CA GLN A 337 22.11 29.00 -17.58
C GLN A 337 22.53 27.55 -17.76
N THR A 338 21.66 26.75 -18.35
CA THR A 338 21.95 25.33 -18.58
C THR A 338 21.21 24.87 -19.83
N SER A 339 21.75 23.83 -20.47
CA SER A 339 21.19 23.34 -21.72
C SER A 339 20.33 22.09 -21.52
N PHE A 340 19.23 22.01 -22.26
CA PHE A 340 18.41 20.82 -22.32
C PHE A 340 18.82 19.98 -23.51
N GLY A 341 19.36 18.79 -23.23
CA GLY A 341 19.80 17.89 -24.28
C GLY A 341 18.66 17.10 -24.88
N ALA A 342 18.00 17.67 -25.87
CA ALA A 342 16.84 17.03 -26.49
C ALA A 342 17.24 15.83 -27.34
N ASN A 343 16.53 14.73 -27.13
CA ASN A 343 16.70 13.53 -27.92
C ASN A 343 15.34 12.86 -28.10
N MET A 344 14.68 13.17 -29.21
CA MET A 344 13.28 12.82 -29.41
C MET A 344 13.10 11.33 -29.70
N LEU A 345 13.33 10.50 -28.68
CA LEU A 345 13.23 9.04 -28.81
C LEU A 345 11.93 8.51 -28.21
N ALA A 346 11.19 7.73 -29.00
CA ALA A 346 9.95 7.13 -28.53
C ALA A 346 9.71 5.78 -29.19
N ILE A 347 8.89 4.95 -28.55
CA ILE A 347 8.55 3.65 -29.09
C ILE A 347 7.42 3.77 -30.09
N VAL A 348 7.70 3.36 -31.33
CA VAL A 348 6.71 3.37 -32.40
C VAL A 348 6.46 1.95 -32.88
N ASP A 349 5.26 1.46 -32.62
CA ASP A 349 4.87 0.11 -33.02
C ASP A 349 5.83 -0.92 -32.43
N GLY A 350 6.22 -0.72 -31.18
CA GLY A 350 7.08 -1.66 -30.49
C GLY A 350 8.55 -1.52 -30.85
N VAL A 351 8.89 -0.47 -31.57
CA VAL A 351 10.26 -0.23 -32.01
C VAL A 351 10.73 1.17 -31.59
N PRO A 352 11.94 1.26 -30.98
CA PRO A 352 12.44 2.59 -30.59
C PRO A 352 12.86 3.39 -31.81
N ARG A 353 12.42 4.65 -31.87
CA ARG A 353 12.70 5.50 -33.03
C ARG A 353 12.87 6.96 -32.67
N THR A 354 13.91 7.57 -33.25
CA THR A 354 14.11 9.00 -33.14
C THR A 354 13.25 9.68 -34.21
N LEU A 355 12.42 10.63 -33.79
CA LEU A 355 11.38 11.18 -34.65
C LEU A 355 11.53 12.68 -34.86
N ARG A 356 11.21 13.14 -36.05
CA ARG A 356 11.08 14.58 -36.31
C ARG A 356 9.78 15.04 -35.68
N LEU A 357 9.60 16.35 -35.57
CA LEU A 357 8.39 16.88 -34.96
C LEU A 357 7.16 16.53 -35.79
N ASP A 358 7.30 16.53 -37.11
CA ASP A 358 6.18 16.21 -37.99
C ASP A 358 5.74 14.77 -37.84
N GLN A 359 6.70 13.89 -37.55
CA GLN A 359 6.40 12.48 -37.35
C GLN A 359 5.66 12.29 -36.03
N LEU A 360 6.09 13.00 -34.99
CA LEU A 360 5.45 12.93 -33.68
C LEU A 360 3.99 13.38 -33.74
N ILE A 361 3.73 14.49 -34.42
CA ILE A 361 2.37 14.96 -34.61
C ILE A 361 1.56 13.96 -35.41
N ARG A 362 2.06 13.60 -36.60
CA ARG A 362 1.37 12.67 -37.49
C ARG A 362 0.99 11.37 -36.81
N TYR A 363 1.96 10.77 -36.12
CA TYR A 363 1.72 9.51 -35.41
C TYR A 363 0.62 9.68 -34.36
N TYR A 364 0.59 10.85 -33.71
CA TYR A 364 -0.45 11.10 -32.72
C TYR A 364 -1.81 11.26 -33.40
N VAL A 365 -1.84 12.01 -34.50
CA VAL A 365 -3.09 12.20 -35.24
C VAL A 365 -3.62 10.86 -35.73
N ASP A 366 -2.73 10.01 -36.23
CA ASP A 366 -3.10 8.67 -36.67
C ASP A 366 -3.78 7.90 -35.53
N HIS A 367 -3.21 8.03 -34.33
CA HIS A 367 -3.76 7.38 -33.15
C HIS A 367 -5.15 7.89 -32.81
N GLN A 368 -5.34 9.21 -32.91
CA GLN A 368 -6.64 9.82 -32.62
C GLN A 368 -7.70 9.33 -33.60
N LEU A 369 -7.37 9.31 -34.89
CA LEU A 369 -8.30 8.83 -35.90
C LEU A 369 -8.66 7.37 -35.67
N ASP A 370 -7.68 6.56 -35.28
CA ASP A 370 -7.92 5.17 -34.96
C ASP A 370 -8.92 5.06 -33.81
N VAL A 371 -8.70 5.87 -32.77
CA VAL A 371 -9.59 5.90 -31.61
C VAL A 371 -11.03 6.26 -32.01
N ILE A 372 -11.18 7.31 -32.81
CA ILE A 372 -12.51 7.80 -33.19
C ILE A 372 -13.24 6.78 -34.07
N VAL A 373 -12.52 6.15 -34.98
CA VAL A 373 -13.12 5.13 -35.84
C VAL A 373 -13.55 3.92 -35.01
N ARG A 374 -12.69 3.49 -34.10
CA ARG A 374 -13.01 2.36 -33.24
C ARG A 374 -14.16 2.67 -32.29
N ARG A 375 -14.18 3.89 -31.76
CA ARG A 375 -15.29 4.35 -30.93
C ARG A 375 -16.59 4.30 -31.71
N THR A 376 -16.56 4.82 -32.94
CA THR A 376 -17.72 4.85 -33.79
C THR A 376 -18.24 3.45 -34.09
N THR A 377 -17.32 2.53 -34.39
CA THR A 377 -17.69 1.15 -34.67
C THR A 377 -18.37 0.51 -33.47
N TYR A 378 -17.79 0.71 -32.29
CA TYR A 378 -18.35 0.21 -31.05
C TYR A 378 -19.77 0.73 -30.83
N ARG A 379 -19.93 2.04 -30.95
CA ARG A 379 -21.23 2.68 -30.73
C ARG A 379 -22.27 2.22 -31.74
N LEU A 380 -21.81 1.96 -32.97
CA LEU A 380 -22.70 1.48 -34.02
C LEU A 380 -23.20 0.08 -33.71
N ARG A 381 -22.30 -0.78 -33.23
CA ARG A 381 -22.67 -2.14 -32.87
C ARG A 381 -23.70 -2.14 -31.74
N LYS A 382 -23.45 -1.37 -30.70
CA LYS A 382 -24.39 -1.24 -29.57
C LYS A 382 -25.70 -0.61 -30.01
N ALA A 383 -25.62 0.40 -30.86
CA ALA A 383 -26.82 1.08 -31.36
C ALA A 383 -27.71 0.09 -32.10
N ASN A 384 -27.09 -0.79 -32.89
CA ASN A 384 -27.82 -1.82 -33.62
C ASN A 384 -28.50 -2.82 -32.69
N GLU A 385 -27.77 -3.23 -31.65
CA GLU A 385 -28.30 -4.18 -30.67
C GLU A 385 -29.55 -3.64 -29.96
N ARG A 386 -29.48 -2.42 -29.46
CA ARG A 386 -30.62 -1.80 -28.80
C ARG A 386 -31.77 -1.60 -29.78
N ALA A 387 -31.45 -1.12 -30.99
CA ALA A 387 -32.46 -0.96 -32.02
C ALA A 387 -33.14 -2.30 -32.29
N HIS A 388 -32.32 -3.35 -32.38
CA HIS A 388 -32.81 -4.70 -32.63
C HIS A 388 -33.83 -5.09 -31.57
N ILE A 389 -33.50 -4.84 -30.31
CA ILE A 389 -34.40 -5.15 -29.20
C ILE A 389 -35.63 -4.24 -29.21
N LEU A 390 -35.41 -2.95 -29.49
CA LEU A 390 -36.50 -1.99 -29.53
C LEU A 390 -37.52 -2.35 -30.59
N ARG A 391 -37.06 -2.83 -31.74
CA ARG A 391 -37.94 -3.27 -32.80
C ARG A 391 -38.87 -4.37 -32.27
N GLY A 392 -38.32 -5.23 -31.41
CA GLY A 392 -39.10 -6.27 -30.78
C GLY A 392 -40.17 -5.70 -29.87
N LEU A 393 -39.80 -4.71 -29.07
CA LEU A 393 -40.73 -4.08 -28.13
C LEU A 393 -41.90 -3.42 -28.87
N VAL A 394 -41.60 -2.73 -29.96
CA VAL A 394 -42.63 -2.05 -30.74
C VAL A 394 -43.63 -3.05 -31.31
N LYS A 395 -43.14 -4.21 -31.74
CA LYS A 395 -44.01 -5.27 -32.23
C LYS A 395 -44.95 -5.75 -31.11
N ALA A 396 -44.40 -5.83 -29.89
CA ALA A 396 -45.18 -6.25 -28.74
C ALA A 396 -46.27 -5.23 -28.42
N LEU A 397 -45.94 -3.95 -28.50
CA LEU A 397 -46.88 -2.88 -28.19
C LEU A 397 -48.02 -2.84 -29.20
N ASP A 398 -47.71 -3.08 -30.47
CA ASP A 398 -48.71 -3.06 -31.53
C ASP A 398 -49.73 -4.18 -31.35
N ALA A 399 -49.30 -5.28 -30.74
CA ALA A 399 -50.15 -6.44 -30.48
C ALA A 399 -50.18 -6.75 -28.98
N LEU A 400 -50.26 -5.70 -28.16
CA LEU A 400 -50.13 -5.83 -26.71
C LEU A 400 -51.16 -6.76 -26.08
N ASP A 401 -52.41 -6.68 -26.54
CA ASP A 401 -53.47 -7.53 -26.01
C ASP A 401 -53.12 -9.01 -26.16
N GLU A 402 -52.56 -9.36 -27.31
CA GLU A 402 -52.19 -10.74 -27.62
C GLU A 402 -50.99 -11.23 -26.82
N VAL A 403 -50.00 -10.36 -26.66
CA VAL A 403 -48.76 -10.70 -25.95
C VAL A 403 -49.05 -11.25 -24.55
N ILE A 404 -49.89 -10.55 -23.81
CA ILE A 404 -50.20 -10.93 -22.43
C ILE A 404 -50.93 -12.27 -22.35
N ALA A 405 -51.97 -12.43 -23.15
CA ALA A 405 -52.75 -13.66 -23.16
C ALA A 405 -51.90 -14.89 -23.41
N LEU A 406 -50.90 -14.74 -24.27
CA LEU A 406 -50.00 -15.85 -24.61
C LEU A 406 -49.14 -16.28 -23.43
N ILE A 407 -48.53 -15.30 -22.76
CA ILE A 407 -47.65 -15.57 -21.64
C ILE A 407 -48.39 -16.28 -20.52
N ARG A 408 -49.65 -15.88 -20.31
CA ARG A 408 -50.47 -16.41 -19.23
C ARG A 408 -50.64 -17.92 -19.31
N ALA A 409 -50.94 -18.44 -20.49
CA ALA A 409 -51.28 -19.85 -20.67
C ALA A 409 -50.07 -20.77 -20.69
N SER A 410 -48.87 -20.21 -20.51
CA SER A 410 -47.65 -21.00 -20.59
C SER A 410 -47.26 -21.65 -19.27
N GLU A 411 -46.90 -22.93 -19.32
CA GLU A 411 -46.48 -23.68 -18.15
C GLU A 411 -45.13 -23.19 -17.66
N THR A 412 -44.29 -22.76 -18.59
CA THR A 412 -43.00 -22.16 -18.25
C THR A 412 -42.90 -20.81 -18.95
N VAL A 413 -41.72 -20.19 -18.88
CA VAL A 413 -41.47 -18.96 -19.60
C VAL A 413 -40.98 -19.27 -21.01
N ASP A 414 -40.47 -20.50 -21.18
CA ASP A 414 -39.97 -20.94 -22.47
C ASP A 414 -41.11 -21.16 -23.46
N ILE A 415 -42.22 -21.73 -22.98
CA ILE A 415 -43.41 -21.89 -23.82
C ILE A 415 -43.93 -20.51 -24.19
N ALA A 416 -43.90 -19.59 -23.23
CA ALA A 416 -44.33 -18.22 -23.47
C ALA A 416 -43.40 -17.55 -24.47
N ARG A 417 -42.10 -17.82 -24.32
CA ARG A 417 -41.10 -17.26 -25.22
C ARG A 417 -41.35 -17.75 -26.64
N ALA A 418 -41.31 -19.08 -26.79
CA ALA A 418 -41.49 -19.73 -28.08
C ALA A 418 -42.74 -19.24 -28.81
N GLY A 419 -43.79 -18.95 -28.05
CA GLY A 419 -45.01 -18.42 -28.61
C GLY A 419 -44.80 -17.03 -29.18
N LEU A 420 -44.08 -16.20 -28.44
CA LEU A 420 -43.83 -14.82 -28.84
C LEU A 420 -43.11 -14.78 -30.19
N ILE A 421 -42.14 -15.68 -30.37
CA ILE A 421 -41.45 -15.80 -31.66
C ILE A 421 -42.47 -16.08 -32.77
N GLU A 422 -43.38 -17.01 -32.51
CA GLU A 422 -44.39 -17.38 -33.50
C GLU A 422 -45.38 -16.24 -33.75
N LEU A 423 -45.76 -15.54 -32.69
CA LEU A 423 -46.76 -14.48 -32.80
C LEU A 423 -46.28 -13.29 -33.63
N LEU A 424 -45.09 -12.80 -33.30
CA LEU A 424 -44.59 -11.55 -33.84
C LEU A 424 -43.37 -11.72 -34.76
N ASP A 425 -42.98 -12.96 -35.01
CA ASP A 425 -41.78 -13.24 -35.81
C ASP A 425 -40.57 -12.57 -35.18
N ILE A 426 -40.11 -13.13 -34.07
CA ILE A 426 -39.09 -12.49 -33.23
C ILE A 426 -37.89 -13.42 -32.98
N ASP A 427 -36.73 -12.81 -32.73
CA ASP A 427 -35.53 -13.51 -32.31
C ASP A 427 -35.70 -14.08 -30.90
N GLU A 428 -34.69 -14.77 -30.40
CA GLU A 428 -34.71 -15.23 -29.02
C GLU A 428 -34.33 -14.09 -28.08
N ILE A 429 -33.46 -13.20 -28.56
CA ILE A 429 -33.01 -12.06 -27.76
C ILE A 429 -34.15 -11.07 -27.52
N GLN A 430 -34.88 -10.76 -28.58
CA GLN A 430 -35.99 -9.81 -28.50
C GLN A 430 -37.13 -10.33 -27.62
N ALA A 431 -37.50 -11.59 -27.81
CA ALA A 431 -38.57 -12.19 -27.02
C ALA A 431 -38.19 -12.19 -25.55
N GLN A 432 -36.92 -12.44 -25.27
CA GLN A 432 -36.41 -12.40 -23.91
C GLN A 432 -36.51 -10.99 -23.34
N ALA A 433 -36.27 -9.99 -24.18
CA ALA A 433 -36.33 -8.60 -23.76
C ALA A 433 -37.77 -8.22 -23.44
N ILE A 434 -38.70 -8.71 -24.25
CA ILE A 434 -40.13 -8.53 -24.00
C ILE A 434 -40.50 -9.16 -22.67
N LEU A 435 -39.98 -10.36 -22.42
CA LEU A 435 -40.23 -11.07 -21.19
C LEU A 435 -39.72 -10.29 -19.98
N ASP A 436 -38.54 -9.71 -20.11
CA ASP A 436 -37.92 -8.95 -19.03
C ASP A 436 -38.56 -7.58 -18.84
N MET A 437 -39.50 -7.22 -19.72
CA MET A 437 -40.14 -5.91 -19.67
C MET A 437 -41.01 -5.77 -18.42
N GLN A 438 -40.91 -4.62 -17.77
CA GLN A 438 -41.71 -4.35 -16.58
C GLN A 438 -43.08 -3.76 -16.94
N LEU A 439 -44.06 -3.94 -16.06
CA LEU A 439 -45.37 -3.34 -16.23
C LEU A 439 -45.26 -1.82 -16.17
N ARG A 440 -44.15 -1.33 -15.62
CA ARG A 440 -43.84 0.09 -15.60
C ARG A 440 -44.02 0.72 -16.97
N ARG A 441 -43.46 0.06 -17.98
CA ARG A 441 -43.40 0.61 -19.33
C ARG A 441 -44.69 0.46 -20.14
N LEU A 442 -45.74 -0.09 -19.53
CA LEU A 442 -47.02 -0.27 -20.23
C LEU A 442 -47.89 0.98 -20.11
N ALA A 443 -47.43 1.96 -19.34
CA ALA A 443 -48.12 3.24 -19.25
C ALA A 443 -48.00 3.98 -20.58
N ALA A 444 -48.94 4.88 -20.84
CA ALA A 444 -49.04 5.57 -22.12
C ALA A 444 -47.73 6.25 -22.55
N LEU A 445 -47.22 7.14 -21.70
CA LEU A 445 -46.01 7.89 -22.03
C LEU A 445 -44.81 6.97 -22.19
N GLU A 446 -44.81 5.86 -21.46
CA GLU A 446 -43.71 4.91 -21.54
C GLU A 446 -43.76 4.12 -22.84
N ARG A 447 -44.97 3.78 -23.29
CA ARG A 447 -45.13 3.14 -24.59
C ARG A 447 -44.65 4.07 -25.69
N GLN A 448 -44.95 5.36 -25.55
CA GLN A 448 -44.52 6.36 -26.52
C GLN A 448 -43.01 6.54 -26.46
N ARG A 449 -42.47 6.44 -25.25
CA ARG A 449 -41.04 6.60 -25.02
C ARG A 449 -40.26 5.51 -25.77
N ILE A 450 -40.81 4.30 -25.77
CA ILE A 450 -40.21 3.19 -26.51
C ILE A 450 -40.19 3.49 -28.00
N ILE A 451 -41.31 3.99 -28.52
CA ILE A 451 -41.42 4.36 -29.93
C ILE A 451 -40.37 5.41 -30.29
N ASP A 452 -40.36 6.50 -29.54
CA ASP A 452 -39.43 7.60 -29.80
C ASP A 452 -37.98 7.15 -29.67
N ASP A 453 -37.71 6.28 -28.70
CA ASP A 453 -36.37 5.76 -28.50
C ASP A 453 -35.87 4.98 -29.72
N LEU A 454 -36.76 4.22 -30.35
CA LEU A 454 -36.42 3.52 -31.57
C LEU A 454 -36.07 4.54 -32.65
N ALA A 455 -36.91 5.56 -32.79
CA ALA A 455 -36.68 6.63 -33.75
C ALA A 455 -35.35 7.33 -33.48
N LYS A 456 -35.04 7.57 -32.21
CA LYS A 456 -33.78 8.20 -31.84
C LYS A 456 -32.58 7.37 -32.26
N ILE A 457 -32.59 6.08 -31.93
CA ILE A 457 -31.45 5.22 -32.19
C ILE A 457 -31.23 5.08 -33.69
N GLU A 458 -32.31 4.87 -34.45
CA GLU A 458 -32.20 4.76 -35.90
C GLU A 458 -31.57 6.02 -36.49
N ALA A 459 -31.87 7.17 -35.88
CA ALA A 459 -31.25 8.43 -36.27
C ALA A 459 -29.77 8.42 -35.91
N GLU A 460 -29.45 7.94 -34.72
CA GLU A 460 -28.06 7.84 -34.27
C GLU A 460 -27.28 6.86 -35.13
N ILE A 461 -27.91 5.75 -35.51
CA ILE A 461 -27.27 4.77 -36.38
C ILE A 461 -26.93 5.39 -37.72
N ALA A 462 -27.85 6.18 -38.26
CA ALA A 462 -27.62 6.87 -39.52
C ALA A 462 -26.41 7.80 -39.41
N ASP A 463 -26.34 8.53 -38.31
CA ASP A 463 -25.22 9.42 -38.04
C ASP A 463 -23.91 8.64 -37.98
N LEU A 464 -23.92 7.55 -37.20
CA LEU A 464 -22.73 6.72 -37.02
C LEU A 464 -22.24 6.12 -38.34
N GLU A 465 -23.16 5.59 -39.13
CA GLU A 465 -22.82 5.06 -40.45
C GLU A 465 -22.18 6.13 -41.33
N ASP A 466 -22.70 7.35 -41.23
CA ASP A 466 -22.17 8.46 -42.02
C ASP A 466 -20.72 8.76 -41.65
N ILE A 467 -20.42 8.71 -40.36
CA ILE A 467 -19.07 8.99 -39.88
C ILE A 467 -18.07 7.97 -40.46
N LEU A 468 -18.42 6.70 -40.38
CA LEU A 468 -17.53 5.63 -40.83
C LEU A 468 -17.24 5.71 -42.33
N ALA A 469 -18.17 6.27 -43.09
CA ALA A 469 -18.06 6.35 -44.54
C ALA A 469 -17.31 7.60 -45.01
N LYS A 470 -17.10 8.55 -44.11
CA LYS A 470 -16.50 9.84 -44.47
C LYS A 470 -15.30 10.18 -43.58
N PRO A 471 -14.08 10.06 -44.12
CA PRO A 471 -12.88 10.45 -43.37
C PRO A 471 -12.91 11.92 -42.96
N GLU A 472 -13.63 12.74 -43.72
CA GLU A 472 -13.74 14.16 -43.44
C GLU A 472 -14.34 14.39 -42.05
N ARG A 473 -15.44 13.70 -41.77
CA ARG A 473 -16.11 13.82 -40.48
C ARG A 473 -15.23 13.32 -39.35
N GLN A 474 -14.53 12.20 -39.60
CA GLN A 474 -13.63 11.61 -38.61
C GLN A 474 -12.58 12.62 -38.15
N ARG A 475 -11.93 13.25 -39.11
CA ARG A 475 -10.96 14.29 -38.82
C ARG A 475 -11.63 15.46 -38.09
N GLY A 476 -12.85 15.78 -38.51
CA GLY A 476 -13.61 16.85 -37.89
C GLY A 476 -13.88 16.59 -36.42
N ILE A 477 -14.17 15.33 -36.09
CA ILE A 477 -14.44 14.95 -34.71
C ILE A 477 -13.21 15.15 -33.83
N VAL A 478 -12.05 14.73 -34.33
CA VAL A 478 -10.81 14.89 -33.58
C VAL A 478 -10.55 16.36 -33.32
N ARG A 479 -10.70 17.17 -34.37
CA ARG A 479 -10.51 18.61 -34.28
C ARG A 479 -11.42 19.25 -33.23
N ASP A 480 -12.72 18.98 -33.35
CA ASP A 480 -13.71 19.61 -32.50
C ASP A 480 -13.58 19.18 -31.04
N GLU A 481 -13.38 17.89 -30.83
CA GLU A 481 -13.25 17.35 -29.49
C GLU A 481 -11.97 17.83 -28.83
N LEU A 482 -10.88 17.84 -29.58
CA LEU A 482 -9.61 18.34 -29.07
C LEU A 482 -9.72 19.83 -28.76
N ALA A 483 -10.35 20.57 -29.66
CA ALA A 483 -10.53 22.00 -29.49
C ALA A 483 -11.27 22.28 -28.19
N GLU A 484 -12.29 21.48 -27.90
CA GLU A 484 -13.05 21.62 -26.67
C GLU A 484 -12.13 21.39 -25.45
N ILE A 485 -11.25 20.41 -25.56
CA ILE A 485 -10.32 20.10 -24.48
C ILE A 485 -9.34 21.25 -24.25
N VAL A 486 -8.81 21.81 -25.33
CA VAL A 486 -7.84 22.90 -25.24
C VAL A 486 -8.46 24.17 -24.67
N ASP A 487 -9.67 24.48 -25.13
CA ASP A 487 -10.38 25.66 -24.66
C ASP A 487 -10.58 25.60 -23.14
N ARG A 488 -10.79 24.41 -22.62
CA ARG A 488 -11.05 24.21 -21.20
C ARG A 488 -9.77 24.11 -20.37
N HIS A 489 -8.79 23.37 -20.88
CA HIS A 489 -7.61 23.01 -20.09
C HIS A 489 -6.32 23.66 -20.58
N GLY A 490 -6.40 24.38 -21.71
CA GLY A 490 -5.24 25.06 -22.24
C GLY A 490 -4.86 26.25 -21.38
N ASP A 491 -3.56 26.54 -21.29
CA ASP A 491 -3.07 27.67 -20.51
C ASP A 491 -2.04 28.50 -21.28
N ASP A 492 -1.67 29.64 -20.70
CA ASP A 492 -0.67 30.52 -21.31
C ASP A 492 0.69 29.84 -21.37
N ARG A 493 1.55 30.35 -22.24
CA ARG A 493 2.93 29.91 -22.29
C ARG A 493 3.66 30.41 -21.05
N ARG A 494 4.60 29.62 -20.56
CA ARG A 494 5.37 29.98 -19.37
C ARG A 494 6.81 30.34 -19.74
N THR A 495 7.45 29.50 -20.53
CA THR A 495 8.81 29.76 -20.96
C THR A 495 8.81 30.79 -22.09
N ARG A 496 9.53 31.89 -21.86
CA ARG A 496 9.64 32.96 -22.85
C ARG A 496 10.78 32.67 -23.83
N ILE A 497 10.51 32.84 -25.12
CA ILE A 497 11.50 32.59 -26.15
C ILE A 497 12.08 33.92 -26.65
N ILE A 498 13.40 34.06 -26.53
CA ILE A 498 14.10 35.25 -26.97
C ILE A 498 15.21 34.89 -27.96
N ALA A 499 15.76 35.91 -28.63
CA ALA A 499 16.83 35.71 -29.60
C ALA A 499 18.20 35.82 -28.93
N ILE A 500 19.25 35.65 -29.72
CA ILE A 500 20.62 35.74 -29.21
C ILE A 500 20.90 37.14 -28.68
N ALA B 3 39.48 -29.17 4.22
CA ALA B 3 38.35 -28.75 5.04
C ALA B 3 38.51 -27.31 5.50
N LEU B 4 37.39 -26.61 5.69
CA LEU B 4 37.41 -25.20 6.08
C LEU B 4 36.32 -24.91 7.11
N VAL B 5 36.63 -24.01 8.05
CA VAL B 5 35.71 -23.70 9.13
C VAL B 5 34.52 -22.88 8.64
N ARG B 6 33.33 -23.26 9.11
CA ARG B 6 32.11 -22.50 8.84
C ARG B 6 31.77 -21.63 10.03
N ARG B 7 31.12 -20.50 9.79
CA ARG B 7 30.75 -19.58 10.86
C ARG B 7 29.63 -20.15 11.72
N LYS B 8 29.78 -20.02 13.04
CA LYS B 8 28.76 -20.46 13.99
C LYS B 8 28.80 -19.62 15.25
N GLY B 15 34.66 -14.11 10.73
CA GLY B 15 35.47 -13.49 9.70
C GLY B 15 34.86 -13.65 8.32
N LEU B 16 33.53 -13.77 8.28
CA LEU B 16 32.78 -13.94 7.03
C LEU B 16 31.66 -12.92 6.98
N PRO B 17 31.05 -12.71 5.80
CA PRO B 17 29.98 -11.72 5.67
C PRO B 17 28.82 -11.96 6.63
N GLY B 18 28.26 -10.88 7.17
CA GLY B 18 27.17 -10.99 8.12
C GLY B 18 25.91 -11.55 7.48
N LYS B 19 25.76 -11.32 6.18
CA LYS B 19 24.59 -11.78 5.45
C LYS B 19 24.66 -13.27 5.15
N LEU B 20 25.87 -13.83 5.21
CA LEU B 20 26.08 -15.23 4.87
C LEU B 20 25.47 -16.19 5.88
N ALA B 21 24.57 -17.04 5.39
CA ALA B 21 24.04 -18.15 6.18
C ALA B 21 24.80 -19.40 5.78
N ASP B 22 25.94 -19.62 6.44
CA ASP B 22 26.86 -20.67 6.05
C ASP B 22 26.28 -22.06 6.29
N CYS B 23 26.90 -23.06 5.67
CA CYS B 23 26.48 -24.44 5.87
C CYS B 23 27.20 -25.06 7.06
N ARG B 24 26.90 -26.33 7.33
CA ARG B 24 27.46 -27.03 8.47
C ARG B 24 28.62 -27.94 8.07
N SER B 25 28.54 -28.48 6.85
CA SER B 25 29.60 -29.34 6.33
C SER B 25 30.88 -28.54 6.13
N THR B 26 31.98 -29.06 6.67
CA THR B 26 33.27 -28.37 6.57
C THR B 26 34.04 -28.78 5.31
N ASP B 27 33.41 -29.60 4.47
CA ASP B 27 34.03 -30.06 3.23
C ASP B 27 33.56 -29.23 2.04
N PRO B 28 34.46 -28.43 1.44
CA PRO B 28 34.07 -27.63 0.27
C PRO B 28 33.57 -28.49 -0.90
N ARG B 29 34.14 -29.68 -1.05
CA ARG B 29 33.75 -30.56 -2.15
C ARG B 29 32.26 -30.92 -2.10
N LYS B 30 31.71 -30.97 -0.90
CA LYS B 30 30.30 -31.30 -0.71
C LYS B 30 29.43 -30.07 -0.48
N SER B 31 30.07 -28.92 -0.26
CA SER B 31 29.34 -27.70 0.09
C SER B 31 28.86 -26.94 -1.14
N GLU B 32 27.77 -26.20 -0.96
CA GLU B 32 27.18 -25.40 -2.03
C GLU B 32 26.84 -24.01 -1.51
N LEU B 33 27.08 -23.00 -2.35
CA LEU B 33 26.70 -21.63 -2.03
C LEU B 33 25.63 -21.15 -3.01
N TYR B 34 24.45 -20.86 -2.48
CA TYR B 34 23.37 -20.30 -3.27
C TYR B 34 23.42 -18.78 -3.20
N VAL B 35 23.85 -18.15 -4.28
CA VAL B 35 23.84 -16.71 -4.40
C VAL B 35 22.46 -16.26 -4.86
N VAL B 36 21.72 -15.63 -3.95
CA VAL B 36 20.30 -15.36 -4.15
C VAL B 36 19.98 -13.88 -4.38
N GLU B 37 19.00 -13.63 -5.22
CA GLU B 37 18.50 -12.27 -5.46
C GLU B 37 17.46 -11.88 -4.43
N GLY B 38 17.79 -10.90 -3.59
CA GLY B 38 16.83 -10.33 -2.66
C GLY B 38 16.88 -10.92 -1.27
N ASP B 39 16.48 -10.11 -0.28
CA ASP B 39 16.47 -10.55 1.10
C ASP B 39 15.34 -11.54 1.36
N SER B 40 14.19 -11.32 0.74
CA SER B 40 13.03 -12.20 0.88
C SER B 40 13.36 -13.61 0.42
N ALA B 41 13.81 -13.73 -0.82
CA ALA B 41 14.15 -15.02 -1.40
C ALA B 41 15.26 -15.69 -0.60
N GLY B 42 16.26 -14.90 -0.21
CA GLY B 42 17.36 -15.40 0.58
C GLY B 42 16.89 -15.88 1.93
N GLY B 43 15.91 -15.17 2.49
CA GLY B 43 15.33 -15.56 3.76
C GLY B 43 14.60 -16.88 3.67
N SER B 44 13.80 -17.04 2.63
CA SER B 44 13.07 -18.29 2.41
C SER B 44 14.03 -19.43 2.11
N ALA B 45 15.07 -19.12 1.35
CA ALA B 45 16.07 -20.10 0.98
C ALA B 45 16.82 -20.60 2.22
N LYS B 46 17.13 -19.68 3.13
CA LYS B 46 17.83 -20.03 4.36
C LYS B 46 17.03 -21.04 5.19
N SER B 47 15.70 -21.01 5.04
CA SER B 47 14.83 -21.90 5.80
C SER B 47 14.60 -23.24 5.10
N GLY B 48 14.45 -23.19 3.78
CA GLY B 48 14.14 -24.38 3.01
C GLY B 48 15.37 -25.18 2.62
N ARG B 49 16.55 -24.61 2.81
CA ARG B 49 17.80 -25.27 2.43
C ARG B 49 18.06 -26.53 3.23
N ASP B 50 19.04 -27.30 2.77
CA ASP B 50 19.66 -28.34 3.59
C ASP B 50 20.88 -27.73 4.26
N SER B 51 20.72 -27.34 5.51
CA SER B 51 21.74 -26.57 6.23
C SER B 51 23.07 -27.31 6.32
N MET B 52 23.07 -28.61 6.03
CA MET B 52 24.28 -29.41 6.09
C MET B 52 25.27 -29.03 4.98
N PHE B 53 24.77 -28.95 3.75
CA PHE B 53 25.63 -28.79 2.58
C PHE B 53 25.40 -27.49 1.80
N GLN B 54 24.31 -26.80 2.12
CA GLN B 54 23.91 -25.62 1.37
C GLN B 54 23.97 -24.35 2.20
N ALA B 55 24.73 -23.37 1.70
CA ALA B 55 24.85 -22.06 2.32
C ALA B 55 24.15 -21.01 1.45
N ILE B 56 23.66 -19.95 2.07
CA ILE B 56 22.93 -18.91 1.37
C ILE B 56 23.60 -17.54 1.54
N LEU B 57 23.83 -16.86 0.42
CA LEU B 57 24.32 -15.49 0.42
C LEU B 57 23.36 -14.60 -0.34
N PRO B 58 22.44 -13.92 0.37
CA PRO B 58 21.54 -13.01 -0.33
C PRO B 58 22.27 -11.75 -0.83
N LEU B 59 22.01 -11.37 -2.08
CA LEU B 59 22.55 -10.15 -2.65
C LEU B 59 21.43 -9.13 -2.84
N ARG B 60 21.67 -7.91 -2.38
CA ARG B 60 20.67 -6.86 -2.41
C ARG B 60 20.96 -5.82 -3.48
N GLY B 61 20.00 -5.63 -4.38
CA GLY B 61 20.12 -4.64 -5.43
C GLY B 61 20.95 -5.09 -6.62
N LYS B 62 21.01 -4.23 -7.63
CA LYS B 62 21.81 -4.50 -8.82
C LYS B 62 23.29 -4.57 -8.44
N ILE B 63 23.96 -5.61 -8.88
CA ILE B 63 25.39 -5.76 -8.62
C ILE B 63 26.17 -4.75 -9.45
N ILE B 64 27.28 -4.27 -8.89
CA ILE B 64 28.09 -3.29 -9.58
C ILE B 64 28.78 -3.90 -10.80
N ASN B 65 28.78 -3.16 -11.89
CA ASN B 65 29.41 -3.61 -13.13
C ASN B 65 30.92 -3.44 -13.03
N VAL B 66 31.64 -4.55 -12.89
CA VAL B 66 33.08 -4.51 -12.74
C VAL B 66 33.78 -4.17 -14.05
N GLU B 67 33.04 -4.24 -15.14
CA GLU B 67 33.57 -3.87 -16.46
C GLU B 67 33.65 -2.35 -16.58
N LYS B 68 32.67 -1.67 -15.99
CA LYS B 68 32.59 -0.21 -16.05
C LYS B 68 33.29 0.46 -14.87
N ALA B 69 33.00 -0.03 -13.68
CA ALA B 69 33.47 0.59 -12.44
C ALA B 69 34.98 0.42 -12.24
N ARG B 70 35.60 1.43 -11.66
CA ARG B 70 37.02 1.39 -11.33
C ARG B 70 37.26 0.33 -10.27
N ILE B 71 38.48 -0.22 -10.25
CA ILE B 71 38.78 -1.37 -9.40
C ILE B 71 38.56 -1.06 -7.92
N ASP B 72 39.08 0.07 -7.47
CA ASP B 72 38.98 0.45 -6.07
C ASP B 72 37.52 0.61 -5.62
N ARG B 73 36.68 1.11 -6.51
CA ARG B 73 35.27 1.33 -6.19
C ARG B 73 34.54 0.01 -6.05
N VAL B 74 34.92 -0.96 -6.87
CA VAL B 74 34.33 -2.30 -6.82
C VAL B 74 34.65 -2.95 -5.48
N LEU B 75 35.86 -2.74 -4.99
CA LEU B 75 36.30 -3.35 -3.75
C LEU B 75 35.61 -2.72 -2.54
N LYS B 76 35.06 -1.52 -2.71
CA LYS B 76 34.33 -0.87 -1.62
C LYS B 76 32.88 -1.36 -1.56
N ASN B 77 32.40 -1.95 -2.66
CA ASN B 77 31.03 -2.41 -2.72
C ASN B 77 30.79 -3.57 -1.76
N THR B 78 29.80 -3.40 -0.88
CA THR B 78 29.52 -4.38 0.17
C THR B 78 29.12 -5.73 -0.40
N GLU B 79 28.38 -5.72 -1.50
CA GLU B 79 27.89 -6.97 -2.10
C GLU B 79 29.02 -7.75 -2.75
N VAL B 80 29.95 -7.04 -3.39
CA VAL B 80 31.10 -7.69 -4.01
C VAL B 80 32.01 -8.29 -2.94
N GLN B 81 32.27 -7.51 -1.89
CA GLN B 81 33.08 -7.99 -0.78
C GLN B 81 32.50 -9.26 -0.18
N ALA B 82 31.17 -9.29 -0.08
CA ALA B 82 30.47 -10.44 0.47
C ALA B 82 30.74 -11.69 -0.34
N ILE B 83 30.68 -11.56 -1.66
CA ILE B 83 30.93 -12.68 -2.56
C ILE B 83 32.38 -13.14 -2.46
N ILE B 84 33.31 -12.20 -2.64
CA ILE B 84 34.74 -12.53 -2.60
C ILE B 84 35.13 -13.16 -1.27
N THR B 85 34.63 -12.60 -0.17
CA THR B 85 34.96 -13.11 1.15
C THR B 85 34.36 -14.50 1.38
N ALA B 86 33.12 -14.69 0.93
CA ALA B 86 32.40 -15.94 1.14
C ALA B 86 33.01 -17.09 0.33
N LEU B 87 33.44 -16.79 -0.89
CA LEU B 87 34.04 -17.80 -1.76
C LEU B 87 35.41 -18.23 -1.25
N GLY B 88 36.04 -17.35 -0.46
CA GLY B 88 37.31 -17.67 0.16
C GLY B 88 38.51 -17.42 -0.73
N THR B 89 38.30 -17.60 -2.04
CA THR B 89 39.36 -17.37 -3.01
C THR B 89 39.68 -15.89 -3.16
N GLY B 90 40.89 -15.60 -3.59
CA GLY B 90 41.27 -14.23 -3.88
C GLY B 90 40.68 -13.77 -5.20
N ILE B 91 41.30 -12.76 -5.81
CA ILE B 91 40.86 -12.26 -7.10
C ILE B 91 42.05 -11.94 -8.01
N HIS B 92 41.83 -12.03 -9.32
CA HIS B 92 42.87 -11.74 -10.31
C HIS B 92 44.10 -12.62 -10.09
N ASP B 93 45.26 -12.00 -9.87
CA ASP B 93 46.51 -12.73 -9.75
C ASP B 93 46.63 -13.46 -8.42
N GLU B 94 45.93 -12.94 -7.41
CA GLU B 94 45.98 -13.52 -6.06
C GLU B 94 44.91 -14.61 -5.90
N PHE B 95 44.36 -15.07 -7.03
CA PHE B 95 43.35 -16.12 -7.03
C PHE B 95 43.98 -17.47 -6.68
N ASP B 96 43.41 -18.15 -5.68
CA ASP B 96 43.88 -19.47 -5.26
C ASP B 96 42.71 -20.42 -5.08
N ILE B 97 42.43 -21.22 -6.10
CA ILE B 97 41.27 -22.11 -6.11
C ILE B 97 41.29 -23.09 -4.93
N GLY B 98 42.47 -23.32 -4.37
CA GLY B 98 42.62 -24.22 -3.23
C GLY B 98 41.80 -23.80 -2.02
N LYS B 99 41.54 -22.50 -1.89
CA LYS B 99 40.81 -21.97 -0.75
C LYS B 99 39.32 -21.80 -1.06
N LEU B 100 38.87 -22.34 -2.18
CA LEU B 100 37.46 -22.28 -2.54
C LEU B 100 36.64 -23.01 -1.48
N ARG B 101 35.73 -22.29 -0.83
CA ARG B 101 34.98 -22.84 0.30
C ARG B 101 33.71 -23.57 -0.14
N TYR B 102 33.33 -23.39 -1.40
CA TYR B 102 32.18 -24.09 -1.96
C TYR B 102 32.49 -24.50 -3.40
N HIS B 103 32.39 -25.80 -3.68
CA HIS B 103 32.68 -26.30 -5.01
C HIS B 103 31.46 -26.22 -5.92
N LYS B 104 30.36 -25.72 -5.38
CA LYS B 104 29.17 -25.45 -6.17
C LYS B 104 28.63 -24.06 -5.86
N ILE B 105 28.72 -23.17 -6.83
CA ILE B 105 28.24 -21.79 -6.68
C ILE B 105 27.00 -21.58 -7.55
N VAL B 106 25.83 -21.72 -6.93
CA VAL B 106 24.57 -21.62 -7.66
C VAL B 106 24.05 -20.19 -7.61
N LEU B 107 23.92 -19.57 -8.79
CA LEU B 107 23.29 -18.26 -8.91
C LEU B 107 21.79 -18.43 -9.08
N MET B 108 21.02 -17.88 -8.15
CA MET B 108 19.56 -18.02 -8.18
C MET B 108 18.88 -16.65 -8.18
N ALA B 109 18.36 -16.28 -9.34
CA ALA B 109 17.69 -14.99 -9.53
C ALA B 109 16.26 -15.22 -10.02
N ASP B 110 15.45 -14.16 -10.03
CA ASP B 110 14.09 -14.25 -10.54
C ASP B 110 14.10 -14.62 -12.01
N ALA B 111 13.01 -15.24 -12.47
CA ALA B 111 12.86 -15.59 -13.88
C ALA B 111 12.67 -14.35 -14.75
N ASP B 112 12.37 -13.21 -14.13
CA ASP B 112 12.13 -11.97 -14.87
C ASP B 112 13.42 -11.40 -15.45
N VAL B 113 13.30 -10.29 -16.18
CA VAL B 113 14.43 -9.70 -16.90
C VAL B 113 15.48 -9.14 -15.95
N ASP B 114 15.06 -8.63 -14.80
CA ASP B 114 15.98 -8.04 -13.85
C ASP B 114 16.84 -9.12 -13.20
N GLY B 115 16.29 -10.33 -13.13
CA GLY B 115 17.03 -11.48 -12.66
C GLY B 115 18.07 -11.86 -13.69
N GLN B 116 17.68 -11.83 -14.96
CA GLN B 116 18.61 -12.09 -16.04
C GLN B 116 19.75 -11.08 -16.01
N HIS B 117 19.42 -9.82 -15.76
CA HIS B 117 20.42 -8.76 -15.70
C HIS B 117 21.40 -8.99 -14.55
N ILE B 118 20.89 -9.36 -13.39
CA ILE B 118 21.74 -9.62 -12.23
C ILE B 118 22.67 -10.80 -12.51
N SER B 119 22.19 -11.77 -13.27
CA SER B 119 23.01 -12.92 -13.66
C SER B 119 24.21 -12.47 -14.48
N THR B 120 23.97 -11.58 -15.44
CA THR B 120 25.03 -11.11 -16.31
C THR B 120 26.07 -10.31 -15.53
N LEU B 121 25.61 -9.58 -14.52
CA LEU B 121 26.49 -8.79 -13.68
C LEU B 121 27.35 -9.70 -12.80
N LEU B 122 26.76 -10.77 -12.29
CA LEU B 122 27.49 -11.75 -11.50
C LEU B 122 28.46 -12.55 -12.36
N LEU B 123 28.01 -13.00 -13.52
CA LEU B 123 28.87 -13.74 -14.44
C LEU B 123 30.06 -12.88 -14.87
N THR B 124 29.83 -11.57 -14.97
CA THR B 124 30.89 -10.62 -15.32
C THR B 124 31.90 -10.52 -14.18
N LEU B 125 31.41 -10.43 -12.96
CA LEU B 125 32.27 -10.40 -11.78
C LEU B 125 33.14 -11.64 -11.74
N LEU B 126 32.52 -12.80 -11.92
CA LEU B 126 33.22 -14.07 -11.86
C LEU B 126 34.25 -14.20 -12.99
N PHE B 127 33.83 -13.86 -14.21
CA PHE B 127 34.70 -14.03 -15.37
C PHE B 127 35.93 -13.12 -15.32
N ARG B 128 35.81 -11.96 -14.69
CA ARG B 128 36.88 -10.97 -14.67
C ARG B 128 37.79 -11.12 -13.45
N PHE B 129 37.23 -11.53 -12.33
CA PHE B 129 37.97 -11.60 -11.07
C PHE B 129 38.34 -13.02 -10.69
N MET B 130 37.48 -13.98 -11.05
CA MET B 130 37.62 -15.36 -10.60
C MET B 130 37.29 -16.35 -11.71
N ARG B 131 37.94 -16.20 -12.85
CA ARG B 131 37.62 -16.97 -14.04
C ARG B 131 37.72 -18.49 -13.85
N PRO B 132 38.76 -18.96 -13.12
CA PRO B 132 38.92 -20.41 -12.93
C PRO B 132 37.68 -21.09 -12.34
N LEU B 133 36.86 -20.34 -11.61
CA LEU B 133 35.64 -20.89 -11.04
C LEU B 133 34.69 -21.33 -12.16
N ILE B 134 34.72 -20.60 -13.27
CA ILE B 134 33.90 -20.92 -14.43
C ILE B 134 34.54 -22.03 -15.24
N GLU B 135 35.85 -21.94 -15.42
CA GLU B 135 36.61 -22.90 -16.22
C GLU B 135 36.52 -24.31 -15.66
N ASN B 136 36.50 -24.41 -14.33
CA ASN B 136 36.46 -25.71 -13.67
C ASN B 136 35.03 -26.13 -13.30
N GLY B 137 34.05 -25.40 -13.82
CA GLY B 137 32.65 -25.78 -13.69
C GLY B 137 32.10 -25.71 -12.28
N HIS B 138 32.53 -24.71 -11.52
CA HIS B 138 32.03 -24.52 -10.16
C HIS B 138 30.83 -23.55 -10.12
N VAL B 139 30.54 -22.93 -11.26
CA VAL B 139 29.45 -21.97 -11.35
C VAL B 139 28.23 -22.59 -12.01
N PHE B 140 27.08 -22.46 -11.35
CA PHE B 140 25.82 -23.01 -11.87
C PHE B 140 24.71 -21.97 -11.82
N LEU B 141 23.67 -22.21 -12.62
CA LEU B 141 22.49 -21.34 -12.63
C LEU B 141 21.24 -22.14 -12.27
N ALA B 142 20.57 -21.74 -11.20
CA ALA B 142 19.32 -22.38 -10.81
C ALA B 142 18.18 -21.83 -11.65
N GLN B 143 17.32 -22.72 -12.14
CA GLN B 143 16.16 -22.32 -12.92
C GLN B 143 14.91 -22.33 -12.05
N PRO B 144 14.40 -21.14 -11.66
CA PRO B 144 13.22 -21.13 -10.79
C PRO B 144 11.96 -21.59 -11.51
N PRO B 145 10.94 -22.03 -10.77
CA PRO B 145 9.66 -22.36 -11.39
C PRO B 145 8.93 -21.11 -11.87
N LEU B 146 8.01 -21.27 -12.82
CA LEU B 146 7.18 -20.19 -13.29
C LEU B 146 5.73 -20.39 -12.87
N TYR B 147 5.31 -21.64 -12.77
CA TYR B 147 3.93 -21.96 -12.43
C TYR B 147 3.85 -23.08 -11.38
N LYS B 148 2.77 -23.06 -10.61
CA LYS B 148 2.44 -24.13 -9.68
C LYS B 148 1.00 -24.57 -9.91
N LEU B 149 0.83 -25.79 -10.43
CA LEU B 149 -0.50 -26.34 -10.68
C LEU B 149 -1.05 -26.95 -9.38
N LYS B 150 -2.19 -26.41 -8.93
CA LYS B 150 -2.80 -26.83 -7.68
C LYS B 150 -4.02 -27.71 -7.92
N TRP B 151 -3.80 -29.01 -8.10
CA TRP B 151 -4.90 -29.95 -8.34
C TRP B 151 -5.76 -30.10 -7.09
N GLN B 152 -7.05 -30.35 -7.30
CA GLN B 152 -8.01 -30.39 -6.19
C GLN B 152 -7.74 -31.53 -5.21
N ARG B 153 -7.31 -32.67 -5.73
CA ARG B 153 -7.13 -33.87 -4.92
C ARG B 153 -5.69 -34.37 -4.96
N SER B 154 -5.00 -34.09 -6.06
CA SER B 154 -3.66 -34.61 -6.27
C SER B 154 -2.59 -33.65 -5.74
N ASP B 155 -1.36 -34.15 -5.67
CA ASP B 155 -0.22 -33.33 -5.25
C ASP B 155 0.04 -32.24 -6.27
N PRO B 156 0.52 -31.07 -5.81
CA PRO B 156 0.77 -29.96 -6.73
C PRO B 156 2.00 -30.20 -7.62
N GLU B 157 1.95 -29.69 -8.85
CA GLU B 157 3.05 -29.83 -9.79
C GLU B 157 3.65 -28.46 -10.13
N PHE B 158 4.95 -28.42 -10.35
CA PHE B 158 5.64 -27.18 -10.71
C PHE B 158 6.05 -27.22 -12.17
N ALA B 159 5.97 -26.06 -12.83
CA ALA B 159 6.34 -25.93 -14.24
C ALA B 159 7.38 -24.83 -14.41
N TYR B 160 8.36 -25.08 -15.27
CA TYR B 160 9.46 -24.14 -15.48
C TYR B 160 9.35 -23.41 -16.82
N SER B 161 8.24 -23.62 -17.53
CA SER B 161 7.99 -22.92 -18.78
C SER B 161 6.51 -22.95 -19.14
N ASP B 162 6.10 -22.09 -20.06
CA ASP B 162 4.72 -22.05 -20.52
C ASP B 162 4.32 -23.38 -21.16
N ARG B 163 5.25 -23.97 -21.91
CA ARG B 163 5.00 -25.23 -22.58
C ARG B 163 4.75 -26.35 -21.58
N GLU B 164 5.63 -26.45 -20.59
CA GLU B 164 5.51 -27.48 -19.57
C GLU B 164 4.20 -27.33 -18.80
N ARG B 165 3.81 -26.08 -18.56
CA ARG B 165 2.52 -25.79 -17.93
C ARG B 165 1.38 -26.39 -18.74
N ASP B 166 1.36 -26.09 -20.03
CA ASP B 166 0.32 -26.59 -20.93
C ASP B 166 0.31 -28.11 -20.98
N GLY B 167 1.51 -28.70 -20.94
CA GLY B 167 1.66 -30.14 -20.99
C GLY B 167 1.13 -30.82 -19.74
N LEU B 168 1.58 -30.34 -18.59
CA LEU B 168 1.19 -30.93 -17.31
C LEU B 168 -0.31 -30.72 -17.07
N LEU B 169 -0.83 -29.59 -17.53
CA LEU B 169 -2.25 -29.32 -17.43
C LEU B 169 -3.04 -30.31 -18.28
N GLU B 170 -2.60 -30.47 -19.52
CA GLU B 170 -3.23 -31.38 -20.46
C GLU B 170 -3.21 -32.83 -19.95
N ALA B 171 -2.04 -33.26 -19.49
CA ALA B 171 -1.88 -34.63 -18.99
C ALA B 171 -2.78 -34.89 -17.80
N GLY B 172 -2.81 -33.95 -16.86
CA GLY B 172 -3.61 -34.09 -15.66
C GLY B 172 -5.10 -34.18 -15.95
N LEU B 173 -5.59 -33.28 -16.79
CA LEU B 173 -7.00 -33.27 -17.18
C LEU B 173 -7.37 -34.59 -17.86
N LYS B 174 -6.48 -35.07 -18.71
CA LYS B 174 -6.69 -36.32 -19.41
C LYS B 174 -6.73 -37.49 -18.42
N ALA B 175 -5.94 -37.37 -17.35
CA ALA B 175 -5.86 -38.40 -16.33
C ALA B 175 -7.02 -38.31 -15.34
N GLY B 176 -7.91 -37.34 -15.52
CA GLY B 176 -9.11 -37.22 -14.72
C GLY B 176 -8.99 -36.29 -13.52
N LYS B 177 -7.85 -35.63 -13.39
CA LYS B 177 -7.64 -34.68 -12.31
C LYS B 177 -8.37 -33.37 -12.62
N LYS B 178 -8.54 -32.53 -11.60
CA LYS B 178 -9.27 -31.27 -11.76
C LYS B 178 -8.63 -30.13 -10.96
N ILE B 179 -8.79 -28.91 -11.47
CA ILE B 179 -8.25 -27.71 -10.84
C ILE B 179 -9.32 -26.66 -10.61
N ASN B 180 -9.15 -25.85 -9.56
CA ASN B 180 -9.96 -24.66 -9.35
C ASN B 180 -9.70 -23.65 -10.45
N LYS B 181 -10.76 -22.96 -10.90
CA LYS B 181 -10.59 -21.89 -11.88
C LYS B 181 -10.37 -20.55 -11.18
N GLU B 182 -10.32 -20.59 -9.85
CA GLU B 182 -10.01 -19.40 -9.04
C GLU B 182 -8.56 -19.45 -8.58
N ASP B 183 -8.29 -20.32 -7.61
CA ASP B 183 -6.93 -20.55 -7.15
C ASP B 183 -6.08 -20.98 -8.33
N GLY B 184 -6.43 -22.14 -8.89
CA GLY B 184 -5.87 -22.61 -10.15
C GLY B 184 -4.36 -22.67 -10.21
N ILE B 185 -3.81 -22.11 -11.29
CA ILE B 185 -2.38 -22.14 -11.52
C ILE B 185 -1.74 -20.87 -10.98
N GLN B 186 -0.97 -21.00 -9.91
CA GLN B 186 -0.23 -19.89 -9.36
C GLN B 186 0.99 -19.60 -10.23
N ARG B 187 1.13 -18.34 -10.63
CA ARG B 187 2.26 -17.92 -11.44
C ARG B 187 3.27 -17.16 -10.60
N TYR B 188 4.50 -17.67 -10.53
CA TYR B 188 5.56 -17.02 -9.78
C TYR B 188 6.14 -15.88 -10.61
N LYS B 189 6.25 -14.71 -10.00
CA LYS B 189 6.85 -13.55 -10.64
C LYS B 189 8.22 -13.24 -10.02
N GLY B 190 8.66 -14.09 -9.11
CA GLY B 190 9.95 -13.92 -8.48
C GLY B 190 10.17 -14.88 -7.32
N LEU B 191 11.42 -15.06 -6.94
CA LEU B 191 11.78 -15.94 -5.84
C LEU B 191 11.21 -15.44 -4.51
N GLY B 192 11.02 -14.13 -4.40
CA GLY B 192 10.53 -13.52 -3.18
C GLY B 192 9.10 -13.92 -2.84
N GLU B 193 8.37 -14.39 -3.85
CA GLU B 193 6.98 -14.79 -3.66
C GLU B 193 6.86 -16.22 -3.15
N MET B 194 7.98 -16.95 -3.17
CA MET B 194 7.98 -18.35 -2.75
C MET B 194 8.29 -18.50 -1.27
N ASP B 195 7.73 -19.56 -0.67
CA ASP B 195 8.05 -19.89 0.71
C ASP B 195 9.20 -20.89 0.75
N ALA B 196 9.58 -21.32 1.94
CA ALA B 196 10.72 -22.23 2.11
C ALA B 196 10.49 -23.55 1.39
N LYS B 197 9.32 -24.15 1.61
CA LYS B 197 8.98 -25.44 1.02
C LYS B 197 9.06 -25.41 -0.50
N GLU B 198 8.42 -24.41 -1.10
CA GLU B 198 8.37 -24.28 -2.55
C GLU B 198 9.77 -24.16 -3.15
N LEU B 199 10.63 -23.39 -2.50
CA LEU B 199 12.01 -23.22 -2.98
C LEU B 199 12.79 -24.52 -2.92
N TRP B 200 12.62 -25.26 -1.83
CA TRP B 200 13.29 -26.54 -1.67
C TRP B 200 12.89 -27.50 -2.79
N GLU B 201 11.58 -27.63 -3.01
CA GLU B 201 11.05 -28.63 -3.92
C GLU B 201 11.16 -28.23 -5.39
N THR B 202 11.92 -27.18 -5.68
CA THR B 202 12.05 -26.70 -7.06
C THR B 202 13.45 -26.22 -7.44
N THR B 203 14.24 -25.76 -6.47
CA THR B 203 15.52 -25.14 -6.78
C THR B 203 16.68 -25.57 -5.89
N MET B 204 16.38 -26.21 -4.75
CA MET B 204 17.42 -26.54 -3.77
C MET B 204 17.51 -28.04 -3.47
N ASP B 205 16.39 -28.75 -3.61
CA ASP B 205 16.40 -30.20 -3.45
C ASP B 205 17.24 -30.79 -4.58
N PRO B 206 18.39 -31.40 -4.26
CA PRO B 206 19.30 -31.85 -5.33
C PRO B 206 18.71 -32.92 -6.25
N SER B 207 17.63 -33.57 -5.83
CA SER B 207 17.05 -34.66 -6.60
C SER B 207 16.00 -34.20 -7.61
N VAL B 208 15.68 -32.90 -7.60
CA VAL B 208 14.66 -32.36 -8.50
C VAL B 208 15.02 -30.99 -9.06
N ARG B 209 16.02 -30.34 -8.48
CA ARG B 209 16.40 -28.99 -8.90
C ARG B 209 16.94 -29.00 -10.33
N VAL B 210 16.68 -27.91 -11.06
CA VAL B 210 17.17 -27.76 -12.42
C VAL B 210 18.30 -26.73 -12.46
N LEU B 211 19.53 -27.23 -12.42
CA LEU B 211 20.72 -26.39 -12.46
C LEU B 211 21.36 -26.44 -13.84
N ARG B 212 21.96 -25.33 -14.26
CA ARG B 212 22.72 -25.27 -15.51
C ARG B 212 24.17 -24.91 -15.22
N GLN B 213 25.09 -25.76 -15.64
CA GLN B 213 26.51 -25.53 -15.41
C GLN B 213 27.11 -24.61 -16.46
N VAL B 214 27.64 -23.47 -16.02
CA VAL B 214 28.25 -22.51 -16.91
C VAL B 214 29.59 -23.03 -17.42
N THR B 215 29.67 -23.23 -18.73
CA THR B 215 30.91 -23.69 -19.38
C THR B 215 31.54 -22.53 -20.15
N LEU B 216 32.86 -22.56 -20.27
CA LEU B 216 33.61 -21.54 -21.00
C LEU B 216 34.42 -22.19 -22.12
N ASP B 217 33.97 -21.98 -23.35
CA ASP B 217 34.63 -22.54 -24.52
C ASP B 217 35.76 -21.65 -25.01
N ASP B 218 35.41 -20.62 -25.78
CA ASP B 218 36.40 -19.69 -26.32
C ASP B 218 36.56 -18.50 -25.39
N ALA B 219 37.71 -18.43 -24.71
CA ALA B 219 37.97 -17.38 -23.74
C ALA B 219 38.10 -16.01 -24.41
N ALA B 220 38.75 -15.97 -25.57
CA ALA B 220 38.95 -14.73 -26.30
C ALA B 220 37.63 -14.16 -26.80
N ALA B 221 36.78 -15.03 -27.34
CA ALA B 221 35.46 -14.63 -27.82
C ALA B 221 34.60 -14.12 -26.66
N ALA B 222 34.66 -14.83 -25.53
CA ALA B 222 33.93 -14.44 -24.34
C ALA B 222 34.39 -13.08 -23.84
N ASP B 223 35.70 -12.88 -23.80
CA ASP B 223 36.30 -11.62 -23.38
C ASP B 223 35.73 -10.46 -24.20
N GLU B 224 35.62 -10.65 -25.51
CA GLU B 224 35.11 -9.62 -26.38
C GLU B 224 33.65 -9.33 -26.11
N LEU B 225 32.85 -10.37 -25.95
CA LEU B 225 31.42 -10.23 -25.72
C LEU B 225 31.14 -9.52 -24.41
N PHE B 226 31.89 -9.88 -23.36
CA PHE B 226 31.76 -9.22 -22.07
C PHE B 226 32.05 -7.72 -22.19
N SER B 227 33.12 -7.40 -22.93
CA SER B 227 33.52 -6.01 -23.10
C SER B 227 32.48 -5.22 -23.89
N ILE B 228 31.86 -5.87 -24.87
CA ILE B 228 30.84 -5.21 -25.68
C ILE B 228 29.59 -4.95 -24.84
N LEU B 229 29.05 -5.99 -24.23
CA LEU B 229 27.80 -5.91 -23.50
C LEU B 229 27.91 -5.11 -22.21
N MET B 230 29.02 -5.26 -21.50
CA MET B 230 29.15 -4.71 -20.16
C MET B 230 30.05 -3.48 -20.10
N GLY B 231 30.76 -3.20 -21.20
CA GLY B 231 31.72 -2.11 -21.21
C GLY B 231 31.09 -0.73 -21.26
N GLU B 232 31.95 0.29 -21.27
CA GLU B 232 31.51 1.68 -21.28
C GLU B 232 31.11 2.15 -22.68
N ASP B 233 31.62 1.47 -23.70
CA ASP B 233 31.31 1.83 -25.08
C ASP B 233 29.84 1.53 -25.37
N VAL B 234 29.02 2.59 -25.42
CA VAL B 234 27.60 2.45 -25.65
C VAL B 234 27.29 2.09 -27.10
N ASP B 235 27.95 2.79 -28.02
CA ASP B 235 27.73 2.58 -29.45
C ASP B 235 27.88 1.10 -29.81
N ALA B 236 28.95 0.49 -29.32
CA ALA B 236 29.20 -0.93 -29.57
C ALA B 236 28.05 -1.78 -29.07
N ARG B 237 27.58 -1.49 -27.86
CA ARG B 237 26.48 -2.22 -27.25
C ARG B 237 25.17 -1.96 -28.00
N ARG B 238 24.94 -0.71 -28.37
CA ARG B 238 23.72 -0.33 -29.09
C ARG B 238 23.62 -1.10 -30.41
N SER B 239 24.70 -1.07 -31.19
CA SER B 239 24.72 -1.73 -32.49
C SER B 239 24.62 -3.25 -32.34
N PHE B 240 25.24 -3.78 -31.29
CA PHE B 240 25.22 -5.21 -31.03
C PHE B 240 23.79 -5.69 -30.75
N ILE B 241 23.06 -4.92 -29.96
CA ILE B 241 21.68 -5.27 -29.61
C ILE B 241 20.79 -5.20 -30.84
N THR B 242 20.86 -4.09 -31.57
CA THR B 242 20.06 -3.92 -32.78
C THR B 242 20.43 -5.00 -33.82
N ARG B 243 21.66 -5.47 -33.77
CA ARG B 243 22.14 -6.48 -34.71
C ARG B 243 21.68 -7.90 -34.32
N ASN B 244 21.72 -8.21 -33.04
CA ASN B 244 21.53 -9.60 -32.58
C ASN B 244 20.24 -9.87 -31.82
N ALA B 245 19.55 -8.83 -31.38
CA ALA B 245 18.30 -9.02 -30.64
C ALA B 245 17.22 -9.60 -31.55
N LYS B 246 17.34 -9.30 -32.84
CA LYS B 246 16.41 -9.78 -33.85
C LYS B 246 16.41 -11.31 -33.95
N ASP B 247 17.50 -11.93 -33.50
CA ASP B 247 17.69 -13.38 -33.67
C ASP B 247 17.96 -14.09 -32.34
N VAL B 248 17.57 -13.48 -31.23
CA VAL B 248 17.84 -14.05 -29.91
C VAL B 248 17.09 -15.36 -29.68
N ARG B 249 15.91 -15.47 -30.29
CA ARG B 249 15.08 -16.66 -30.16
C ARG B 249 15.71 -17.92 -30.77
N PHE B 250 16.53 -17.72 -31.80
CA PHE B 250 17.01 -18.82 -32.62
C PHE B 250 18.45 -19.22 -32.31
N LEU B 251 18.87 -18.97 -31.08
CA LEU B 251 20.23 -19.29 -30.67
C LEU B 251 20.43 -20.80 -30.42
N ASP B 252 19.33 -21.49 -30.10
CA ASP B 252 19.39 -22.91 -29.75
C ASP B 252 18.61 -23.79 -30.72
N VAL B 253 18.12 -23.21 -31.81
CA VAL B 253 17.36 -23.97 -32.80
C VAL B 253 18.27 -24.92 -33.56
N ILE C 14 -3.17 35.65 22.42
CA ILE C 14 -2.60 34.37 22.84
C ILE C 14 -3.25 33.91 24.13
N GLU C 15 -3.81 32.72 24.12
CA GLU C 15 -4.48 32.17 25.30
C GLU C 15 -3.46 31.50 26.22
N PRO C 16 -3.58 31.72 27.54
CA PRO C 16 -2.69 31.02 28.48
C PRO C 16 -3.27 29.69 28.93
N VAL C 17 -2.41 28.69 29.13
CA VAL C 17 -2.83 27.40 29.64
C VAL C 17 -1.80 26.91 30.66
N ASP C 18 -2.28 26.40 31.79
CA ASP C 18 -1.38 25.93 32.84
C ASP C 18 -0.84 24.55 32.49
N ILE C 19 0.42 24.33 32.83
CA ILE C 19 1.10 23.09 32.44
C ILE C 19 0.45 21.86 33.08
N GLU C 20 -0.09 22.01 34.28
CA GLU C 20 -0.74 20.90 34.97
C GLU C 20 -2.02 20.47 34.26
N GLN C 21 -2.84 21.44 33.87
CA GLN C 21 -4.05 21.17 33.11
C GLN C 21 -3.72 20.47 31.80
N GLU C 22 -2.73 20.98 31.10
CA GLU C 22 -2.31 20.43 29.82
C GLU C 22 -1.80 19.00 29.95
N MET C 23 -0.87 18.80 30.87
CA MET C 23 -0.27 17.48 31.10
C MET C 23 -1.32 16.44 31.46
N GLN C 24 -2.18 16.78 32.43
CA GLN C 24 -3.20 15.87 32.90
C GLN C 24 -4.17 15.50 31.78
N ARG C 25 -4.70 16.52 31.10
CA ARG C 25 -5.66 16.31 30.03
C ARG C 25 -5.07 15.48 28.89
N SER C 26 -3.90 15.88 28.43
CA SER C 26 -3.27 15.23 27.28
C SER C 26 -2.88 13.77 27.56
N TYR C 27 -2.29 13.52 28.72
CA TYR C 27 -1.82 12.18 29.04
C TYR C 27 -2.98 11.23 29.31
N ILE C 28 -4.02 11.71 29.99
CA ILE C 28 -5.20 10.90 30.24
C ILE C 28 -5.87 10.53 28.90
N ASP C 29 -5.97 11.49 28.00
CA ASP C 29 -6.53 11.24 26.68
C ASP C 29 -5.74 10.14 25.97
N TYR C 30 -4.43 10.18 26.12
CA TYR C 30 -3.57 9.16 25.52
C TYR C 30 -3.79 7.80 26.18
N ALA C 31 -3.69 7.76 27.50
CA ALA C 31 -3.82 6.52 28.24
C ALA C 31 -5.14 5.82 27.93
N MET C 32 -6.24 6.55 27.95
CA MET C 32 -7.56 5.95 27.80
C MET C 32 -7.78 5.34 26.42
N SER C 33 -7.41 6.05 25.37
CA SER C 33 -7.59 5.54 24.01
C SER C 33 -6.67 4.35 23.75
N VAL C 34 -5.46 4.40 24.26
CA VAL C 34 -4.55 3.26 24.19
C VAL C 34 -5.15 2.06 24.91
N ILE C 35 -5.69 2.31 26.10
CA ILE C 35 -6.31 1.25 26.90
C ILE C 35 -7.50 0.64 26.17
N VAL C 36 -8.40 1.50 25.70
CA VAL C 36 -9.67 1.04 25.15
C VAL C 36 -9.61 0.81 23.64
N GLY C 37 -8.76 1.57 22.96
CA GLY C 37 -8.73 1.58 21.50
C GLY C 37 -7.38 1.38 20.85
N ARG C 38 -6.55 0.51 21.41
CA ARG C 38 -5.28 0.16 20.77
C ARG C 38 -4.67 -1.16 21.26
N ALA C 39 -4.25 -1.17 22.52
CA ALA C 39 -3.40 -2.25 23.02
C ALA C 39 -4.14 -3.44 23.59
N LEU C 40 -5.41 -3.25 23.98
CA LEU C 40 -6.13 -4.30 24.70
C LEU C 40 -7.32 -4.85 23.90
N PRO C 41 -7.59 -6.16 24.04
CA PRO C 41 -8.66 -6.82 23.28
C PRO C 41 -10.07 -6.61 23.85
N GLU C 42 -11.03 -6.47 22.95
CA GLU C 42 -12.44 -6.53 23.31
C GLU C 42 -12.76 -7.96 23.77
N VAL C 43 -13.49 -8.09 24.87
CA VAL C 43 -13.75 -9.40 25.46
C VAL C 43 -14.61 -10.29 24.56
N ARG C 44 -15.47 -9.66 23.76
CA ARG C 44 -16.45 -10.39 22.95
C ARG C 44 -15.85 -11.11 21.74
N ASP C 45 -14.90 -10.48 21.06
CA ASP C 45 -14.25 -11.10 19.89
C ASP C 45 -12.74 -11.22 20.07
N GLY C 46 -12.21 -10.73 21.19
CA GLY C 46 -10.80 -10.87 21.50
C GLY C 46 -9.89 -10.10 20.56
N LEU C 47 -10.44 -9.09 19.89
CA LEU C 47 -9.70 -8.34 18.89
C LEU C 47 -9.36 -6.93 19.33
N LYS C 48 -8.18 -6.47 18.95
CA LYS C 48 -7.82 -5.06 19.05
C LYS C 48 -8.31 -4.37 17.80
N PRO C 49 -8.44 -3.03 17.83
CA PRO C 49 -8.96 -2.28 16.69
C PRO C 49 -8.26 -2.59 15.37
N VAL C 50 -6.94 -2.70 15.37
CA VAL C 50 -6.21 -2.95 14.13
C VAL C 50 -6.57 -4.33 13.58
N HIS C 51 -6.69 -5.31 14.47
CA HIS C 51 -7.08 -6.66 14.06
C HIS C 51 -8.46 -6.63 13.40
N ARG C 52 -9.41 -6.04 14.09
CA ARG C 52 -10.79 -5.99 13.62
C ARG C 52 -10.91 -5.27 12.29
N ARG C 53 -10.15 -4.20 12.13
CA ARG C 53 -10.24 -3.37 10.92
C ARG C 53 -9.58 -4.04 9.73
N VAL C 54 -8.46 -4.72 9.96
CA VAL C 54 -7.79 -5.48 8.91
C VAL C 54 -8.72 -6.57 8.38
N LEU C 55 -9.29 -7.35 9.30
CA LEU C 55 -10.13 -8.47 8.92
C LEU C 55 -11.37 -8.00 8.17
N TYR C 56 -12.00 -6.93 8.63
CA TYR C 56 -13.20 -6.43 7.98
C TYR C 56 -12.86 -5.85 6.61
N ALA C 57 -11.70 -5.21 6.51
CA ALA C 57 -11.26 -4.64 5.24
C ALA C 57 -11.09 -5.74 4.21
N MET C 58 -10.42 -6.82 4.61
CA MET C 58 -10.23 -7.97 3.74
C MET C 58 -11.56 -8.60 3.39
N PHE C 59 -12.45 -8.66 4.37
CA PHE C 59 -13.78 -9.24 4.19
C PHE C 59 -14.59 -8.45 3.18
N ASP C 60 -14.65 -7.14 3.38
CA ASP C 60 -15.41 -6.25 2.51
C ASP C 60 -14.80 -6.23 1.10
N SER C 61 -13.48 -6.41 1.03
CA SER C 61 -12.77 -6.43 -0.25
C SER C 61 -12.99 -7.74 -1.00
N GLY C 62 -13.55 -8.73 -0.30
CA GLY C 62 -13.83 -10.02 -0.90
C GLY C 62 -12.63 -10.94 -0.88
N PHE C 63 -11.61 -10.58 -0.11
CA PHE C 63 -10.40 -11.40 0.02
C PHE C 63 -10.69 -12.59 0.93
N ARG C 64 -11.47 -13.54 0.40
CA ARG C 64 -11.98 -14.66 1.17
C ARG C 64 -11.40 -15.97 0.65
N PRO C 65 -11.49 -17.05 1.44
CA PRO C 65 -10.90 -18.34 1.03
C PRO C 65 -11.51 -18.94 -0.24
N ASP C 66 -12.67 -18.44 -0.67
CA ASP C 66 -13.31 -18.95 -1.88
C ASP C 66 -12.76 -18.26 -3.14
N ARG C 67 -11.72 -17.45 -2.95
CA ARG C 67 -11.06 -16.78 -4.06
C ARG C 67 -9.56 -16.73 -3.78
N SER C 68 -8.77 -16.59 -4.84
CA SER C 68 -7.32 -16.63 -4.72
C SER C 68 -6.79 -15.51 -3.83
N HIS C 69 -5.61 -15.72 -3.27
CA HIS C 69 -4.97 -14.73 -2.41
C HIS C 69 -4.78 -13.41 -3.15
N ALA C 70 -5.22 -12.31 -2.54
CA ALA C 70 -4.96 -10.99 -3.06
C ALA C 70 -3.62 -10.50 -2.55
N LYS C 71 -2.95 -9.63 -3.30
CA LYS C 71 -1.70 -9.04 -2.83
C LYS C 71 -1.94 -8.34 -1.50
N SER C 72 -1.10 -8.65 -0.51
CA SER C 72 -1.31 -8.18 0.85
C SER C 72 -1.27 -6.66 0.93
N ALA C 73 -0.62 -6.02 -0.04
CA ALA C 73 -0.58 -4.56 -0.12
C ALA C 73 -1.99 -4.01 -0.24
N ARG C 74 -2.85 -4.72 -0.96
CA ARG C 74 -4.23 -4.29 -1.14
C ARG C 74 -5.01 -4.33 0.17
N SER C 75 -4.72 -5.32 1.01
CA SER C 75 -5.37 -5.44 2.30
C SER C 75 -4.93 -4.31 3.23
N VAL C 76 -3.62 -4.04 3.23
CA VAL C 76 -3.07 -2.95 4.02
C VAL C 76 -3.65 -1.61 3.59
N ALA C 77 -3.64 -1.36 2.28
CA ALA C 77 -4.11 -0.09 1.74
C ALA C 77 -5.60 0.14 2.00
N GLU C 78 -6.38 -0.92 1.88
CA GLU C 78 -7.82 -0.83 2.12
C GLU C 78 -8.10 -0.54 3.60
N THR C 79 -7.30 -1.15 4.48
CA THR C 79 -7.43 -0.93 5.91
C THR C 79 -7.05 0.52 6.23
N MET C 80 -6.00 1.01 5.59
CA MET C 80 -5.51 2.37 5.82
C MET C 80 -6.50 3.43 5.36
N GLY C 81 -7.05 3.23 4.17
CA GLY C 81 -7.86 4.25 3.51
C GLY C 81 -9.26 4.39 4.05
N ASN C 82 -9.76 3.36 4.72
CA ASN C 82 -11.17 3.32 5.12
C ASN C 82 -11.40 3.25 6.63
N TYR C 83 -10.47 2.63 7.37
CA TYR C 83 -10.73 2.31 8.77
C TYR C 83 -9.60 2.69 9.74
N HIS C 84 -8.37 2.41 9.35
CA HIS C 84 -7.23 2.55 10.26
C HIS C 84 -6.30 3.71 9.86
N PRO C 85 -6.49 4.89 10.46
CA PRO C 85 -5.70 6.05 10.04
C PRO C 85 -4.29 6.02 10.63
N HIS C 86 -3.49 5.04 10.22
CA HIS C 86 -2.12 4.91 10.67
C HIS C 86 -1.20 4.44 9.54
N GLY C 87 0.03 4.06 9.89
CA GLY C 87 1.03 3.74 8.89
C GLY C 87 0.85 2.37 8.27
N ASP C 88 1.29 2.25 7.01
CA ASP C 88 1.19 1.00 6.28
C ASP C 88 2.11 -0.06 6.84
N SER C 89 3.27 0.37 7.33
CA SER C 89 4.29 -0.53 7.86
C SER C 89 3.76 -1.40 9.00
N SER C 90 3.30 -0.75 10.07
CA SER C 90 2.87 -1.49 11.26
C SER C 90 1.58 -2.27 11.00
N ILE C 91 0.75 -1.77 10.11
CA ILE C 91 -0.48 -2.47 9.75
C ILE C 91 -0.12 -3.79 9.08
N TYR C 92 0.90 -3.77 8.24
CA TYR C 92 1.36 -4.99 7.60
C TYR C 92 1.87 -5.96 8.65
N ASP C 93 2.62 -5.46 9.64
CA ASP C 93 3.13 -6.29 10.72
C ASP C 93 1.99 -7.00 11.45
N SER C 94 0.93 -6.26 11.73
CA SER C 94 -0.23 -6.82 12.42
C SER C 94 -0.91 -7.88 11.56
N LEU C 95 -1.00 -7.63 10.27
CA LEU C 95 -1.58 -8.59 9.34
C LEU C 95 -0.71 -9.85 9.29
N VAL C 96 0.61 -9.65 9.23
CA VAL C 96 1.53 -10.76 9.13
C VAL C 96 1.40 -11.67 10.34
N ARG C 97 1.35 -11.07 11.53
CA ARG C 97 1.22 -11.85 12.77
C ARG C 97 0.01 -12.77 12.73
N MET C 98 -1.11 -12.25 12.25
CA MET C 98 -2.34 -13.04 12.21
C MET C 98 -2.27 -14.20 11.22
N ALA C 99 -1.14 -14.31 10.52
CA ALA C 99 -0.95 -15.37 9.53
C ALA C 99 0.11 -16.40 9.95
N GLN C 100 0.81 -16.13 11.05
CA GLN C 100 1.88 -17.01 11.50
C GLN C 100 1.36 -18.13 12.39
N PRO C 101 1.55 -19.40 11.99
CA PRO C 101 1.02 -20.50 12.80
C PRO C 101 1.68 -20.66 14.17
N TRP C 102 2.83 -20.02 14.38
CA TRP C 102 3.54 -20.12 15.66
C TRP C 102 3.19 -18.96 16.58
N SER C 103 2.45 -17.99 16.04
CA SER C 103 1.98 -16.85 16.82
C SER C 103 0.52 -17.06 17.23
N LEU C 104 -0.35 -17.28 16.26
CA LEU C 104 -1.76 -17.53 16.52
C LEU C 104 -2.06 -19.02 16.56
N ARG C 105 -2.74 -19.45 17.62
CA ARG C 105 -3.16 -20.84 17.76
C ARG C 105 -4.14 -21.22 16.65
N TYR C 106 -4.93 -20.23 16.23
CA TYR C 106 -5.89 -20.40 15.13
C TYR C 106 -5.78 -19.18 14.20
N PRO C 107 -4.86 -19.24 13.23
CA PRO C 107 -4.61 -18.12 12.32
C PRO C 107 -5.87 -17.56 11.66
N LEU C 108 -5.96 -16.24 11.58
CA LEU C 108 -7.12 -15.58 10.99
C LEU C 108 -6.82 -15.12 9.57
N VAL C 109 -5.54 -15.15 9.19
CA VAL C 109 -5.12 -14.77 7.85
C VAL C 109 -4.37 -15.93 7.17
N ASP C 110 -4.83 -16.29 5.99
CA ASP C 110 -4.13 -17.27 5.16
C ASP C 110 -3.06 -16.57 4.33
N GLY C 111 -1.81 -16.70 4.75
CA GLY C 111 -0.71 -16.04 4.07
C GLY C 111 -0.12 -16.91 2.98
N GLN C 112 0.27 -16.27 1.88
CA GLN C 112 0.98 -16.95 0.79
C GLN C 112 2.30 -16.26 0.54
N GLY C 113 3.38 -16.99 0.79
CA GLY C 113 4.73 -16.46 0.62
C GLY C 113 5.53 -16.56 1.90
N ASN C 114 6.55 -15.73 2.01
CA ASN C 114 7.44 -15.72 3.16
C ASN C 114 6.92 -14.82 4.28
N PHE C 115 6.38 -15.44 5.33
CA PHE C 115 5.86 -14.71 6.48
C PHE C 115 6.78 -14.85 7.69
N GLY C 116 8.04 -15.20 7.43
CA GLY C 116 9.04 -15.29 8.48
C GLY C 116 9.11 -16.66 9.12
N SER C 117 9.83 -16.74 10.24
CA SER C 117 9.96 -18.00 10.97
C SER C 117 9.95 -17.72 12.48
N PRO C 118 9.87 -18.78 13.29
CA PRO C 118 9.91 -18.60 14.75
C PRO C 118 11.25 -18.04 15.24
N GLY C 119 12.23 -18.00 14.36
CA GLY C 119 13.54 -17.46 14.68
C GLY C 119 13.66 -15.99 14.33
N ASN C 120 14.85 -15.57 13.95
CA ASN C 120 15.11 -14.17 13.62
C ASN C 120 14.92 -13.85 12.14
N ASP C 121 14.47 -14.83 11.37
CA ASP C 121 14.19 -14.62 9.95
C ASP C 121 12.95 -13.75 9.80
N PRO C 122 13.12 -12.48 9.36
CA PRO C 122 11.94 -11.61 9.28
C PRO C 122 11.04 -11.98 8.12
N PRO C 123 9.76 -11.56 8.18
CA PRO C 123 8.86 -11.82 7.05
C PRO C 123 9.27 -11.03 5.81
N ALA C 124 8.86 -11.49 4.63
CA ALA C 124 9.14 -10.75 3.41
C ALA C 124 8.39 -9.44 3.40
N ALA C 125 8.81 -8.53 2.53
CA ALA C 125 8.17 -7.23 2.42
C ALA C 125 6.77 -7.37 1.84
N MET C 126 5.98 -6.32 2.02
CA MET C 126 4.59 -6.26 1.56
C MET C 126 4.42 -6.64 0.09
N ARG C 127 5.39 -6.26 -0.74
CA ARG C 127 5.30 -6.46 -2.18
CA ARG C 127 5.29 -6.47 -2.19
C ARG C 127 5.31 -7.94 -2.57
N PTR C 128 5.85 -8.78 -1.70
CA PTR C 128 6.17 -10.17 -2.05
C PTR C 128 5.06 -11.06 -1.71
O PTR C 128 4.89 -12.15 -2.35
CB PTR C 128 7.37 -10.62 -1.27
CG PTR C 128 8.61 -9.90 -1.72
CD1 PTR C 128 9.40 -9.23 -0.79
CD2 PTR C 128 8.97 -9.90 -3.07
CE1 PTR C 128 10.55 -8.56 -1.21
CE2 PTR C 128 10.14 -9.22 -3.48
CZ PTR C 128 10.92 -8.56 -2.55
OH PTR C 128 12.06 -7.88 -2.94
P PTR C 128 13.33 -7.86 -2.00
O1P PTR C 128 13.61 -9.25 -1.49
O2P PTR C 128 14.58 -7.36 -2.80
O3P PTR C 128 13.10 -6.92 -0.80
HA PTR C 128 6.35 -10.25 -3.01
HB2 PTR C 128 7.23 -10.44 -0.33
HB3 PTR C 128 7.50 -11.58 -1.40
HD1 PTR C 128 9.16 -9.22 0.11
HD2 PTR C 128 8.45 -10.34 -3.69
HE1 PTR C 128 11.07 -8.11 -0.58
HE2 PTR C 128 10.37 -9.22 -4.38
N THR C 129 4.29 -10.69 -0.70
CA THR C 129 3.33 -11.61 -0.10
C THR C 129 1.89 -11.38 -0.58
N GLU C 130 1.11 -12.45 -0.55
CA GLU C 130 -0.32 -12.39 -0.81
C GLU C 130 -1.03 -12.88 0.45
N ALA C 131 -2.32 -12.56 0.57
CA ALA C 131 -3.05 -12.90 1.79
C ALA C 131 -4.55 -12.87 1.59
N ARG C 132 -5.23 -13.74 2.32
CA ARG C 132 -6.69 -13.75 2.35
C ARG C 132 -7.14 -14.23 3.72
N LEU C 133 -8.44 -14.18 3.97
CA LEU C 133 -8.98 -14.62 5.25
C LEU C 133 -9.00 -16.14 5.32
N THR C 134 -8.87 -16.67 6.55
CA THR C 134 -8.99 -18.11 6.78
C THR C 134 -10.46 -18.46 6.99
N PRO C 135 -10.81 -19.75 6.86
CA PRO C 135 -12.18 -20.20 7.12
C PRO C 135 -12.67 -19.83 8.52
N LEU C 136 -11.81 -19.91 9.52
CA LEU C 136 -12.19 -19.54 10.88
C LEU C 136 -12.44 -18.04 10.99
N ALA C 137 -11.64 -17.26 10.27
CA ALA C 137 -11.82 -15.81 10.24
C ALA C 137 -13.16 -15.49 9.58
N MET C 138 -13.62 -16.39 8.72
CA MET C 138 -14.92 -16.24 8.07
C MET C 138 -16.05 -16.46 9.07
N GLU C 139 -15.74 -17.19 10.14
CA GLU C 139 -16.70 -17.40 11.23
C GLU C 139 -16.68 -16.21 12.18
N MET C 140 -15.57 -15.48 12.22
CA MET C 140 -15.49 -14.26 12.99
C MET C 140 -16.45 -13.23 12.42
N LEU C 141 -16.62 -13.26 11.10
CA LEU C 141 -17.38 -12.26 10.37
C LEU C 141 -18.73 -12.78 9.89
N ARG C 142 -19.07 -14.01 10.29
CA ARG C 142 -20.29 -14.66 9.85
C ARG C 142 -21.53 -13.82 10.10
N GLU C 143 -22.24 -13.51 9.02
CA GLU C 143 -23.52 -12.80 9.07
C GLU C 143 -23.38 -11.42 9.73
N ILE C 144 -22.22 -10.79 9.52
CA ILE C 144 -21.99 -9.45 10.02
C ILE C 144 -22.89 -8.45 9.28
N ASP C 145 -23.36 -8.85 8.10
CA ASP C 145 -24.19 -7.99 7.26
C ASP C 145 -25.67 -8.11 7.58
N GLU C 146 -25.99 -8.79 8.69
CA GLU C 146 -27.38 -8.96 9.11
C GLU C 146 -27.66 -8.22 10.42
N GLU C 147 -26.98 -7.09 10.61
CA GLU C 147 -27.19 -6.23 11.76
C GLU C 147 -26.98 -6.98 13.08
N THR C 148 -25.99 -7.87 13.08
CA THR C 148 -25.68 -8.67 14.26
C THR C 148 -24.79 -7.91 15.24
N VAL C 149 -24.19 -6.82 14.75
CA VAL C 149 -23.32 -6.00 15.58
C VAL C 149 -23.50 -4.52 15.25
N ASP C 150 -23.27 -3.66 16.23
CA ASP C 150 -23.36 -2.23 16.02
C ASP C 150 -22.23 -1.74 15.13
N PHE C 151 -22.59 -0.90 14.15
CA PHE C 151 -21.62 -0.24 13.30
C PHE C 151 -21.55 1.24 13.66
N ILE C 152 -20.38 1.84 13.48
CA ILE C 152 -20.20 3.27 13.67
C ILE C 152 -19.45 3.85 12.49
N PRO C 153 -19.58 5.17 12.26
CA PRO C 153 -18.81 5.79 11.19
C PRO C 153 -17.32 5.68 11.42
N ASN C 154 -16.55 5.60 10.34
CA ASN C 154 -15.10 5.49 10.43
C ASN C 154 -14.47 6.82 10.87
N TYR C 155 -13.17 6.97 10.64
CA TYR C 155 -12.44 8.11 11.18
C TYR C 155 -12.75 9.42 10.47
N ASP C 156 -13.42 9.35 9.32
CA ASP C 156 -13.81 10.56 8.59
C ASP C 156 -15.27 10.52 8.13
N GLY C 157 -16.00 9.50 8.59
CA GLY C 157 -17.43 9.45 8.36
C GLY C 157 -17.87 9.07 6.95
N ARG C 158 -16.91 8.74 6.09
CA ARG C 158 -17.24 8.36 4.71
C ARG C 158 -17.96 7.02 4.69
N VAL C 159 -17.52 6.09 5.54
CA VAL C 159 -18.07 4.74 5.56
C VAL C 159 -18.25 4.21 6.98
N GLN C 160 -18.96 3.08 7.09
CA GLN C 160 -19.22 2.43 8.37
C GLN C 160 -18.22 1.33 8.67
N GLU C 161 -17.92 1.13 9.94
CA GLU C 161 -17.07 0.02 10.38
C GLU C 161 -17.73 -0.68 11.57
N PRO C 162 -17.44 -1.97 11.75
CA PRO C 162 -18.02 -2.72 12.86
C PRO C 162 -17.33 -2.41 14.19
N THR C 163 -18.12 -2.20 15.24
CA THR C 163 -17.57 -1.97 16.57
C THR C 163 -17.00 -3.25 17.15
N VAL C 164 -17.63 -4.37 16.80
CA VAL C 164 -17.20 -5.69 17.25
C VAL C 164 -17.65 -6.71 16.20
N LEU C 165 -16.94 -7.82 16.09
CA LEU C 165 -17.31 -8.85 15.12
C LEU C 165 -18.25 -9.87 15.76
N PRO C 166 -19.06 -10.56 14.95
CA PRO C 166 -19.93 -11.63 15.45
C PRO C 166 -19.15 -12.69 16.24
N SER C 167 -17.95 -13.02 15.78
CA SER C 167 -17.06 -13.92 16.49
C SER C 167 -17.77 -15.21 16.89
N ARG C 168 -18.08 -16.04 15.91
CA ARG C 168 -18.87 -17.24 16.15
C ARG C 168 -18.05 -18.38 16.77
N PHE C 169 -16.85 -18.06 17.24
CA PHE C 169 -16.10 -18.95 18.10
C PHE C 169 -15.32 -18.10 19.09
N PRO C 170 -15.11 -18.61 20.32
CA PRO C 170 -14.47 -17.79 21.36
C PRO C 170 -13.02 -17.45 21.01
N ASN C 171 -12.83 -16.38 20.25
CA ASN C 171 -11.52 -16.07 19.69
C ASN C 171 -10.54 -15.57 20.73
N LEU C 172 -11.03 -14.83 21.72
CA LEU C 172 -10.16 -14.28 22.75
C LEU C 172 -9.42 -15.40 23.48
N LEU C 173 -10.19 -16.38 23.95
CA LEU C 173 -9.59 -17.50 24.68
C LEU C 173 -8.83 -18.42 23.74
N ALA C 174 -9.32 -18.57 22.51
CA ALA C 174 -8.69 -19.47 21.55
C ALA C 174 -7.30 -18.98 21.14
N ASN C 175 -7.24 -17.75 20.64
CA ASN C 175 -5.99 -17.18 20.14
C ASN C 175 -5.23 -16.37 21.18
N GLY C 176 -5.88 -16.06 22.30
CA GLY C 176 -5.23 -15.28 23.34
C GLY C 176 -4.99 -13.85 22.91
N SER C 177 -4.22 -13.11 23.70
CA SER C 177 -3.87 -11.74 23.38
C SER C 177 -2.79 -11.21 24.32
N GLY C 178 -1.86 -10.45 23.76
CA GLY C 178 -0.82 -9.79 24.54
C GLY C 178 -0.72 -8.34 24.12
N GLY C 179 -0.70 -7.43 25.10
CA GLY C 179 -0.70 -6.01 24.79
C GLY C 179 -0.22 -5.14 25.94
N ILE C 180 0.59 -4.14 25.59
CA ILE C 180 1.06 -3.15 26.55
C ILE C 180 0.31 -1.84 26.36
N ALA C 181 -0.43 -1.45 27.39
CA ALA C 181 -1.20 -0.20 27.36
C ALA C 181 -0.53 0.83 28.27
N VAL C 182 -1.34 1.67 28.90
CA VAL C 182 -0.84 2.65 29.86
C VAL C 182 -1.42 2.34 31.24
N GLY C 183 -0.55 2.19 32.22
CA GLY C 183 -0.97 1.85 33.56
C GLY C 183 -1.33 0.38 33.72
N MET C 184 -1.42 -0.34 32.61
CA MET C 184 -1.81 -1.75 32.65
C MET C 184 -1.42 -2.48 31.36
N ALA C 185 -1.41 -3.81 31.43
CA ALA C 185 -1.09 -4.64 30.26
C ALA C 185 -1.82 -5.96 30.36
N THR C 186 -2.01 -6.62 29.22
CA THR C 186 -2.73 -7.89 29.17
C THR C 186 -1.84 -9.00 28.63
N ASN C 187 -2.12 -10.22 29.04
CA ASN C 187 -1.39 -11.38 28.53
C ASN C 187 -2.23 -12.65 28.68
N ILE C 188 -3.18 -12.82 27.77
CA ILE C 188 -4.06 -13.98 27.76
C ILE C 188 -3.48 -15.07 26.85
N PRO C 189 -3.29 -16.29 27.38
CA PRO C 189 -2.74 -17.36 26.54
C PRO C 189 -3.79 -17.95 25.60
N PRO C 190 -3.36 -18.63 24.54
CA PRO C 190 -4.31 -19.31 23.65
C PRO C 190 -4.82 -20.61 24.27
N HIS C 191 -5.95 -21.11 23.77
CA HIS C 191 -6.55 -22.33 24.30
C HIS C 191 -7.07 -23.22 23.17
N ASN C 192 -7.29 -24.49 23.51
CA ASN C 192 -7.82 -25.45 22.56
C ASN C 192 -9.31 -25.22 22.30
N LEU C 193 -9.67 -25.08 21.03
CA LEU C 193 -11.04 -24.75 20.63
C LEU C 193 -12.07 -25.77 21.15
N ARG C 194 -11.74 -27.05 21.07
CA ARG C 194 -12.67 -28.09 21.51
C ARG C 194 -12.96 -27.99 23.01
N GLU C 195 -11.93 -27.67 23.80
CA GLU C 195 -12.10 -27.54 25.23
C GLU C 195 -12.94 -26.31 25.57
N LEU C 196 -12.70 -25.22 24.84
CA LEU C 196 -13.47 -23.99 25.02
C LEU C 196 -14.93 -24.23 24.64
N ALA C 197 -15.14 -25.03 23.60
CA ALA C 197 -16.48 -25.34 23.14
C ALA C 197 -17.26 -26.08 24.21
N ASP C 198 -16.63 -27.06 24.85
CA ASP C 198 -17.25 -27.81 25.92
C ASP C 198 -17.68 -26.88 27.05
N ALA C 199 -16.83 -25.91 27.36
CA ALA C 199 -17.13 -24.92 28.38
C ALA C 199 -18.35 -24.08 27.99
N VAL C 200 -18.40 -23.68 26.73
CA VAL C 200 -19.53 -22.90 26.22
C VAL C 200 -20.81 -23.73 26.23
N PHE C 201 -20.69 -25.00 25.83
CA PHE C 201 -21.83 -25.90 25.81
C PHE C 201 -22.42 -26.06 27.20
N TRP C 202 -21.54 -26.14 28.20
CA TRP C 202 -21.99 -26.26 29.59
C TRP C 202 -22.66 -24.97 30.04
N ALA C 203 -22.06 -23.84 29.66
CA ALA C 203 -22.59 -22.52 30.02
C ALA C 203 -23.98 -22.31 29.44
N LEU C 204 -24.21 -22.86 28.25
CA LEU C 204 -25.51 -22.74 27.57
C LEU C 204 -26.56 -23.61 28.26
N GLU C 205 -26.20 -24.84 28.59
CA GLU C 205 -27.12 -25.75 29.26
C GLU C 205 -27.46 -25.24 30.64
N ASN C 206 -26.43 -24.93 31.43
CA ASN C 206 -26.59 -24.39 32.77
C ASN C 206 -26.55 -22.87 32.77
N HIS C 207 -27.54 -22.26 32.12
CA HIS C 207 -27.57 -20.80 31.96
C HIS C 207 -27.91 -20.07 33.27
N ASP C 208 -28.44 -20.81 34.24
CA ASP C 208 -28.83 -20.22 35.52
C ASP C 208 -27.78 -20.44 36.60
N ALA C 209 -26.79 -21.27 36.32
CA ALA C 209 -25.75 -21.57 37.29
C ALA C 209 -25.05 -20.29 37.74
N ASP C 210 -24.70 -20.23 39.02
CA ASP C 210 -24.01 -19.08 39.57
C ASP C 210 -22.53 -19.11 39.19
N GLU C 211 -21.81 -18.07 39.58
CA GLU C 211 -20.41 -17.93 39.22
C GLU C 211 -19.55 -19.02 39.85
N GLU C 212 -19.88 -19.39 41.09
CA GLU C 212 -19.13 -20.41 41.80
C GLU C 212 -19.19 -21.76 41.07
N GLU C 213 -20.40 -22.18 40.73
CA GLU C 213 -20.61 -23.43 40.00
C GLU C 213 -20.01 -23.36 38.60
N THR C 214 -20.24 -22.23 37.93
CA THR C 214 -19.82 -22.05 36.55
C THR C 214 -18.30 -22.12 36.43
N LEU C 215 -17.60 -21.53 37.39
CA LEU C 215 -16.14 -21.54 37.39
C LEU C 215 -15.61 -22.97 37.56
N ALA C 216 -16.25 -23.73 38.45
CA ALA C 216 -15.85 -25.11 38.68
C ALA C 216 -16.01 -25.95 37.41
N ALA C 217 -17.15 -25.79 36.76
CA ALA C 217 -17.46 -26.55 35.55
C ALA C 217 -16.52 -26.21 34.40
N VAL C 218 -16.35 -24.92 34.15
CA VAL C 218 -15.53 -24.46 33.03
C VAL C 218 -14.06 -24.84 33.23
N MET C 219 -13.57 -24.74 34.46
CA MET C 219 -12.19 -25.07 34.75
C MET C 219 -11.93 -26.56 34.54
N GLY C 220 -12.97 -27.38 34.70
CA GLY C 220 -12.86 -28.80 34.48
C GLY C 220 -12.72 -29.15 33.02
N ARG C 221 -13.29 -28.30 32.16
CA ARG C 221 -13.32 -28.56 30.72
C ARG C 221 -12.16 -27.89 30.00
N VAL C 222 -11.81 -26.68 30.42
CA VAL C 222 -10.62 -26.00 29.92
C VAL C 222 -9.44 -26.42 30.79
N LYS C 223 -8.72 -27.45 30.35
CA LYS C 223 -7.67 -28.06 31.16
C LYS C 223 -6.48 -27.13 31.32
N GLY C 224 -6.37 -26.14 30.43
CA GLY C 224 -5.28 -25.19 30.48
C GLY C 224 -5.02 -24.59 29.10
N PRO C 225 -4.08 -23.65 29.02
CA PRO C 225 -3.73 -23.05 27.72
C PRO C 225 -3.20 -24.10 26.75
N ASP C 226 -3.45 -23.86 25.47
CA ASP C 226 -2.96 -24.74 24.41
C ASP C 226 -2.17 -23.90 23.41
N PHE C 227 -0.85 -23.93 23.54
CA PHE C 227 0.01 -23.07 22.74
C PHE C 227 0.25 -23.64 21.34
N PRO C 228 0.35 -22.75 20.33
CA PRO C 228 0.63 -23.19 18.95
C PRO C 228 1.99 -23.86 18.79
N THR C 229 2.90 -23.58 19.71
CA THR C 229 4.26 -24.13 19.66
C THR C 229 4.38 -25.45 20.43
N ALA C 230 3.24 -26.04 20.78
CA ALA C 230 3.20 -27.29 21.54
C ALA C 230 3.95 -27.13 22.88
N GLY C 231 4.93 -27.99 23.13
CA GLY C 231 5.70 -27.91 24.35
C GLY C 231 4.99 -28.58 25.52
N LEU C 232 5.36 -28.19 26.74
CA LEU C 232 4.81 -28.78 27.95
C LEU C 232 4.36 -27.71 28.94
N ILE C 233 3.30 -28.02 29.69
CA ILE C 233 2.91 -27.23 30.85
C ILE C 233 3.16 -28.05 32.11
N VAL C 234 4.02 -27.53 32.98
CA VAL C 234 4.36 -28.20 34.22
C VAL C 234 3.59 -27.58 35.39
N GLY C 235 2.91 -28.42 36.16
CA GLY C 235 2.15 -27.96 37.32
C GLY C 235 0.75 -27.54 36.93
N SER C 236 -0.08 -27.28 37.95
CA SER C 236 -1.48 -26.93 37.73
C SER C 236 -1.89 -25.68 38.51
N GLN C 237 -1.06 -25.25 39.44
CA GLN C 237 -1.38 -24.11 40.29
C GLN C 237 -1.51 -22.81 39.51
N GLY C 238 -0.50 -22.52 38.69
CA GLY C 238 -0.48 -21.29 37.91
C GLY C 238 -1.69 -21.17 37.00
N THR C 239 -2.08 -22.29 36.39
CA THR C 239 -3.27 -22.33 35.55
C THR C 239 -4.50 -22.02 36.37
N ALA C 240 -4.61 -22.68 37.53
CA ALA C 240 -5.73 -22.46 38.44
C ALA C 240 -5.79 -21.01 38.92
N ASP C 241 -4.63 -20.45 39.23
CA ASP C 241 -4.55 -19.06 39.68
C ASP C 241 -5.11 -18.13 38.61
N ALA C 242 -4.69 -18.34 37.37
CA ALA C 242 -5.11 -17.50 36.25
C ALA C 242 -6.62 -17.52 36.06
N TYR C 243 -7.22 -18.68 36.19
CA TYR C 243 -8.66 -18.84 35.98
C TYR C 243 -9.49 -18.34 37.16
N LYS C 244 -8.92 -18.40 38.37
CA LYS C 244 -9.63 -17.98 39.57
C LYS C 244 -9.38 -16.51 39.92
N THR C 245 -8.19 -16.02 39.58
CA THR C 245 -7.75 -14.68 39.96
C THR C 245 -7.69 -13.72 38.78
N GLY C 246 -7.39 -14.27 37.60
CA GLY C 246 -7.12 -13.46 36.43
C GLY C 246 -5.62 -13.24 36.28
N ARG C 247 -4.85 -13.75 37.22
CA ARG C 247 -3.39 -13.73 37.18
C ARG C 247 -2.79 -15.03 37.70
N GLY C 248 -1.75 -15.50 37.00
CA GLY C 248 -1.08 -16.73 37.36
C GLY C 248 0.17 -16.95 36.52
N SER C 249 1.15 -17.65 37.10
CA SER C 249 2.41 -17.94 36.41
C SER C 249 2.45 -19.40 35.97
N ILE C 250 2.35 -19.62 34.67
CA ILE C 250 2.29 -20.96 34.11
C ILE C 250 3.65 -21.39 33.58
N ARG C 251 4.21 -22.43 34.20
CA ARG C 251 5.52 -22.94 33.82
C ARG C 251 5.44 -23.75 32.54
N MET C 252 6.18 -23.31 31.53
CA MET C 252 6.23 -23.99 30.24
C MET C 252 7.57 -24.69 30.07
N ARG C 253 7.59 -25.77 29.30
CA ARG C 253 8.81 -26.46 28.93
C ARG C 253 8.77 -26.92 27.49
N GLY C 254 9.93 -27.00 26.86
CA GLY C 254 10.06 -27.60 25.55
C GLY C 254 10.14 -29.11 25.71
N VAL C 255 10.36 -29.82 24.60
CA VAL C 255 10.49 -31.27 24.62
C VAL C 255 11.92 -31.68 24.31
N VAL C 256 12.49 -32.50 25.19
CA VAL C 256 13.86 -32.99 25.01
C VAL C 256 13.86 -34.51 24.95
N GLU C 257 14.57 -35.04 23.96
CA GLU C 257 14.69 -36.48 23.77
C GLU C 257 16.16 -36.87 23.69
N VAL C 258 16.61 -37.70 24.63
CA VAL C 258 18.01 -38.09 24.70
C VAL C 258 18.32 -39.18 23.67
N GLU C 259 19.37 -38.95 22.89
CA GLU C 259 19.82 -39.90 21.87
C GLU C 259 21.24 -40.38 22.17
N GLU C 260 21.48 -41.66 21.87
CA GLU C 260 22.79 -42.27 22.03
C GLU C 260 23.44 -42.47 20.67
N ASP C 261 24.77 -42.55 20.66
CA ASP C 261 25.55 -42.59 19.42
C ASP C 261 26.24 -43.95 19.28
N SER C 262 26.75 -44.23 18.09
CA SER C 262 27.45 -45.49 17.83
C SER C 262 28.69 -45.59 18.71
N ARG C 263 29.38 -44.47 18.88
CA ARG C 263 30.56 -44.44 19.75
C ARG C 263 30.11 -44.66 21.19
N GLY C 264 28.87 -44.26 21.47
CA GLY C 264 28.28 -44.36 22.79
C GLY C 264 28.15 -42.99 23.42
N ARG C 265 28.42 -41.94 22.64
CA ARG C 265 28.17 -40.59 23.09
C ARG C 265 26.68 -40.31 23.14
N THR C 266 26.26 -39.50 24.10
CA THR C 266 24.87 -39.08 24.22
C THR C 266 24.67 -37.65 23.73
N SER C 267 23.48 -37.37 23.21
CA SER C 267 23.13 -36.02 22.76
C SER C 267 21.67 -35.72 23.08
N LEU C 268 21.38 -34.46 23.38
CA LEU C 268 20.03 -34.02 23.67
C LEU C 268 19.40 -33.39 22.43
N VAL C 269 18.23 -33.86 22.04
CA VAL C 269 17.53 -33.33 20.87
C VAL C 269 16.28 -32.56 21.31
N ILE C 270 16.32 -31.25 21.14
CA ILE C 270 15.18 -30.39 21.43
C ILE C 270 14.34 -30.19 20.18
N THR C 271 13.08 -30.62 20.23
CA THR C 271 12.19 -30.59 19.08
C THR C 271 11.03 -29.60 19.26
N GLU C 272 10.86 -29.10 20.48
CA GLU C 272 9.81 -28.15 20.80
C GLU C 272 10.32 -27.14 21.83
N LEU C 273 9.78 -25.92 21.77
CA LEU C 273 10.12 -24.89 22.74
C LEU C 273 8.84 -24.24 23.28
N PRO C 274 8.92 -23.60 24.45
CA PRO C 274 7.74 -22.94 24.99
C PRO C 274 7.29 -21.74 24.16
N TYR C 275 6.08 -21.28 24.43
CA TYR C 275 5.45 -20.23 23.63
C TYR C 275 6.27 -18.94 23.60
N GLN C 276 6.39 -18.37 22.40
CA GLN C 276 7.04 -17.09 22.18
C GLN C 276 8.53 -17.10 22.54
N VAL C 277 9.19 -18.22 22.29
CA VAL C 277 10.64 -18.31 22.43
C VAL C 277 11.30 -18.34 21.07
N ASN C 278 12.09 -17.31 20.78
CA ASN C 278 12.81 -17.21 19.52
C ASN C 278 13.86 -18.33 19.41
N HIS C 279 13.76 -19.12 18.35
CA HIS C 279 14.64 -20.26 18.15
C HIS C 279 16.10 -19.84 18.05
N ASP C 280 16.38 -18.78 17.30
CA ASP C 280 17.74 -18.31 17.10
C ASP C 280 18.33 -17.72 18.38
N ASN C 281 17.51 -16.94 19.11
CA ASN C 281 17.96 -16.37 20.37
C ASN C 281 18.23 -17.47 21.39
N PHE C 282 17.42 -18.53 21.33
CA PHE C 282 17.58 -19.67 22.22
C PHE C 282 18.90 -20.38 21.99
N ILE C 283 19.21 -20.65 20.73
CA ILE C 283 20.47 -21.30 20.37
C ILE C 283 21.65 -20.42 20.75
N THR C 284 21.54 -19.14 20.46
CA THR C 284 22.61 -18.18 20.75
C THR C 284 22.85 -18.07 22.25
N SER C 285 21.78 -18.10 23.03
CA SER C 285 21.88 -17.98 24.48
C SER C 285 22.68 -19.14 25.06
N ILE C 286 22.40 -20.35 24.58
CA ILE C 286 23.14 -21.53 25.01
C ILE C 286 24.60 -21.41 24.58
N ALA C 287 24.81 -20.95 23.35
CA ALA C 287 26.16 -20.82 22.80
C ALA C 287 26.99 -19.85 23.63
N GLU C 288 26.37 -18.76 24.06
CA GLU C 288 27.05 -17.76 24.86
C GLU C 288 27.23 -18.23 26.29
N GLN C 289 26.36 -19.12 26.74
CA GLN C 289 26.43 -19.65 28.11
C GLN C 289 27.40 -20.83 28.24
N VAL C 290 28.03 -21.21 27.14
CA VAL C 290 28.92 -22.34 27.19
C VAL C 290 30.35 -21.88 27.01
N ARG C 291 30.53 -20.77 26.31
CA ARG C 291 31.85 -20.20 26.08
C ARG C 291 32.39 -19.64 27.40
N ASP C 292 31.73 -18.61 27.90
CA ASP C 292 32.05 -18.07 29.21
C ASP C 292 32.15 -19.30 30.12
N GLY C 293 31.24 -20.23 29.96
CA GLY C 293 31.31 -21.52 30.60
C GLY C 293 30.40 -21.48 31.81
N LYS C 294 29.10 -21.67 31.59
CA LYS C 294 28.16 -21.80 32.70
C LYS C 294 27.24 -23.00 32.47
N LEU C 295 27.46 -23.70 31.37
CA LEU C 295 26.72 -24.93 31.06
C LEU C 295 27.71 -26.01 30.63
N ALA C 296 28.64 -26.33 31.51
CA ALA C 296 29.60 -27.39 31.26
C ALA C 296 28.86 -28.72 31.08
N GLY C 297 29.57 -29.70 30.53
CA GLY C 297 28.95 -30.98 30.21
C GLY C 297 28.49 -31.01 28.77
N ILE C 298 28.22 -29.83 28.21
CA ILE C 298 27.87 -29.71 26.81
C ILE C 298 29.15 -29.71 25.98
N SER C 299 29.18 -30.55 24.94
CA SER C 299 30.35 -30.68 24.09
C SER C 299 30.19 -29.91 22.78
N ASN C 300 28.99 -29.96 22.21
CA ASN C 300 28.75 -29.34 20.91
C ASN C 300 27.28 -28.97 20.74
N ILE C 301 27.04 -27.84 20.06
CA ILE C 301 25.69 -27.38 19.74
C ILE C 301 25.54 -27.30 18.23
N GLU C 302 24.56 -28.04 17.70
CA GLU C 302 24.32 -28.06 16.26
C GLU C 302 22.83 -28.00 15.95
N ASP C 303 22.45 -27.05 15.11
CA ASP C 303 21.06 -26.88 14.68
C ASP C 303 20.79 -27.70 13.41
N GLN C 304 20.19 -28.87 13.60
CA GLN C 304 19.86 -29.76 12.49
C GLN C 304 18.42 -29.56 12.03
N SER C 305 17.88 -28.36 12.29
CA SER C 305 16.52 -28.04 11.90
C SER C 305 16.38 -27.89 10.39
N SER C 306 15.18 -28.15 9.89
CA SER C 306 14.85 -27.91 8.48
C SER C 306 13.35 -27.78 8.33
N ASP C 307 12.91 -27.35 7.15
CA ASP C 307 11.48 -27.20 6.88
C ASP C 307 10.76 -28.55 6.90
N ARG C 308 11.53 -29.64 6.85
CA ARG C 308 10.96 -30.98 6.73
C ARG C 308 10.92 -31.75 8.05
N VAL C 309 11.86 -31.44 8.96
CA VAL C 309 11.92 -32.12 10.25
C VAL C 309 11.46 -31.22 11.40
N GLY C 310 11.26 -29.94 11.09
CA GLY C 310 10.87 -28.98 12.11
C GLY C 310 12.04 -28.62 12.98
N LEU C 311 11.74 -28.15 14.20
CA LEU C 311 12.79 -27.79 15.15
C LEU C 311 13.60 -29.03 15.55
N ARG C 312 14.92 -28.91 15.51
CA ARG C 312 15.80 -30.00 15.89
C ARG C 312 17.17 -29.49 16.31
N ILE C 313 17.30 -29.14 17.59
CA ILE C 313 18.55 -28.65 18.14
C ILE C 313 19.27 -29.78 18.88
N VAL C 314 20.42 -30.19 18.35
CA VAL C 314 21.19 -31.29 18.92
C VAL C 314 22.27 -30.77 19.87
N ILE C 315 22.20 -31.23 21.11
CA ILE C 315 23.17 -30.85 22.14
C ILE C 315 23.98 -32.07 22.57
N GLU C 316 25.13 -32.25 21.94
CA GLU C 316 26.04 -33.33 22.31
C GLU C 316 26.69 -33.02 23.66
N ILE C 317 26.61 -33.95 24.59
CA ILE C 317 27.19 -33.76 25.92
C ILE C 317 28.42 -34.64 26.13
N LYS C 318 29.28 -34.23 27.04
CA LYS C 318 30.53 -34.94 27.32
C LYS C 318 30.27 -36.32 27.92
N ARG C 319 31.28 -37.18 27.90
CA ARG C 319 31.14 -38.54 28.41
C ARG C 319 30.95 -38.54 29.92
N ASP C 320 31.57 -37.57 30.58
CA ASP C 320 31.46 -37.42 32.03
C ASP C 320 30.32 -36.48 32.40
N ALA C 321 29.19 -36.61 31.69
CA ALA C 321 28.03 -35.75 31.92
C ALA C 321 26.74 -36.57 31.96
N VAL C 322 25.87 -36.23 32.90
CA VAL C 322 24.57 -36.87 33.04
C VAL C 322 23.53 -36.08 32.24
N ALA C 323 22.70 -36.79 31.49
CA ALA C 323 21.73 -36.15 30.61
C ALA C 323 20.77 -35.22 31.37
N LYS C 324 20.14 -35.74 32.42
CA LYS C 324 19.17 -34.95 33.17
C LYS C 324 19.79 -33.75 33.88
N VAL C 325 21.04 -33.89 34.32
CA VAL C 325 21.74 -32.78 34.96
C VAL C 325 21.87 -31.62 33.97
N VAL C 326 22.28 -31.93 32.74
CA VAL C 326 22.43 -30.92 31.70
C VAL C 326 21.05 -30.35 31.35
N ILE C 327 20.05 -31.21 31.29
CA ILE C 327 18.69 -30.78 30.98
C ILE C 327 18.15 -29.87 32.07
N ASN C 328 18.40 -30.22 33.32
CA ASN C 328 17.97 -29.39 34.45
C ASN C 328 18.68 -28.04 34.44
N ASN C 329 19.95 -28.04 34.05
CA ASN C 329 20.70 -26.81 33.89
C ASN C 329 20.11 -25.94 32.78
N LEU C 330 19.68 -26.59 31.69
CA LEU C 330 19.04 -25.90 30.59
C LEU C 330 17.72 -25.29 31.01
N TYR C 331 16.93 -26.05 31.77
CA TYR C 331 15.69 -25.55 32.33
C TYR C 331 15.97 -24.32 33.18
N LYS C 332 17.04 -24.38 33.94
CA LYS C 332 17.38 -23.30 34.88
C LYS C 332 17.92 -22.06 34.17
N HIS C 333 18.87 -22.24 33.26
CA HIS C 333 19.63 -21.12 32.71
C HIS C 333 19.24 -20.74 31.29
N THR C 334 18.20 -21.37 30.73
CA THR C 334 17.71 -20.99 29.41
C THR C 334 16.19 -21.02 29.38
N GLN C 335 15.62 -20.54 28.27
CA GLN C 335 14.18 -20.49 28.12
C GLN C 335 13.61 -21.82 27.64
N LEU C 336 14.42 -22.89 27.73
CA LEU C 336 13.90 -24.23 27.51
C LEU C 336 12.79 -24.47 28.52
N GLN C 337 12.96 -23.88 29.70
CA GLN C 337 11.90 -23.76 30.68
C GLN C 337 11.67 -22.29 30.98
N THR C 338 10.46 -21.81 30.76
CA THR C 338 10.11 -20.42 30.99
C THR C 338 8.64 -20.32 31.36
N SER C 339 8.28 -19.29 32.11
CA SER C 339 6.91 -19.14 32.60
C SER C 339 6.13 -18.12 31.77
N PHE C 340 4.86 -18.42 31.54
CA PHE C 340 3.93 -17.49 30.90
C PHE C 340 3.21 -16.67 31.96
N GLY C 341 3.47 -15.37 31.99
CA GLY C 341 2.86 -14.48 32.96
C GLY C 341 1.45 -14.10 32.57
N ALA C 342 0.50 -14.93 32.98
CA ALA C 342 -0.90 -14.74 32.63
C ALA C 342 -1.51 -13.56 33.38
N ASN C 343 -2.20 -12.70 32.64
CA ASN C 343 -2.95 -11.59 33.20
C ASN C 343 -4.22 -11.33 32.37
N MET C 344 -5.34 -11.91 32.81
CA MET C 344 -6.55 -11.95 31.98
C MET C 344 -7.25 -10.59 31.90
N LEU C 345 -6.62 -9.64 31.22
CA LEU C 345 -7.17 -8.29 31.08
C LEU C 345 -7.81 -8.10 29.72
N ALA C 346 -9.06 -7.65 29.72
CA ALA C 346 -9.79 -7.38 28.48
C ALA C 346 -10.77 -6.22 28.66
N ILE C 347 -11.16 -5.60 27.55
CA ILE C 347 -12.13 -4.51 27.59
C ILE C 347 -13.55 -5.05 27.62
N VAL C 348 -14.28 -4.70 28.67
CA VAL C 348 -15.68 -5.10 28.82
C VAL C 348 -16.57 -3.86 28.87
N ASP C 349 -17.39 -3.72 27.83
CA ASP C 349 -18.30 -2.58 27.72
C ASP C 349 -17.53 -1.26 27.79
N GLY C 350 -16.38 -1.21 27.13
CA GLY C 350 -15.58 0.00 27.06
C GLY C 350 -14.75 0.24 28.30
N VAL C 351 -14.69 -0.74 29.20
CA VAL C 351 -13.94 -0.62 30.45
C VAL C 351 -12.95 -1.77 30.60
N PRO C 352 -11.69 -1.46 30.96
CA PRO C 352 -10.72 -2.54 31.16
C PRO C 352 -11.01 -3.32 32.44
N ARG C 353 -11.02 -4.65 32.36
CA ARG C 353 -11.35 -5.46 33.51
C ARG C 353 -10.58 -6.78 33.51
N THR C 354 -10.03 -7.13 34.66
CA THR C 354 -9.39 -8.42 34.85
C THR C 354 -10.47 -9.43 35.19
N LEU C 355 -10.51 -10.53 34.43
CA LEU C 355 -11.63 -11.45 34.47
C LEU C 355 -11.26 -12.87 34.88
N ARG C 356 -12.17 -13.51 35.62
CA ARG C 356 -12.11 -14.94 35.87
C ARG C 356 -12.50 -15.70 34.61
N LEU C 357 -12.19 -16.99 34.57
CA LEU C 357 -12.46 -17.79 33.37
C LEU C 357 -13.96 -17.90 33.11
N ASP C 358 -14.75 -18.02 34.17
CA ASP C 358 -16.20 -18.12 34.03
C ASP C 358 -16.77 -16.83 33.46
N GLN C 359 -16.14 -15.71 33.81
CA GLN C 359 -16.57 -14.41 33.31
C GLN C 359 -16.25 -14.28 31.83
N LEU C 360 -15.07 -14.78 31.44
CA LEU C 360 -14.66 -14.77 30.04
C LEU C 360 -15.61 -15.60 29.19
N ILE C 361 -15.95 -16.80 29.65
CA ILE C 361 -16.90 -17.64 28.93
C ILE C 361 -18.27 -16.98 28.88
N ARG C 362 -18.80 -16.62 30.05
CA ARG C 362 -20.13 -16.02 30.16
C ARG C 362 -20.31 -14.80 29.25
N TYR C 363 -19.35 -13.87 29.31
CA TYR C 363 -19.42 -12.66 28.48
C TYR C 363 -19.45 -13.01 27.00
N TYR C 364 -18.72 -14.06 26.61
CA TYR C 364 -18.73 -14.49 25.22
C TYR C 364 -20.08 -15.10 24.86
N VAL C 365 -20.60 -15.96 25.73
CA VAL C 365 -21.90 -16.59 25.48
C VAL C 365 -22.97 -15.52 25.34
N ASP C 366 -22.92 -14.52 26.21
CA ASP C 366 -23.85 -13.39 26.15
C ASP C 366 -23.77 -12.72 24.79
N HIS C 367 -22.55 -12.55 24.28
CA HIS C 367 -22.34 -11.94 22.98
C HIS C 367 -22.96 -12.79 21.87
N GLN C 368 -22.82 -14.10 21.96
CA GLN C 368 -23.38 -15.00 20.97
C GLN C 368 -24.90 -14.91 20.95
N LEU C 369 -25.51 -14.93 22.14
CA LEU C 369 -26.95 -14.82 22.24
C LEU C 369 -27.44 -13.50 21.65
N ASP C 370 -26.70 -12.43 21.91
CA ASP C 370 -27.00 -11.13 21.33
C ASP C 370 -26.98 -11.19 19.81
N VAL C 371 -25.94 -11.82 19.27
CA VAL C 371 -25.79 -11.97 17.82
C VAL C 371 -26.99 -12.72 17.23
N ILE C 372 -27.36 -13.85 17.85
CA ILE C 372 -28.42 -14.69 17.32
C ILE C 372 -29.79 -14.00 17.38
N VAL C 373 -30.05 -13.28 18.47
CA VAL C 373 -31.31 -12.55 18.60
C VAL C 373 -31.38 -11.42 17.57
N ARG C 374 -30.28 -10.68 17.42
CA ARG C 374 -30.23 -9.58 16.47
C ARG C 374 -30.35 -10.10 15.03
N ARG C 375 -29.68 -11.22 14.74
CA ARG C 375 -29.79 -11.85 13.43
C ARG C 375 -31.24 -12.25 13.16
N THR C 376 -31.86 -12.86 14.16
CA THR C 376 -33.25 -13.29 14.06
C THR C 376 -34.17 -12.10 13.82
N THR C 377 -33.93 -11.02 14.56
CA THR C 377 -34.72 -9.80 14.42
C THR C 377 -34.58 -9.26 12.99
N TYR C 378 -33.35 -9.22 12.51
CA TYR C 378 -33.04 -8.76 11.17
C TYR C 378 -33.81 -9.59 10.14
N ARG C 379 -33.70 -10.90 10.25
CA ARG C 379 -34.35 -11.82 9.32
C ARG C 379 -35.87 -11.72 9.39
N LEU C 380 -36.38 -11.46 10.60
CA LEU C 380 -37.82 -11.32 10.80
C LEU C 380 -38.34 -10.06 10.13
N ARG C 381 -37.63 -8.96 10.30
CA ARG C 381 -38.02 -7.70 9.67
C ARG C 381 -38.01 -7.85 8.16
N LYS C 382 -36.94 -8.44 7.64
CA LYS C 382 -36.81 -8.63 6.20
C LYS C 382 -37.91 -9.53 5.65
N ALA C 383 -38.22 -10.59 6.40
CA ALA C 383 -39.27 -11.54 6.00
C ALA C 383 -40.62 -10.84 5.88
N ASN C 384 -40.91 -9.96 6.82
CA ASN C 384 -42.17 -9.20 6.80
C ASN C 384 -42.26 -8.28 5.59
N GLU C 385 -41.15 -7.63 5.27
CA GLU C 385 -41.09 -6.74 4.11
C GLU C 385 -41.39 -7.51 2.83
N ARG C 386 -40.75 -8.67 2.69
CA ARG C 386 -40.95 -9.51 1.52
C ARG C 386 -42.40 -9.99 1.47
N ALA C 387 -42.91 -10.44 2.62
CA ALA C 387 -44.29 -10.88 2.73
C ALA C 387 -45.25 -9.75 2.37
N HIS C 388 -44.95 -8.55 2.88
CA HIS C 388 -45.78 -7.38 2.60
C HIS C 388 -45.92 -7.12 1.12
N ILE C 389 -44.80 -7.15 0.40
CA ILE C 389 -44.81 -6.90 -1.03
C ILE C 389 -45.50 -8.06 -1.76
N LEU C 390 -45.24 -9.28 -1.32
CA LEU C 390 -45.84 -10.45 -1.95
C LEU C 390 -47.37 -10.40 -1.85
N ARG C 391 -47.87 -9.98 -0.69
CA ARG C 391 -49.32 -9.84 -0.51
C ARG C 391 -49.89 -8.86 -1.53
N GLY C 392 -49.14 -7.82 -1.82
CA GLY C 392 -49.54 -6.84 -2.82
C GLY C 392 -49.63 -7.46 -4.20
N LEU C 393 -48.62 -8.24 -4.56
CA LEU C 393 -48.59 -8.91 -5.86
C LEU C 393 -49.76 -9.87 -6.01
N VAL C 394 -50.06 -10.62 -4.95
CA VAL C 394 -51.17 -11.57 -4.99
C VAL C 394 -52.49 -10.87 -5.24
N LYS C 395 -52.68 -9.70 -4.64
CA LYS C 395 -53.87 -8.90 -4.87
C LYS C 395 -53.96 -8.49 -6.34
N ALA C 396 -52.82 -8.16 -6.93
CA ALA C 396 -52.77 -7.76 -8.33
C ALA C 396 -53.15 -8.92 -9.24
N LEU C 397 -52.69 -10.12 -8.92
CA LEU C 397 -52.96 -11.30 -9.74
C LEU C 397 -54.44 -11.65 -9.76
N ASP C 398 -55.10 -11.52 -8.62
CA ASP C 398 -56.53 -11.83 -8.51
C ASP C 398 -57.38 -10.89 -9.36
N ALA C 399 -56.88 -9.66 -9.55
CA ALA C 399 -57.56 -8.66 -10.37
C ALA C 399 -56.64 -8.21 -11.50
N LEU C 400 -55.92 -9.17 -12.06
CA LEU C 400 -54.88 -8.88 -13.05
C LEU C 400 -55.45 -8.18 -14.28
N ASP C 401 -56.62 -8.61 -14.72
CA ASP C 401 -57.28 -7.99 -15.88
C ASP C 401 -57.47 -6.49 -15.66
N GLU C 402 -57.90 -6.12 -14.45
CA GLU C 402 -58.14 -4.73 -14.12
C GLU C 402 -56.83 -3.96 -13.94
N VAL C 403 -55.87 -4.59 -13.26
CA VAL C 403 -54.58 -3.98 -12.99
C VAL C 403 -53.89 -3.54 -14.29
N ILE C 404 -53.83 -4.46 -15.25
CA ILE C 404 -53.15 -4.18 -16.52
C ILE C 404 -53.92 -3.09 -17.26
N ALA C 405 -55.23 -3.25 -17.36
CA ALA C 405 -56.07 -2.27 -18.03
C ALA C 405 -55.88 -0.88 -17.41
N LEU C 406 -55.69 -0.85 -16.09
CA LEU C 406 -55.49 0.39 -15.37
C LEU C 406 -54.17 1.04 -15.76
N ILE C 407 -53.10 0.26 -15.76
CA ILE C 407 -51.77 0.79 -16.08
C ILE C 407 -51.73 1.29 -17.52
N ARG C 408 -52.34 0.55 -18.43
CA ARG C 408 -52.36 0.92 -19.84
C ARG C 408 -53.07 2.26 -20.04
N ALA C 409 -54.21 2.42 -19.38
CA ALA C 409 -55.04 3.60 -19.59
C ALA C 409 -54.50 4.83 -18.85
N SER C 410 -53.38 4.65 -18.15
CA SER C 410 -52.76 5.74 -17.40
C SER C 410 -51.79 6.51 -18.30
N GLU C 411 -51.86 7.83 -18.26
CA GLU C 411 -51.00 8.66 -19.10
C GLU C 411 -49.54 8.61 -18.68
N THR C 412 -49.29 8.50 -17.37
CA THR C 412 -47.94 8.33 -16.85
C THR C 412 -47.88 7.13 -15.91
N VAL C 413 -46.75 6.96 -15.24
CA VAL C 413 -46.61 5.91 -14.25
C VAL C 413 -47.13 6.38 -12.90
N ASP C 414 -47.15 7.71 -12.71
CA ASP C 414 -47.68 8.29 -11.48
C ASP C 414 -49.19 8.14 -11.43
N ILE C 415 -49.85 8.35 -12.56
CA ILE C 415 -51.29 8.13 -12.66
C ILE C 415 -51.59 6.65 -12.45
N ALA C 416 -50.75 5.78 -13.00
CA ALA C 416 -50.94 4.34 -12.85
C ALA C 416 -50.76 3.91 -11.40
N ARG C 417 -49.73 4.45 -10.75
CA ARG C 417 -49.47 4.12 -9.36
C ARG C 417 -50.60 4.57 -8.44
N ALA C 418 -50.91 5.86 -8.46
CA ALA C 418 -51.98 6.42 -7.63
C ALA C 418 -53.27 5.63 -7.81
N GLY C 419 -53.51 5.16 -9.04
CA GLY C 419 -54.67 4.33 -9.34
C GLY C 419 -54.62 2.96 -8.69
N LEU C 420 -53.45 2.33 -8.75
CA LEU C 420 -53.27 0.98 -8.20
C LEU C 420 -53.60 0.91 -6.71
N ILE C 421 -53.14 1.91 -5.96
CA ILE C 421 -53.48 2.01 -4.53
C ILE C 421 -54.99 2.02 -4.33
N GLU C 422 -55.67 2.86 -5.11
CA GLU C 422 -57.12 2.98 -5.02
C GLU C 422 -57.83 1.72 -5.49
N LEU C 423 -57.30 1.10 -6.53
CA LEU C 423 -57.92 -0.07 -7.14
C LEU C 423 -57.95 -1.27 -6.19
N LEU C 424 -56.80 -1.57 -5.60
CA LEU C 424 -56.61 -2.81 -4.85
C LEU C 424 -56.45 -2.59 -3.34
N ASP C 425 -56.56 -1.35 -2.92
CA ASP C 425 -56.35 -0.98 -1.51
C ASP C 425 -54.96 -1.46 -1.08
N ILE C 426 -53.93 -0.82 -1.63
CA ILE C 426 -52.55 -1.25 -1.45
C ILE C 426 -51.66 -0.07 -1.05
N ASP C 427 -50.54 -0.36 -0.39
CA ASP C 427 -49.55 0.65 -0.05
C ASP C 427 -48.90 1.21 -1.32
N GLU C 428 -48.04 2.21 -1.16
CA GLU C 428 -47.30 2.75 -2.29
C GLU C 428 -46.09 1.86 -2.60
N ILE C 429 -45.54 1.24 -1.56
CA ILE C 429 -44.39 0.35 -1.72
C ILE C 429 -44.82 -0.88 -2.49
N GLN C 430 -45.97 -1.43 -2.10
CA GLN C 430 -46.53 -2.59 -2.74
C GLN C 430 -46.94 -2.27 -4.18
N ALA C 431 -47.58 -1.13 -4.36
CA ALA C 431 -47.98 -0.67 -5.69
C ALA C 431 -46.77 -0.49 -6.59
N GLN C 432 -45.67 -0.02 -6.00
CA GLN C 432 -44.41 0.14 -6.72
C GLN C 432 -43.92 -1.21 -7.23
N ALA C 433 -44.10 -2.24 -6.41
CA ALA C 433 -43.65 -3.59 -6.76
C ALA C 433 -44.46 -4.15 -7.92
N ILE C 434 -45.75 -3.87 -7.94
CA ILE C 434 -46.61 -4.29 -9.03
C ILE C 434 -46.11 -3.68 -10.34
N LEU C 435 -45.78 -2.39 -10.29
CA LEU C 435 -45.25 -1.70 -11.46
C LEU C 435 -43.92 -2.32 -11.88
N ASP C 436 -43.07 -2.64 -10.90
CA ASP C 436 -41.75 -3.20 -11.18
C ASP C 436 -41.83 -4.66 -11.64
N MET C 437 -43.03 -5.24 -11.60
CA MET C 437 -43.21 -6.64 -11.97
C MET C 437 -42.94 -6.82 -13.46
N GLN C 438 -42.22 -7.89 -13.80
CA GLN C 438 -41.92 -8.21 -15.20
C GLN C 438 -43.05 -9.00 -15.84
N LEU C 439 -43.16 -8.94 -17.16
CA LEU C 439 -44.15 -9.72 -17.88
C LEU C 439 -43.86 -11.22 -17.72
N ARG C 440 -42.63 -11.57 -17.39
CA ARG C 440 -42.29 -12.94 -17.03
C ARG C 440 -43.19 -13.48 -15.93
N ARG C 441 -43.42 -12.66 -14.91
CA ARG C 441 -44.09 -13.13 -13.71
C ARG C 441 -45.59 -13.31 -13.92
N LEU C 442 -46.07 -13.03 -15.13
CA LEU C 442 -47.47 -13.19 -15.47
C LEU C 442 -47.78 -14.58 -16.03
N ALA C 443 -46.75 -15.39 -16.23
CA ALA C 443 -46.95 -16.75 -16.69
C ALA C 443 -47.60 -17.59 -15.59
N ALA C 444 -48.30 -18.66 -16.00
CA ALA C 444 -49.07 -19.47 -15.07
C ALA C 444 -48.23 -19.96 -13.89
N LEU C 445 -47.16 -20.67 -14.19
CA LEU C 445 -46.28 -21.21 -13.15
C LEU C 445 -45.62 -20.10 -12.36
N GLU C 446 -45.40 -18.96 -13.01
CA GLU C 446 -44.76 -17.83 -12.35
C GLU C 446 -45.72 -17.16 -11.38
N ARG C 447 -47.00 -17.11 -11.75
CA ARG C 447 -48.03 -16.63 -10.83
C ARG C 447 -48.08 -17.52 -9.60
N GLN C 448 -47.92 -18.82 -9.82
CA GLN C 448 -48.00 -19.81 -8.75
C GLN C 448 -46.85 -19.67 -7.75
N ARG C 449 -45.65 -19.36 -8.24
CA ARG C 449 -44.50 -19.23 -7.36
C ARG C 449 -44.67 -18.08 -6.38
N ILE C 450 -45.30 -17.00 -6.85
CA ILE C 450 -45.59 -15.86 -5.98
C ILE C 450 -46.49 -16.30 -4.83
N ILE C 451 -47.52 -17.06 -5.15
CA ILE C 451 -48.42 -17.60 -4.14
C ILE C 451 -47.65 -18.47 -3.15
N ASP C 452 -46.93 -19.45 -3.67
CA ASP C 452 -46.17 -20.38 -2.84
C ASP C 452 -45.11 -19.65 -2.02
N ASP C 453 -44.46 -18.67 -2.62
CA ASP C 453 -43.43 -17.90 -1.94
C ASP C 453 -44.02 -17.18 -0.74
N LEU C 454 -45.24 -16.67 -0.89
CA LEU C 454 -45.94 -16.03 0.21
C LEU C 454 -46.15 -17.07 1.31
N ALA C 455 -46.65 -18.24 0.94
CA ALA C 455 -46.85 -19.34 1.87
C ALA C 455 -45.53 -19.75 2.51
N LYS C 456 -44.48 -19.77 1.71
CA LYS C 456 -43.15 -20.12 2.18
C LYS C 456 -42.65 -19.16 3.25
N ILE C 457 -42.75 -17.87 2.96
CA ILE C 457 -42.23 -16.83 3.86
C ILE C 457 -43.02 -16.76 5.17
N GLU C 458 -44.34 -16.85 5.08
CA GLU C 458 -45.19 -16.80 6.27
C GLU C 458 -44.83 -17.91 7.25
N ALA C 459 -44.39 -19.05 6.72
CA ALA C 459 -43.90 -20.14 7.56
C ALA C 459 -42.59 -19.72 8.23
N GLU C 460 -41.72 -19.08 7.45
CA GLU C 460 -40.44 -18.60 7.98
C GLU C 460 -40.64 -17.53 9.04
N ILE C 461 -41.60 -16.64 8.81
CA ILE C 461 -41.89 -15.57 9.77
C ILE C 461 -42.34 -16.16 11.10
N ALA C 462 -43.22 -17.16 11.05
CA ALA C 462 -43.70 -17.83 12.25
C ALA C 462 -42.54 -18.48 13.00
N ASP C 463 -41.65 -19.13 12.27
CA ASP C 463 -40.47 -19.75 12.86
C ASP C 463 -39.59 -18.72 13.57
N LEU C 464 -39.32 -17.62 12.88
CA LEU C 464 -38.47 -16.56 13.44
C LEU C 464 -39.10 -15.97 14.70
N GLU C 465 -40.41 -15.70 14.65
CA GLU C 465 -41.14 -15.23 15.81
C GLU C 465 -41.02 -16.22 16.97
N ASP C 466 -41.07 -17.51 16.63
CA ASP C 466 -40.96 -18.57 17.63
C ASP C 466 -39.61 -18.54 18.32
N ILE C 467 -38.55 -18.31 17.54
CA ILE C 467 -37.20 -18.25 18.09
C ILE C 467 -37.06 -17.11 19.09
N LEU C 468 -37.54 -15.93 18.70
CA LEU C 468 -37.43 -14.75 19.55
C LEU C 468 -38.20 -14.91 20.86
N ALA C 469 -39.22 -15.75 20.84
CA ALA C 469 -40.08 -15.96 22.00
C ALA C 469 -39.56 -17.04 22.94
N LYS C 470 -38.54 -17.78 22.49
CA LYS C 470 -38.01 -18.92 23.24
C LYS C 470 -36.50 -18.82 23.44
N PRO C 471 -36.08 -18.47 24.67
CA PRO C 471 -34.64 -18.43 24.97
C PRO C 471 -33.98 -19.79 24.77
N GLU C 472 -34.76 -20.86 24.92
CA GLU C 472 -34.25 -22.21 24.73
C GLU C 472 -33.71 -22.42 23.31
N ARG C 473 -34.50 -22.01 22.32
CA ARG C 473 -34.10 -22.15 20.93
C ARG C 473 -32.87 -21.30 20.62
N GLN C 474 -32.85 -20.09 21.17
CA GLN C 474 -31.72 -19.18 20.97
C GLN C 474 -30.42 -19.82 21.42
N ARG C 475 -30.44 -20.36 22.64
CA ARG C 475 -29.28 -21.08 23.17
C ARG C 475 -28.95 -22.29 22.31
N GLY C 476 -30.01 -22.99 21.87
CA GLY C 476 -29.84 -24.16 21.03
C GLY C 476 -29.13 -23.85 19.73
N ILE C 477 -29.46 -22.71 19.13
CA ILE C 477 -28.83 -22.28 17.89
C ILE C 477 -27.34 -22.04 18.08
N VAL C 478 -26.98 -21.35 19.16
CA VAL C 478 -25.58 -21.08 19.45
C VAL C 478 -24.81 -22.40 19.60
N ARG C 479 -25.38 -23.31 20.36
CA ARG C 479 -24.79 -24.63 20.58
C ARG C 479 -24.58 -25.37 19.26
N ASP C 480 -25.64 -25.48 18.46
CA ASP C 480 -25.60 -26.26 17.23
C ASP C 480 -24.66 -25.64 16.20
N GLU C 481 -24.73 -24.32 16.05
CA GLU C 481 -23.88 -23.62 15.10
C GLU C 481 -22.42 -23.68 15.51
N LEU C 482 -22.15 -23.49 16.80
CA LEU C 482 -20.79 -23.59 17.32
C LEU C 482 -20.25 -25.00 17.13
N ALA C 483 -21.08 -25.99 17.45
CA ALA C 483 -20.69 -27.39 17.31
C ALA C 483 -20.27 -27.70 15.88
N GLU C 484 -21.01 -27.15 14.92
CA GLU C 484 -20.68 -27.32 13.52
C GLU C 484 -19.30 -26.74 13.20
N ILE C 485 -19.00 -25.58 13.76
CA ILE C 485 -17.71 -24.92 13.56
C ILE C 485 -16.58 -25.74 14.15
N VAL C 486 -16.78 -26.24 15.37
CA VAL C 486 -15.76 -27.01 16.06
C VAL C 486 -15.49 -28.35 15.36
N ASP C 487 -16.55 -29.02 14.93
CA ASP C 487 -16.41 -30.29 14.23
C ASP C 487 -15.56 -30.12 12.98
N ARG C 488 -15.71 -28.97 12.32
CA ARG C 488 -15.02 -28.71 11.07
C ARG C 488 -13.60 -28.18 11.28
N HIS C 489 -13.44 -27.25 12.22
CA HIS C 489 -12.18 -26.52 12.38
C HIS C 489 -11.43 -26.83 13.68
N GLY C 490 -12.02 -27.64 14.55
CA GLY C 490 -11.37 -28.02 15.79
C GLY C 490 -10.21 -28.95 15.51
N ASP C 491 -9.15 -28.85 16.33
CA ASP C 491 -7.99 -29.71 16.18
C ASP C 491 -7.53 -30.30 17.52
N ASP C 492 -6.58 -31.22 17.45
CA ASP C 492 -6.04 -31.87 18.65
C ASP C 492 -5.29 -30.87 19.52
N ARG C 493 -5.12 -31.22 20.79
CA ARG C 493 -4.30 -30.44 21.70
C ARG C 493 -2.83 -30.58 21.31
N ARG C 494 -2.07 -29.50 21.48
CA ARG C 494 -0.65 -29.50 21.14
C ARG C 494 0.21 -29.50 22.39
N THR C 495 -0.10 -28.59 23.32
CA THR C 495 0.64 -28.50 24.57
C THR C 495 0.20 -29.62 25.52
N ARG C 496 1.16 -30.45 25.91
CA ARG C 496 0.89 -31.56 26.84
C ARG C 496 0.97 -31.08 28.28
N ILE C 497 -0.02 -31.45 29.08
CA ILE C 497 -0.08 -31.05 30.48
C ILE C 497 0.36 -32.20 31.39
N ILE C 498 1.40 -31.95 32.18
CA ILE C 498 1.93 -32.92 33.12
C ILE C 498 1.96 -32.35 34.54
N ALA C 499 2.19 -33.21 35.52
CA ALA C 499 2.26 -32.81 36.92
C ALA C 499 3.70 -32.46 37.31
N ILE C 500 3.89 -32.07 38.56
CA ILE C 500 5.22 -31.73 39.06
C ILE C 500 6.14 -32.95 39.00
N ASN D 2 21.87 41.42 21.93
CA ASN D 2 22.09 39.99 21.80
C ASN D 2 21.68 39.45 20.43
N ALA D 3 22.63 38.79 19.76
CA ALA D 3 22.37 38.19 18.46
C ALA D 3 23.24 36.95 18.28
N LEU D 4 22.73 35.98 17.52
CA LEU D 4 23.44 34.72 17.31
C LEU D 4 23.34 34.26 15.85
N VAL D 5 24.42 33.65 15.37
CA VAL D 5 24.51 33.23 13.98
C VAL D 5 23.59 32.04 13.70
N ARG D 6 22.92 32.10 12.55
CA ARG D 6 22.09 31.01 12.07
C ARG D 6 22.89 30.18 11.07
N ARG D 7 22.58 28.89 10.97
CA ARG D 7 23.31 28.01 10.06
C ARG D 7 23.00 28.34 8.60
N LYS D 8 24.04 28.40 7.78
CA LYS D 8 23.90 28.67 6.35
C LYS D 8 25.04 28.02 5.57
N SER D 9 24.80 26.81 5.06
CA SER D 9 25.78 26.08 4.26
C SER D 9 27.11 25.94 5.00
N GLY D 15 27.50 24.00 13.24
CA GLY D 15 27.56 23.48 14.60
C GLY D 15 26.17 23.31 15.21
N LEU D 16 25.18 23.08 14.35
CA LEU D 16 23.80 22.90 14.79
C LEU D 16 23.23 21.61 14.18
N PRO D 17 22.08 21.14 14.69
CA PRO D 17 21.49 19.88 14.19
C PRO D 17 21.24 19.90 12.68
N GLY D 18 21.47 18.75 12.04
CA GLY D 18 21.28 18.64 10.60
C GLY D 18 19.82 18.76 10.19
N LYS D 19 18.91 18.38 11.08
CA LYS D 19 17.48 18.43 10.80
C LYS D 19 16.93 19.85 10.91
N LEU D 20 17.67 20.72 11.59
CA LEU D 20 17.22 22.08 11.84
C LEU D 20 17.20 22.92 10.56
N ALA D 21 16.01 23.45 10.24
CA ALA D 21 15.87 24.44 9.17
C ALA D 21 15.80 25.81 9.81
N ASP D 22 16.96 26.42 10.06
CA ASP D 22 17.04 27.64 10.83
C ASP D 22 16.43 28.83 10.09
N CYS D 23 16.16 29.90 10.83
CA CYS D 23 15.63 31.14 10.26
C CYS D 23 16.78 32.06 9.84
N ARG D 24 16.45 33.23 9.32
CA ARG D 24 17.48 34.18 8.86
C ARG D 24 17.76 35.26 9.89
N SER D 25 16.73 35.65 10.64
CA SER D 25 16.88 36.69 11.66
C SER D 25 17.81 36.25 12.77
N THR D 26 18.79 37.09 13.07
CA THR D 26 19.78 36.80 14.11
C THR D 26 19.33 37.29 15.49
N ASP D 27 18.11 37.82 15.57
CA ASP D 27 17.56 38.31 16.83
C ASP D 27 16.65 37.26 17.47
N PRO D 28 17.07 36.69 18.61
CA PRO D 28 16.24 35.69 19.29
C PRO D 28 14.87 36.23 19.72
N ARG D 29 14.83 37.50 20.08
CA ARG D 29 13.60 38.15 20.53
C ARG D 29 12.53 38.11 19.44
N LYS D 30 12.98 38.11 18.20
CA LYS D 30 12.07 38.08 17.04
C LYS D 30 11.99 36.69 16.40
N SER D 31 12.86 35.78 16.82
CA SER D 31 12.94 34.46 16.22
C SER D 31 11.99 33.46 16.88
N GLU D 32 11.59 32.45 16.12
CA GLU D 32 10.69 31.41 16.59
C GLU D 32 11.19 30.02 16.17
N LEU D 33 11.08 29.05 17.06
CA LEU D 33 11.41 27.66 16.74
C LEU D 33 10.16 26.79 16.81
N TYR D 34 9.78 26.24 15.66
CA TYR D 34 8.67 25.31 15.58
C TYR D 34 9.16 23.87 15.73
N VAL D 35 8.91 23.28 16.88
CA VAL D 35 9.22 21.87 17.11
C VAL D 35 8.06 21.03 16.59
N VAL D 36 8.32 20.30 15.50
CA VAL D 36 7.27 19.64 14.74
C VAL D 36 7.33 18.11 14.88
N GLU D 37 6.17 17.49 14.88
CA GLU D 37 6.04 16.04 14.90
C GLU D 37 6.10 15.47 13.49
N GLY D 38 7.15 14.71 13.19
CA GLY D 38 7.24 13.98 11.95
C GLY D 38 8.02 14.68 10.86
N ASP D 39 8.61 13.91 9.95
CA ASP D 39 9.39 14.46 8.84
C ASP D 39 8.49 15.13 7.81
N SER D 40 7.34 14.53 7.54
CA SER D 40 6.38 15.07 6.59
C SER D 40 5.92 16.46 7.00
N ALA D 41 5.41 16.56 8.23
CA ALA D 41 4.92 17.82 8.75
C ALA D 41 6.03 18.86 8.79
N GLY D 42 7.22 18.42 9.21
CA GLY D 42 8.37 19.30 9.28
C GLY D 42 8.76 19.80 7.90
N GLY D 43 8.63 18.93 6.90
CA GLY D 43 8.95 19.30 5.53
C GLY D 43 8.01 20.37 5.01
N SER D 44 6.71 20.19 5.26
CA SER D 44 5.72 21.17 4.85
C SER D 44 5.90 22.48 5.59
N ALA D 45 6.25 22.38 6.87
CA ALA D 45 6.46 23.57 7.70
C ALA D 45 7.66 24.35 7.18
N LYS D 46 8.71 23.63 6.81
CA LYS D 46 9.91 24.25 6.26
C LYS D 46 9.58 25.05 5.01
N SER D 47 8.52 24.64 4.31
CA SER D 47 8.13 25.29 3.06
C SER D 47 7.15 26.44 3.27
N GLY D 48 6.21 26.27 4.19
CA GLY D 48 5.17 27.26 4.43
C GLY D 48 5.55 28.36 5.40
N ARG D 49 6.65 28.16 6.12
CA ARG D 49 7.10 29.11 7.13
C ARG D 49 7.48 30.46 6.55
N ASP D 50 7.68 31.43 7.44
CA ASP D 50 8.39 32.65 7.11
C ASP D 50 9.84 32.46 7.53
N SER D 51 10.69 32.14 6.54
CA SER D 51 12.07 31.78 6.81
C SER D 51 12.86 32.88 7.52
N MET D 52 12.31 34.09 7.57
CA MET D 52 12.99 35.20 8.22
C MET D 52 13.02 35.01 9.74
N PHE D 53 11.87 34.65 10.33
CA PHE D 53 11.73 34.60 11.78
C PHE D 53 11.40 33.21 12.32
N GLN D 54 11.05 32.29 11.43
CA GLN D 54 10.58 30.96 11.86
C GLN D 54 11.54 29.86 11.43
N ALA D 55 11.99 29.09 12.41
CA ALA D 55 12.85 27.92 12.17
C ALA D 55 12.07 26.65 12.49
N ILE D 56 12.44 25.56 11.82
CA ILE D 56 11.75 24.29 11.98
C ILE D 56 12.71 23.19 12.45
N LEU D 57 12.32 22.51 13.53
CA LEU D 57 13.05 21.33 14.00
C LEU D 57 12.12 20.13 14.05
N PRO D 58 12.13 19.30 12.99
CA PRO D 58 11.29 18.11 13.01
C PRO D 58 11.81 17.04 13.98
N LEU D 59 10.90 16.49 14.78
CA LEU D 59 11.23 15.40 15.68
C LEU D 59 10.60 14.12 15.17
N ARG D 60 11.40 13.06 15.10
CA ARG D 60 10.96 11.78 14.54
C ARG D 60 10.72 10.75 15.64
N GLY D 61 9.51 10.23 15.68
CA GLY D 61 9.15 9.20 16.64
C GLY D 61 8.85 9.77 18.02
N LYS D 62 8.42 8.89 18.92
CA LYS D 62 8.15 9.30 20.30
C LYS D 62 9.43 9.72 21.00
N ILE D 63 9.39 10.87 21.65
CA ILE D 63 10.54 11.38 22.40
C ILE D 63 10.80 10.56 23.65
N ILE D 64 12.07 10.44 24.01
CA ILE D 64 12.46 9.65 25.16
C ILE D 64 11.97 10.31 26.45
N ASN D 65 11.44 9.49 27.35
CA ASN D 65 10.94 9.97 28.63
C ASN D 65 12.10 10.24 29.58
N VAL D 66 12.39 11.52 29.81
CA VAL D 66 13.50 11.90 30.68
C VAL D 66 13.19 11.65 32.15
N GLU D 67 11.92 11.39 32.45
CA GLU D 67 11.51 11.06 33.80
C GLU D 67 11.89 9.62 34.15
N LYS D 68 11.80 8.73 33.17
CA LYS D 68 12.10 7.32 33.38
C LYS D 68 13.57 6.99 33.09
N ALA D 69 14.05 7.41 31.92
CA ALA D 69 15.41 7.07 31.49
C ALA D 69 16.45 7.86 32.27
N ARG D 70 17.59 7.22 32.55
CA ARG D 70 18.69 7.90 33.22
C ARG D 70 19.30 8.95 32.29
N ILE D 71 19.93 9.95 32.89
CA ILE D 71 20.39 11.14 32.18
C ILE D 71 21.37 10.81 31.05
N ASP D 72 22.32 9.92 31.32
CA ASP D 72 23.34 9.60 30.32
C ASP D 72 22.70 9.05 29.05
N ARG D 73 21.64 8.26 29.21
CA ARG D 73 20.94 7.70 28.06
C ARG D 73 20.15 8.78 27.32
N VAL D 74 19.60 9.73 28.08
CA VAL D 74 18.85 10.83 27.50
C VAL D 74 19.74 11.74 26.63
N LEU D 75 20.95 12.00 27.10
CA LEU D 75 21.86 12.88 26.39
C LEU D 75 22.40 12.22 25.12
N LYS D 76 22.33 10.90 25.06
CA LYS D 76 22.78 10.16 23.88
C LYS D 76 21.68 10.09 22.82
N ASN D 77 20.44 10.36 23.22
CA ASN D 77 19.31 10.34 22.29
C ASN D 77 19.44 11.47 21.27
N THR D 78 19.39 11.12 20.00
CA THR D 78 19.61 12.08 18.92
C THR D 78 18.58 13.21 18.91
N GLU D 79 17.34 12.90 19.23
CA GLU D 79 16.27 13.90 19.18
C GLU D 79 16.39 14.91 20.33
N VAL D 80 16.76 14.43 21.51
CA VAL D 80 16.95 15.32 22.65
C VAL D 80 18.13 16.23 22.40
N GLN D 81 19.22 15.68 21.87
CA GLN D 81 20.40 16.46 21.54
C GLN D 81 20.04 17.58 20.57
N ALA D 82 19.18 17.26 19.60
CA ALA D 82 18.76 18.23 18.60
C ALA D 82 18.03 19.41 19.26
N ILE D 83 17.13 19.09 20.18
CA ILE D 83 16.36 20.10 20.88
C ILE D 83 17.28 20.97 21.73
N ILE D 84 18.07 20.34 22.59
CA ILE D 84 18.98 21.07 23.47
C ILE D 84 19.95 21.93 22.66
N THR D 85 20.49 21.37 21.58
CA THR D 85 21.44 22.09 20.76
C THR D 85 20.79 23.27 20.04
N ALA D 86 19.57 23.04 19.54
CA ALA D 86 18.86 24.07 18.78
C ALA D 86 18.45 25.24 19.67
N LEU D 87 18.02 24.93 20.90
CA LEU D 87 17.61 25.97 21.84
C LEU D 87 18.81 26.80 22.32
N GLY D 88 20.00 26.20 22.23
CA GLY D 88 21.24 26.89 22.55
C GLY D 88 21.55 26.91 24.03
N THR D 89 20.52 26.91 24.86
CA THR D 89 20.68 26.91 26.30
C THR D 89 21.18 25.56 26.77
N GLY D 90 21.86 25.55 27.92
CA GLY D 90 22.29 24.30 28.53
C GLY D 90 21.10 23.61 29.19
N ILE D 91 21.40 22.74 30.15
CA ILE D 91 20.37 22.04 30.90
C ILE D 91 20.71 22.00 32.38
N HIS D 92 19.68 21.92 33.21
CA HIS D 92 19.85 21.84 34.67
C HIS D 92 20.63 23.06 35.20
N ASP D 93 21.76 22.81 35.84
CA ASP D 93 22.52 23.88 36.49
C ASP D 93 23.25 24.77 35.49
N GLU D 94 23.57 24.22 34.33
CA GLU D 94 24.29 24.97 33.31
C GLU D 94 23.34 25.74 32.39
N PHE D 95 22.10 25.89 32.82
CA PHE D 95 21.09 26.62 32.05
C PHE D 95 21.40 28.12 32.07
N ASP D 96 21.47 28.71 30.88
CA ASP D 96 21.72 30.14 30.73
C ASP D 96 20.77 30.74 29.70
N ILE D 97 19.68 31.33 30.18
CA ILE D 97 18.63 31.85 29.30
C ILE D 97 19.15 32.91 28.33
N GLY D 98 20.26 33.55 28.68
CA GLY D 98 20.86 34.56 27.85
C GLY D 98 21.26 34.02 26.48
N LYS D 99 21.53 32.72 26.42
CA LYS D 99 21.99 32.08 25.20
C LYS D 99 20.85 31.44 24.41
N LEU D 100 19.62 31.73 24.83
CA LEU D 100 18.43 31.23 24.14
C LEU D 100 18.34 31.76 22.71
N ARG D 101 18.28 30.86 21.74
CA ARG D 101 18.31 31.23 20.33
C ARG D 101 16.93 31.56 19.77
N TYR D 102 15.89 31.22 20.52
CA TYR D 102 14.51 31.52 20.12
C TYR D 102 13.64 31.88 21.33
N HIS D 103 13.01 33.04 21.29
CA HIS D 103 12.14 33.48 22.39
C HIS D 103 10.73 32.93 22.27
N LYS D 104 10.47 32.18 21.20
CA LYS D 104 9.21 31.45 21.04
C LYS D 104 9.47 30.02 20.62
N ILE D 105 9.14 29.09 21.51
CA ILE D 105 9.33 27.66 21.26
C ILE D 105 7.96 27.02 21.09
N VAL D 106 7.54 26.89 19.84
CA VAL D 106 6.22 26.36 19.52
C VAL D 106 6.28 24.86 19.32
N LEU D 107 5.56 24.12 20.16
CA LEU D 107 5.39 22.69 19.99
C LEU D 107 4.18 22.43 19.10
N MET D 108 4.42 21.79 17.96
CA MET D 108 3.35 21.52 17.01
C MET D 108 3.25 20.03 16.71
N ALA D 109 2.22 19.41 17.27
CA ALA D 109 1.99 17.97 17.13
C ALA D 109 0.62 17.74 16.50
N ASP D 110 0.35 16.51 16.10
CA ASP D 110 -0.94 16.17 15.53
C ASP D 110 -2.05 16.40 16.55
N ALA D 111 -3.25 16.69 16.05
CA ALA D 111 -4.40 16.86 16.92
C ALA D 111 -4.83 15.51 17.50
N ASP D 112 -4.32 14.42 16.93
CA ASP D 112 -4.69 13.09 17.37
C ASP D 112 -4.09 12.80 18.73
N VAL D 113 -4.37 11.59 19.22
CA VAL D 113 -3.97 11.20 20.55
C VAL D 113 -2.44 11.09 20.73
N ASP D 114 -1.76 10.66 19.68
CA ASP D 114 -0.32 10.47 19.74
C ASP D 114 0.45 11.79 19.79
N GLY D 115 -0.14 12.83 19.24
CA GLY D 115 0.42 14.16 19.32
C GLY D 115 0.37 14.68 20.74
N GLN D 116 -0.74 14.40 21.41
CA GLN D 116 -0.89 14.78 22.81
C GLN D 116 0.21 14.13 23.65
N HIS D 117 0.49 12.87 23.36
CA HIS D 117 1.52 12.13 24.09
C HIS D 117 2.90 12.76 23.90
N ILE D 118 3.21 13.12 22.66
CA ILE D 118 4.49 13.74 22.35
C ILE D 118 4.61 15.10 23.05
N SER D 119 3.49 15.79 23.20
CA SER D 119 3.47 17.06 23.90
C SER D 119 3.90 16.87 25.36
N THR D 120 3.37 15.85 26.01
CA THR D 120 3.67 15.59 27.41
C THR D 120 5.14 15.20 27.57
N LEU D 121 5.67 14.46 26.59
CA LEU D 121 7.06 14.05 26.62
C LEU D 121 7.99 15.24 26.43
N LEU D 122 7.61 16.15 25.54
CA LEU D 122 8.39 17.36 25.30
C LEU D 122 8.30 18.31 26.50
N LEU D 123 7.09 18.50 27.03
CA LEU D 123 6.89 19.35 28.20
C LEU D 123 7.65 18.80 29.40
N THR D 124 7.78 17.48 29.48
CA THR D 124 8.53 16.84 30.55
C THR D 124 10.02 17.14 30.40
N LEU D 125 10.52 17.06 29.17
CA LEU D 125 11.90 17.42 28.88
C LEU D 125 12.18 18.86 29.29
N LEU D 126 11.30 19.77 28.88
CA LEU D 126 11.47 21.18 29.17
C LEU D 126 11.41 21.46 30.67
N PHE D 127 10.40 20.91 31.34
CA PHE D 127 10.20 21.19 32.76
C PHE D 127 11.35 20.66 33.63
N ARG D 128 11.98 19.57 33.18
CA ARG D 128 13.02 18.92 33.97
C ARG D 128 14.43 19.41 33.65
N PHE D 129 14.67 19.79 32.40
CA PHE D 129 16.00 20.17 31.95
C PHE D 129 16.15 21.68 31.78
N MET D 130 15.07 22.35 31.39
CA MET D 130 15.11 23.75 31.00
C MET D 130 13.87 24.49 31.51
N ARG D 131 13.61 24.38 32.80
CA ARG D 131 12.37 24.88 33.40
C ARG D 131 12.12 26.39 33.15
N PRO D 132 13.17 27.22 33.25
CA PRO D 132 12.96 28.66 33.06
C PRO D 132 12.29 29.04 31.74
N LEU D 133 12.43 28.20 30.73
CA LEU D 133 11.77 28.45 29.45
C LEU D 133 10.25 28.47 29.61
N ILE D 134 9.75 27.65 30.53
CA ILE D 134 8.32 27.59 30.80
C ILE D 134 7.90 28.75 31.69
N GLU D 135 8.72 29.04 32.71
CA GLU D 135 8.42 30.09 33.66
C GLU D 135 8.37 31.46 33.00
N ASN D 136 9.22 31.68 32.01
CA ASN D 136 9.31 32.96 31.33
C ASN D 136 8.46 33.02 30.06
N GLY D 137 7.61 32.01 29.87
CA GLY D 137 6.64 32.02 28.79
C GLY D 137 7.22 31.95 27.40
N HIS D 138 8.29 31.18 27.23
CA HIS D 138 8.90 30.98 25.91
C HIS D 138 8.34 29.74 25.22
N VAL D 139 7.55 28.96 25.95
CA VAL D 139 6.98 27.73 25.42
C VAL D 139 5.52 27.91 25.04
N PHE D 140 5.18 27.50 23.82
CA PHE D 140 3.82 27.60 23.32
C PHE D 140 3.35 26.27 22.71
N LEU D 141 2.04 26.13 22.56
CA LEU D 141 1.44 24.98 21.90
C LEU D 141 0.62 25.43 20.72
N ALA D 142 0.98 24.95 19.53
CA ALA D 142 0.21 25.24 18.33
C ALA D 142 -0.98 24.31 18.26
N GLN D 143 -2.15 24.87 17.93
CA GLN D 143 -3.37 24.09 17.78
C GLN D 143 -3.65 23.84 16.30
N PRO D 144 -3.41 22.62 15.81
CA PRO D 144 -3.64 22.38 14.38
C PRO D 144 -5.13 22.40 14.03
N PRO D 145 -5.46 22.64 12.75
CA PRO D 145 -6.85 22.55 12.32
C PRO D 145 -7.35 21.10 12.31
N LEU D 146 -8.66 20.91 12.37
CA LEU D 146 -9.25 19.58 12.29
C LEU D 146 -10.02 19.42 10.99
N TYR D 147 -10.58 20.52 10.50
CA TYR D 147 -11.38 20.50 9.28
C TYR D 147 -11.03 21.64 8.33
N LYS D 148 -11.24 21.40 7.05
CA LYS D 148 -11.14 22.44 6.02
C LYS D 148 -12.41 22.42 5.19
N LEU D 149 -13.23 23.47 5.33
CA LEU D 149 -14.47 23.58 4.57
C LEU D 149 -14.19 24.16 3.19
N LYS D 150 -14.50 23.40 2.15
CA LYS D 150 -14.24 23.82 0.78
C LYS D 150 -15.52 24.24 0.07
N TRP D 151 -15.88 25.52 0.23
CA TRP D 151 -17.08 26.06 -0.41
C TRP D 151 -16.86 26.13 -1.91
N GLN D 152 -17.95 25.99 -2.66
CA GLN D 152 -17.86 25.89 -4.12
C GLN D 152 -17.33 27.17 -4.76
N ARG D 153 -17.71 28.32 -4.22
CA ARG D 153 -17.37 29.60 -4.82
C ARG D 153 -16.58 30.50 -3.88
N SER D 154 -16.77 30.32 -2.58
CA SER D 154 -16.13 31.17 -1.58
C SER D 154 -14.79 30.61 -1.15
N ASP D 155 -14.01 31.41 -0.44
CA ASP D 155 -12.72 30.96 0.08
C ASP D 155 -12.92 29.86 1.11
N PRO D 156 -11.97 28.91 1.18
CA PRO D 156 -12.13 27.81 2.14
C PRO D 156 -11.91 28.26 3.58
N GLU D 157 -12.62 27.64 4.52
CA GLU D 157 -12.51 27.96 5.93
C GLU D 157 -11.95 26.79 6.71
N PHE D 158 -11.15 27.08 7.74
CA PHE D 158 -10.57 26.06 8.60
C PHE D 158 -11.26 26.06 9.95
N ALA D 159 -11.42 24.86 10.52
CA ALA D 159 -12.06 24.71 11.83
C ALA D 159 -11.15 23.93 12.77
N TYR D 160 -11.11 24.34 14.04
CA TYR D 160 -10.23 23.73 15.03
C TYR D 160 -10.98 22.87 16.03
N SER D 161 -12.28 22.66 15.79
CA SER D 161 -13.09 21.79 16.64
C SER D 161 -14.35 21.36 15.90
N ASP D 162 -15.00 20.32 16.42
CA ASP D 162 -16.25 19.83 15.83
C ASP D 162 -17.32 20.92 15.89
N ARG D 163 -17.31 21.68 16.98
CA ARG D 163 -18.29 22.73 17.19
C ARG D 163 -18.13 23.82 16.14
N GLU D 164 -16.91 24.30 15.97
CA GLU D 164 -16.62 25.36 15.00
C GLU D 164 -16.97 24.91 13.59
N ARG D 165 -16.73 23.64 13.29
CA ARG D 165 -17.12 23.07 12.01
C ARG D 165 -18.63 23.23 11.80
N ASP D 166 -19.40 22.81 12.81
CA ASP D 166 -20.86 22.91 12.76
C ASP D 166 -21.29 24.36 12.63
N GLY D 167 -20.57 25.26 13.30
CA GLY D 167 -20.89 26.67 13.26
C GLY D 167 -20.64 27.29 11.90
N LEU D 168 -19.45 27.07 11.36
CA LEU D 168 -19.08 27.64 10.07
C LEU D 168 -19.91 27.04 8.96
N LEU D 169 -20.27 25.77 9.09
CA LEU D 169 -21.14 25.12 8.12
C LEU D 169 -22.51 25.76 8.10
N GLU D 170 -23.10 25.93 9.28
CA GLU D 170 -24.42 26.52 9.42
C GLU D 170 -24.45 27.96 8.89
N ALA D 171 -23.46 28.75 9.30
CA ALA D 171 -23.39 30.15 8.92
C ALA D 171 -23.26 30.33 7.41
N GLY D 172 -22.37 29.55 6.80
CA GLY D 172 -22.16 29.63 5.37
C GLY D 172 -23.40 29.24 4.59
N LEU D 173 -24.02 28.14 4.99
CA LEU D 173 -25.24 27.67 4.35
C LEU D 173 -26.35 28.71 4.49
N LYS D 174 -26.42 29.32 5.67
CA LYS D 174 -27.41 30.36 5.93
C LYS D 174 -27.11 31.58 5.06
N ALA D 175 -25.83 31.79 4.79
CA ALA D 175 -25.39 32.93 3.98
C ALA D 175 -25.55 32.68 2.48
N GLY D 176 -26.00 31.48 2.11
CA GLY D 176 -26.28 31.17 0.73
C GLY D 176 -25.13 30.49 -0.01
N LYS D 177 -24.06 30.17 0.73
CA LYS D 177 -22.93 29.45 0.16
C LYS D 177 -23.27 27.97 0.03
N LYS D 178 -22.47 27.24 -0.73
CA LYS D 178 -22.73 25.82 -0.96
C LYS D 178 -21.45 24.98 -0.98
N ILE D 179 -21.57 23.73 -0.56
CA ILE D 179 -20.44 22.80 -0.55
C ILE D 179 -20.78 21.54 -1.30
N ASN D 180 -19.78 20.94 -1.96
CA ASN D 180 -19.93 19.60 -2.51
C ASN D 180 -20.10 18.59 -1.38
N LYS D 181 -20.95 17.60 -1.57
CA LYS D 181 -21.12 16.55 -0.57
C LYS D 181 -20.15 15.40 -0.82
N GLU D 182 -19.29 15.56 -1.81
CA GLU D 182 -18.24 14.59 -2.11
C GLU D 182 -16.89 15.07 -1.55
N ASP D 183 -16.28 16.04 -2.22
CA ASP D 183 -15.05 16.66 -1.71
C ASP D 183 -15.34 17.21 -0.33
N GLY D 184 -16.23 18.19 -0.28
CA GLY D 184 -16.78 18.70 0.96
C GLY D 184 -15.79 19.14 2.01
N ILE D 185 -16.01 18.65 3.23
CA ILE D 185 -15.19 19.01 4.37
C ILE D 185 -14.05 18.02 4.54
N GLN D 186 -12.83 18.47 4.27
CA GLN D 186 -11.64 17.66 4.47
C GLN D 186 -11.31 17.63 5.96
N ARG D 187 -11.15 16.42 6.49
CA ARG D 187 -10.78 16.26 7.90
C ARG D 187 -9.31 15.87 8.03
N TYR D 188 -8.56 16.70 8.75
CA TYR D 188 -7.15 16.43 9.00
C TYR D 188 -6.97 15.43 10.12
N LYS D 189 -6.15 14.41 9.87
CA LYS D 189 -5.81 13.42 10.89
C LYS D 189 -4.38 13.58 11.38
N GLY D 190 -3.70 14.61 10.89
CA GLY D 190 -2.34 14.88 11.31
C GLY D 190 -1.70 15.97 10.48
N LEU D 191 -0.62 16.54 11.00
CA LEU D 191 0.11 17.60 10.32
C LEU D 191 0.70 17.13 8.99
N GLY D 192 1.01 15.85 8.91
CA GLY D 192 1.63 15.27 7.73
C GLY D 192 0.73 15.29 6.50
N GLU D 193 -0.58 15.40 6.73
CA GLU D 193 -1.54 15.41 5.65
C GLU D 193 -1.70 16.81 5.03
N MET D 194 -1.15 17.81 5.69
CA MET D 194 -1.27 19.20 5.24
C MET D 194 -0.12 19.59 4.32
N ASP D 195 -0.40 20.50 3.39
CA ASP D 195 0.65 21.06 2.53
C ASP D 195 1.22 22.33 3.15
N ALA D 196 2.15 22.97 2.46
CA ALA D 196 2.82 24.15 2.97
C ALA D 196 1.83 25.29 3.23
N LYS D 197 0.99 25.57 2.24
CA LYS D 197 0.03 26.66 2.33
C LYS D 197 -0.91 26.49 3.54
N GLU D 198 -1.47 25.29 3.66
CA GLU D 198 -2.41 24.99 4.73
C GLU D 198 -1.80 25.21 6.11
N LEU D 199 -0.55 24.79 6.29
CA LEU D 199 0.13 24.95 7.56
C LEU D 199 0.35 26.42 7.89
N TRP D 200 0.72 27.20 6.88
CA TRP D 200 0.92 28.63 7.06
C TRP D 200 -0.37 29.29 7.52
N GLU D 201 -1.46 29.01 6.82
CA GLU D 201 -2.72 29.71 7.04
C GLU D 201 -3.50 29.21 8.27
N THR D 202 -2.88 28.39 9.10
CA THR D 202 -3.57 27.84 10.28
C THR D 202 -2.71 27.74 11.53
N THR D 203 -1.39 27.61 11.37
CA THR D 203 -0.52 27.36 12.52
C THR D 203 0.77 28.18 12.56
N MET D 204 1.13 28.81 11.44
CA MET D 204 2.43 29.50 11.37
C MET D 204 2.31 30.98 11.06
N ASP D 205 1.27 31.37 10.31
CA ASP D 205 1.03 32.79 10.06
C ASP D 205 0.64 33.44 11.38
N PRO D 206 1.50 34.34 11.90
CA PRO D 206 1.25 34.90 13.24
C PRO D 206 -0.05 35.69 13.37
N SER D 207 -0.65 36.05 12.24
CA SER D 207 -1.86 36.87 12.25
C SER D 207 -3.14 36.03 12.31
N VAL D 208 -3.01 34.71 12.25
CA VAL D 208 -4.18 33.82 12.28
C VAL D 208 -3.95 32.56 13.12
N ARG D 209 -2.70 32.29 13.47
CA ARG D 209 -2.37 31.09 14.22
C ARG D 209 -2.97 31.10 15.62
N VAL D 210 -3.34 29.92 16.11
CA VAL D 210 -3.91 29.76 17.44
C VAL D 210 -2.88 29.12 18.36
N LEU D 211 -2.17 29.95 19.12
CA LEU D 211 -1.15 29.47 20.05
C LEU D 211 -1.64 29.50 21.49
N ARG D 212 -1.15 28.55 22.28
CA ARG D 212 -1.41 28.52 23.72
C ARG D 212 -0.09 28.59 24.49
N GLN D 213 0.04 29.60 25.34
CA GLN D 213 1.26 29.80 26.10
C GLN D 213 1.25 28.97 27.38
N VAL D 214 2.24 28.08 27.51
CA VAL D 214 2.33 27.21 28.67
C VAL D 214 2.73 28.02 29.91
N THR D 215 1.84 28.03 30.90
CA THR D 215 2.09 28.73 32.15
C THR D 215 2.40 27.74 33.27
N LEU D 216 3.22 28.18 34.22
CA LEU D 216 3.57 27.36 35.38
C LEU D 216 3.22 28.11 36.67
N ASP D 217 2.16 27.66 37.33
CA ASP D 217 1.71 28.28 38.57
C ASP D 217 2.43 27.66 39.78
N ASP D 218 1.94 26.50 40.21
CA ASP D 218 2.52 25.81 41.35
C ASP D 218 3.60 24.81 40.90
N ALA D 219 4.86 25.15 41.19
CA ALA D 219 5.98 24.32 40.76
C ALA D 219 6.00 22.98 41.49
N ALA D 220 5.68 23.01 42.79
CA ALA D 220 5.68 21.80 43.60
C ALA D 220 4.60 20.83 43.13
N ALA D 221 3.42 21.36 42.86
CA ALA D 221 2.31 20.56 42.36
C ALA D 221 2.65 19.99 40.99
N ALA D 222 3.25 20.82 40.14
CA ALA D 222 3.67 20.38 38.80
C ALA D 222 4.68 19.25 38.90
N ASP D 223 5.66 19.42 39.79
CA ASP D 223 6.67 18.41 40.04
C ASP D 223 6.05 17.06 40.38
N GLU D 224 5.02 17.08 41.23
CA GLU D 224 4.35 15.87 41.65
C GLU D 224 3.60 15.22 40.49
N LEU D 225 2.88 16.04 39.72
CA LEU D 225 2.08 15.53 38.60
C LEU D 225 2.97 14.91 37.54
N PHE D 226 4.09 15.56 37.25
CA PHE D 226 5.05 15.03 36.29
C PHE D 226 5.57 13.68 36.75
N SER D 227 5.90 13.58 38.04
CA SER D 227 6.45 12.36 38.60
C SER D 227 5.43 11.22 38.59
N ILE D 228 4.16 11.55 38.82
CA ILE D 228 3.11 10.54 38.82
C ILE D 228 2.87 10.02 37.41
N LEU D 229 2.62 10.93 36.48
CA LEU D 229 2.26 10.56 35.11
C LEU D 229 3.44 9.98 34.33
N MET D 230 4.63 10.55 34.52
CA MET D 230 5.78 10.21 33.68
C MET D 230 6.81 9.33 34.39
N GLY D 231 6.65 9.15 35.69
CA GLY D 231 7.64 8.43 36.49
C GLY D 231 7.66 6.92 36.27
N GLU D 232 8.51 6.23 37.03
CA GLU D 232 8.66 4.79 36.91
C GLU D 232 7.55 4.04 37.66
N ASP D 233 6.95 4.71 38.63
CA ASP D 233 5.88 4.11 39.43
C ASP D 233 4.61 3.91 38.61
N VAL D 234 4.33 2.66 38.24
CA VAL D 234 3.15 2.34 37.44
C VAL D 234 1.87 2.44 38.27
N ASP D 235 1.90 1.87 39.48
CA ASP D 235 0.75 1.84 40.36
C ASP D 235 0.19 3.23 40.57
N ALA D 236 1.06 4.19 40.86
CA ALA D 236 0.66 5.57 41.06
C ALA D 236 -0.04 6.12 39.83
N ARG D 237 0.54 5.83 38.66
CA ARG D 237 -0.03 6.30 37.40
C ARG D 237 -1.36 5.64 37.11
N ARG D 238 -1.46 4.34 37.35
CA ARG D 238 -2.69 3.60 37.13
C ARG D 238 -3.83 4.17 37.98
N SER D 239 -3.57 4.35 39.27
CA SER D 239 -4.60 4.86 40.18
C SER D 239 -4.99 6.30 39.85
N PHE D 240 -4.02 7.10 39.42
CA PHE D 240 -4.28 8.49 39.03
C PHE D 240 -5.22 8.56 37.82
N ILE D 241 -4.98 7.69 36.85
CA ILE D 241 -5.79 7.67 35.64
C ILE D 241 -7.22 7.22 35.93
N THR D 242 -7.36 6.10 36.64
CA THR D 242 -8.68 5.58 36.99
C THR D 242 -9.44 6.59 37.85
N ARG D 243 -8.70 7.40 38.61
CA ARG D 243 -9.30 8.38 39.52
C ARG D 243 -9.78 9.64 38.79
N ASN D 244 -8.99 10.10 37.81
CA ASN D 244 -9.21 11.42 37.22
C ASN D 244 -9.72 11.40 35.77
N ALA D 245 -9.64 10.25 35.11
CA ALA D 245 -10.10 10.14 33.73
C ALA D 245 -11.60 10.33 33.64
N LYS D 246 -12.29 9.95 34.72
CA LYS D 246 -13.74 10.08 34.79
C LYS D 246 -14.20 11.53 34.68
N ASP D 247 -13.31 12.47 35.01
CA ASP D 247 -13.67 13.88 35.10
C ASP D 247 -12.83 14.78 34.20
N VAL D 248 -12.20 14.20 33.18
CA VAL D 248 -11.32 14.95 32.30
C VAL D 248 -12.12 15.98 31.49
N ARG D 249 -13.37 15.64 31.18
CA ARG D 249 -14.23 16.51 30.41
C ARG D 249 -14.59 17.79 31.16
N PHE D 250 -14.62 17.69 32.49
CA PHE D 250 -15.19 18.75 33.32
C PHE D 250 -14.13 19.60 34.01
N LEU D 251 -12.94 19.66 33.42
CA LEU D 251 -11.84 20.44 34.00
C LEU D 251 -12.03 21.93 33.76
N ASP D 252 -12.75 22.28 32.69
CA ASP D 252 -12.93 23.68 32.29
C ASP D 252 -14.39 24.13 32.33
N VAL D 253 -15.28 23.29 32.84
CA VAL D 253 -16.69 23.63 32.92
C VAL D 253 -16.92 24.70 33.99
MG MG I . 11.99 -9.77 -9.71
MG MG J . 8.46 -0.71 12.34
MG MG K . -0.67 11.35 13.90
MG MG L . 14.08 4.00 -3.73
C01 8MX M . 11.40 6.96 13.01
C02 8MX M . 11.44 5.43 13.01
C03 8MX M . 10.34 4.59 12.55
C04 8MX M . 10.50 3.22 12.60
C05 8MX M . 11.68 2.64 13.09
C06 8MX M . 12.72 3.43 13.54
C07 8MX M . 12.61 4.81 13.50
N08 8MX M . 13.79 5.53 14.00
C09 8MX M . 14.60 6.23 12.96
C10 8MX M . 15.01 7.31 13.55
C11 8MX M . 16.52 7.23 13.97
C12 8MX M . 16.99 8.48 14.57
C13 8MX M . 15.81 9.21 15.50
N14 8MX M . 14.83 8.17 16.02
C15 8MX M . 14.02 7.62 14.87
C16 8MX M . 13.53 6.55 15.22
F17 8MX M . 13.83 2.87 14.01
C18 8MX M . 9.50 2.31 12.18
O19 8MX M . 9.68 1.11 12.25
C20 8MX M . 8.31 2.82 11.68
C21 8MX M . 8.15 4.19 11.62
N22 8MX M . 9.11 5.04 12.03
C23 8MX M . 8.71 6.41 11.89
C24 8MX M . 7.34 7.08 11.91
C25 8MX M . 8.33 7.35 13.02
C26 8MX M . 7.19 1.94 11.21
O27 8MX M . 6.30 2.45 10.49
O28 8MX M . 7.13 0.72 11.53
H011 8MX M . 12.29 7.33 13.05
H013 8MX M . 10.88 7.28 13.78
H012 8MX M . 11.00 7.28 12.19
H051 8MX M . 11.77 1.66 13.13
H091 8MX M . 15.37 5.67 12.69
H092 8MX M . 14.05 6.46 12.18
H101 8MX M . 14.92 8.05 12.92
H111 8MX M . 17.06 7.04 13.16
H112 8MX M . 16.64 6.50 14.61
H122 8MX M . 17.77 8.30 15.13
H121 8MX M . 17.26 9.11 13.85
H132 8MX M . 16.22 9.66 16.26
H131 8MX M . 15.32 9.87 14.96
H141 8MX M . 15.31 7.49 16.42
H151 8MX M . 13.33 8.26 14.62
H162 8MX M . 13.96 6.22 16.04
H161 8MX M . 12.57 6.66 15.38
H211 8MX M . 7.32 4.56 11.28
H231 8MX M . 9.26 6.86 11.22
H241 8MX M . 7.21 7.82 11.27
H242 8MX M . 6.58 6.51 12.15
H252 8MX M . 8.77 8.23 13.00
H251 8MX M . 8.13 6.93 13.88
C01 8MX N . 18.49 -2.55 -1.31
C02 8MX N . 18.12 -1.07 -1.51
C03 8MX N . 16.84 -0.61 -2.03
C04 8MX N . 16.64 0.74 -2.14
C05 8MX N . 17.64 1.66 -1.79
C06 8MX N . 18.88 1.22 -1.31
C07 8MX N . 19.13 -0.16 -1.17
N08 8MX N . 20.39 -0.68 -0.66
C09 8MX N . 21.15 -1.45 -1.65
C10 8MX N . 22.38 -1.27 -1.34
C11 8MX N . 23.29 -2.51 -1.21
C12 8MX N . 23.10 -3.23 0.05
C13 8MX N . 23.32 -2.21 1.33
N14 8MX N . 22.21 -1.23 1.26
C15 8MX N . 22.40 -0.38 0.05
C16 8MX N . 21.47 0.33 -0.12
F17 8MX N . 19.76 2.17 -1.00
C18 8MX N . 15.43 1.31 -2.63
O19 8MX N . 15.30 2.52 -2.72
C20 8MX N . 14.40 0.46 -2.99
C21 8MX N . 14.60 -0.91 -2.87
N22 8MX N . 15.75 -1.42 -2.40
C23 8MX N . 15.74 -2.86 -2.39
C24 8MX N . 15.02 -3.90 -3.25
C25 8MX N . 16.51 -3.71 -3.39
C26 8MX N . 13.08 0.96 -3.52
O27 8MX N . 12.96 2.15 -3.91
O28 8MX N . 12.11 0.17 -3.56
H011 8MX N . 18.81 -2.94 -2.17
H013 8MX N . 19.17 -2.65 -0.62
H012 8MX N . 17.73 -3.05 -0.99
H051 8MX N . 17.48 2.62 -1.88
H091 8MX N . 20.97 -2.42 -1.60
H092 8MX N . 20.96 -1.11 -2.56
H101 8MX N . 22.77 -0.70 -2.05
H111 8MX N . 24.23 -2.22 -1.27
H112 8MX N . 23.10 -3.13 -1.95
H122 8MX N . 22.18 -3.59 0.08
H121 8MX N . 23.74 -3.96 0.11
H132 8MX N . 23.28 -2.72 2.17
H131 8MX N . 24.19 -1.75 1.25
H141 8MX N . 21.41 -1.67 1.20
H151 8MX N . 23.24 0.14 0.11
H162 8MX N . 21.18 0.74 0.73
H161 8MX N . 21.69 1.01 -0.79
H211 8MX N . 13.87 -1.52 -3.13
H231 8MX N . 15.84 -3.19 -1.50
H241 8MX N . 14.75 -4.71 -2.78
H242 8MX N . 14.46 -3.55 -3.98
H252 8MX N . 17.08 -4.42 -3.00
H251 8MX N . 16.80 -3.25 -4.21
#